data_4CQF
#
_entry.id   4CQF
#
_cell.length_a   70.778
_cell.length_b   70.815
_cell.length_c   98.024
_cell.angle_alpha   77.79
_cell.angle_beta   75.45
_cell.angle_gamma   85.40
#
_symmetry.space_group_name_H-M   'P 1'
#
loop_
_entity.id
_entity.type
_entity.pdbx_description
1 polymer 'HISTONE DEACETYLASE 8'
2 non-polymer 'ZINC ION'
3 non-polymer 'POTASSIUM ION'
4 non-polymer 6-(2-Mercaptoacetylamino)-N-phenylhexanamide
5 non-polymer DIMETHYLFORMAMIDE
6 non-polymer GLYCEROL
7 water water
#
_entity_poly.entity_id   1
_entity_poly.type   'polypeptide(L)'
_entity_poly.pdbx_seq_one_letter_code
;MSVGIVYGDQYRQLCCSSPKFGDRYALVMDLINAYKLIPELSRVPPLQWDSPSRMYEAVTAFHSTEYVDALKKLQMLHCE
EKELTADDELLMDSFSLNYDCPGFPSVFDYSLAAVQGSLAAASALICRHCEVVINWGGGWHHAKRSEASGFCYLNDIVLA
IHRLVSSTPPETSPNRQTRVLYVDLDLHHGDGVEEAFWYSPRVVTFSVHHASPGFFPGTGTWNMVDNDKLPIFLNGAGRG
RFSAFNLPLEEGINDLDWSNAIGPILDSLNIVIQPSYVVVQCGADCLATDPHRIFRLTNFYPNLNLDSDCDSECSLSGYL
YAIKKILSWKVPTLILGGGGYNFPDTARLWTRVTALTIEEVKGKKMTISPEIPEHSYFSRYGPDFELDIDYFPHESHNKT
LDSIQKHHRRILEQLRNYADLNKLIYDYDQVYQLYNLTGMGSLVPR
;
_entity_poly.pdbx_strand_id   A,B,C,D
#
loop_
_chem_comp.id
_chem_comp.type
_chem_comp.name
_chem_comp.formula
9Z8 non-polymer 6-(2-Mercaptoacetylamino)-N-phenylhexanamide 'C14 H20 N2 O2 S'
DMF non-polymer DIMETHYLFORMAMIDE 'C3 H7 N O'
GOL non-polymer GLYCEROL 'C3 H8 O3'
K non-polymer 'POTASSIUM ION' 'K 1'
ZN non-polymer 'ZINC ION' 'Zn 2'
#
# COMPACT_ATOMS: atom_id res chain seq x y z
N SER A 2 -25.52 -19.25 -21.69
CA SER A 2 -24.24 -18.99 -22.33
C SER A 2 -23.11 -19.74 -21.64
N VAL A 3 -22.33 -20.52 -22.43
CA VAL A 3 -21.15 -21.25 -21.95
C VAL A 3 -19.92 -20.50 -22.48
N GLY A 4 -19.02 -20.15 -21.57
CA GLY A 4 -17.78 -19.43 -21.86
C GLY A 4 -16.58 -20.36 -21.88
N ILE A 5 -15.59 -20.02 -22.70
CA ILE A 5 -14.34 -20.77 -22.79
C ILE A 5 -13.21 -19.77 -22.89
N VAL A 6 -12.22 -19.91 -21.99
CA VAL A 6 -11.08 -19.00 -21.99
C VAL A 6 -10.14 -19.33 -23.14
N TYR A 7 -9.94 -18.37 -24.06
CA TYR A 7 -9.06 -18.54 -25.20
C TYR A 7 -8.51 -17.19 -25.66
N GLY A 8 -7.35 -17.24 -26.30
CA GLY A 8 -6.67 -16.10 -26.90
C GLY A 8 -5.44 -16.58 -27.62
N ASP A 9 -5.00 -15.82 -28.63
CA ASP A 9 -3.80 -16.20 -29.40
C ASP A 9 -2.54 -16.16 -28.57
N GLN A 10 -2.33 -15.08 -27.80
CA GLN A 10 -1.19 -14.96 -26.90
C GLN A 10 -1.34 -15.97 -25.75
N TYR A 11 -2.61 -16.18 -25.30
CA TYR A 11 -2.95 -17.11 -24.23
C TYR A 11 -2.56 -18.53 -24.60
N ARG A 12 -2.88 -18.95 -25.84
CA ARG A 12 -2.52 -20.28 -26.34
C ARG A 12 -0.98 -20.44 -26.40
N GLN A 13 -0.26 -19.43 -26.92
CA GLN A 13 1.22 -19.44 -27.01
C GLN A 13 1.84 -19.59 -25.61
N LEU A 14 1.32 -18.82 -24.63
CA LEU A 14 1.75 -18.86 -23.22
C LEU A 14 1.44 -20.17 -22.49
N CYS A 15 0.23 -20.72 -22.67
CA CYS A 15 -0.14 -22.01 -22.07
C CYS A 15 0.65 -23.17 -22.68
N CYS A 16 1.27 -22.95 -23.89
CA CYS A 16 2.07 -23.96 -24.60
C CYS A 16 3.58 -23.76 -24.44
N SER A 17 3.99 -22.80 -23.61
CA SER A 17 5.42 -22.48 -23.47
C SER A 17 6.20 -23.24 -22.39
N SER A 18 5.55 -24.11 -21.61
CA SER A 18 6.22 -24.84 -20.54
C SER A 18 6.81 -26.20 -20.98
N PRO A 19 7.98 -26.62 -20.41
CA PRO A 19 8.51 -27.95 -20.77
C PRO A 19 7.67 -29.12 -20.27
N LYS A 20 6.97 -28.96 -19.12
CA LYS A 20 6.12 -30.03 -18.55
C LYS A 20 4.84 -30.30 -19.37
N PHE A 21 4.06 -29.25 -19.65
CA PHE A 21 2.79 -29.40 -20.34
C PHE A 21 2.84 -29.29 -21.87
N GLY A 22 4.01 -28.94 -22.41
CA GLY A 22 4.24 -28.80 -23.85
C GLY A 22 3.10 -28.10 -24.57
N ASP A 23 2.59 -28.74 -25.64
CA ASP A 23 1.49 -28.24 -26.48
C ASP A 23 0.09 -28.78 -26.08
N ARG A 24 -0.06 -29.36 -24.87
CA ARG A 24 -1.33 -29.94 -24.39
C ARG A 24 -2.52 -29.02 -24.60
N TYR A 25 -2.38 -27.73 -24.19
CA TYR A 25 -3.42 -26.71 -24.32
C TYR A 25 -3.88 -26.58 -25.77
N ALA A 26 -2.91 -26.52 -26.72
CA ALA A 26 -3.16 -26.45 -28.16
C ALA A 26 -3.92 -27.70 -28.64
N LEU A 27 -3.59 -28.89 -28.13
CA LEU A 27 -4.29 -30.15 -28.50
C LEU A 27 -5.73 -30.13 -28.02
N VAL A 28 -5.95 -29.70 -26.76
CA VAL A 28 -7.29 -29.60 -26.17
C VAL A 28 -8.15 -28.66 -27.02
N MET A 29 -7.66 -27.41 -27.24
CA MET A 29 -8.38 -26.35 -27.94
C MET A 29 -8.64 -26.63 -29.39
N ASP A 30 -7.70 -27.32 -30.05
CA ASP A 30 -7.83 -27.71 -31.46
C ASP A 30 -8.74 -28.90 -31.67
N LEU A 31 -8.82 -29.84 -30.69
CA LEU A 31 -9.77 -30.96 -30.79
C LEU A 31 -11.21 -30.42 -30.64
N ILE A 32 -11.43 -29.49 -29.69
CA ILE A 32 -12.72 -28.82 -29.43
C ILE A 32 -13.17 -28.09 -30.70
N ASN A 33 -12.21 -27.38 -31.35
CA ASN A 33 -12.40 -26.63 -32.60
C ASN A 33 -12.66 -27.59 -33.78
N ALA A 34 -11.89 -28.71 -33.89
CA ALA A 34 -12.13 -29.71 -34.96
C ALA A 34 -13.53 -30.28 -34.83
N TYR A 35 -14.04 -30.49 -33.59
CA TYR A 35 -15.38 -30.99 -33.31
C TYR A 35 -16.55 -29.97 -33.50
N LYS A 36 -16.25 -28.78 -34.07
CA LYS A 36 -17.22 -27.69 -34.34
C LYS A 36 -17.94 -27.17 -33.07
N LEU A 37 -17.20 -27.09 -31.95
CA LEU A 37 -17.74 -26.64 -30.66
C LEU A 37 -17.57 -25.14 -30.42
N ILE A 38 -16.51 -24.53 -31.00
CA ILE A 38 -16.21 -23.10 -30.85
C ILE A 38 -17.44 -22.17 -31.14
N PRO A 39 -18.23 -22.35 -32.24
CA PRO A 39 -19.39 -21.47 -32.47
C PRO A 39 -20.49 -21.52 -31.39
N GLU A 40 -20.50 -22.61 -30.61
CA GLU A 40 -21.45 -22.85 -29.52
C GLU A 40 -21.00 -22.14 -28.22
N LEU A 41 -19.72 -21.83 -28.13
CA LEU A 41 -19.13 -21.21 -26.94
C LEU A 41 -18.85 -19.72 -27.09
N SER A 42 -18.85 -19.01 -25.96
CA SER A 42 -18.54 -17.59 -25.90
C SER A 42 -17.08 -17.48 -25.46
N ARG A 43 -16.20 -16.95 -26.32
CA ARG A 43 -14.79 -16.80 -25.98
C ARG A 43 -14.64 -15.75 -24.89
N VAL A 44 -14.08 -16.17 -23.74
CA VAL A 44 -13.79 -15.30 -22.61
C VAL A 44 -12.30 -14.92 -22.75
N PRO A 45 -11.99 -13.66 -23.15
CA PRO A 45 -10.58 -13.25 -23.25
C PRO A 45 -9.88 -13.18 -21.87
N PRO A 46 -8.58 -13.55 -21.77
CA PRO A 46 -7.88 -13.47 -20.46
C PRO A 46 -7.77 -12.04 -19.94
N LEU A 47 -7.82 -11.87 -18.61
CA LEU A 47 -7.72 -10.56 -17.96
C LEU A 47 -6.37 -9.94 -18.23
N GLN A 48 -6.34 -8.62 -18.39
CA GLN A 48 -5.15 -7.80 -18.57
C GLN A 48 -5.19 -6.64 -17.59
N TRP A 49 -4.01 -6.13 -17.17
CA TRP A 49 -3.95 -5.06 -16.16
C TRP A 49 -3.46 -3.70 -16.68
N ASP A 50 -4.02 -2.60 -16.13
CA ASP A 50 -3.70 -1.23 -16.54
C ASP A 50 -2.25 -0.81 -16.33
N SER A 51 -1.53 -1.55 -15.47
CA SER A 51 -0.14 -1.26 -15.11
C SER A 51 0.50 -2.48 -14.42
N PRO A 52 1.85 -2.51 -14.30
CA PRO A 52 2.51 -3.56 -13.47
C PRO A 52 2.00 -3.64 -12.01
N SER A 53 1.78 -2.47 -11.34
CA SER A 53 1.30 -2.37 -9.95
C SER A 53 -0.06 -3.04 -9.78
N ARG A 54 -0.94 -2.89 -10.76
CA ARG A 54 -2.28 -3.49 -10.78
C ARG A 54 -2.18 -5.01 -10.82
N MET A 55 -1.30 -5.53 -11.71
CA MET A 55 -1.03 -6.96 -11.86
C MET A 55 -0.52 -7.49 -10.52
N TYR A 56 0.49 -6.81 -9.91
CA TYR A 56 1.06 -7.17 -8.62
C TYR A 56 0.01 -7.22 -7.52
N GLU A 57 -0.87 -6.20 -7.45
CA GLU A 57 -1.97 -6.11 -6.49
C GLU A 57 -2.89 -7.35 -6.61
N ALA A 58 -3.21 -7.75 -7.85
CA ALA A 58 -4.06 -8.90 -8.16
C ALA A 58 -3.45 -10.23 -7.74
N VAL A 59 -2.17 -10.49 -8.08
CA VAL A 59 -1.48 -11.75 -7.74
C VAL A 59 -1.21 -11.83 -6.23
N THR A 60 -0.79 -10.70 -5.63
CA THR A 60 -0.52 -10.62 -4.18
C THR A 60 -1.77 -10.61 -3.28
N ALA A 61 -2.99 -10.74 -3.85
CA ALA A 61 -4.22 -10.92 -3.05
C ALA A 61 -4.08 -12.29 -2.35
N PHE A 62 -3.32 -13.25 -2.95
CA PHE A 62 -3.02 -14.56 -2.34
C PHE A 62 -1.52 -14.72 -2.10
N HIS A 63 -0.69 -14.52 -3.14
CA HIS A 63 0.75 -14.74 -3.08
C HIS A 63 1.55 -13.62 -2.43
N SER A 64 2.64 -13.96 -1.70
CA SER A 64 3.52 -12.97 -1.11
C SER A 64 4.27 -12.24 -2.22
N THR A 65 4.58 -10.96 -2.00
CA THR A 65 5.32 -10.11 -2.92
C THR A 65 6.70 -10.73 -3.27
N GLU A 66 7.45 -11.20 -2.22
CA GLU A 66 8.78 -11.81 -2.38
C GLU A 66 8.78 -13.05 -3.26
N TYR A 67 7.68 -13.84 -3.22
CA TYR A 67 7.52 -15.02 -4.08
C TYR A 67 7.29 -14.59 -5.55
N VAL A 68 6.37 -13.63 -5.78
CA VAL A 68 6.08 -13.07 -7.11
C VAL A 68 7.35 -12.44 -7.68
N ASP A 69 8.12 -11.65 -6.84
CA ASP A 69 9.42 -11.07 -7.23
C ASP A 69 10.41 -12.15 -7.67
N ALA A 70 10.56 -13.24 -6.87
CA ALA A 70 11.48 -14.37 -7.15
C ALA A 70 11.10 -15.09 -8.46
N LEU A 71 9.80 -15.33 -8.71
CA LEU A 71 9.26 -15.96 -9.92
C LEU A 71 9.48 -15.11 -11.16
N LYS A 72 9.39 -13.78 -11.04
CA LYS A 72 9.68 -12.85 -12.13
C LYS A 72 11.19 -12.79 -12.37
N LYS A 73 12.01 -12.76 -11.29
CA LYS A 73 13.48 -12.74 -11.41
C LYS A 73 13.94 -14.07 -12.08
N LEU A 74 13.31 -15.21 -11.73
CA LEU A 74 13.59 -16.52 -12.33
C LEU A 74 13.38 -16.50 -13.87
N GLN A 75 12.28 -15.87 -14.35
CA GLN A 75 12.03 -15.70 -15.79
C GLN A 75 13.15 -14.90 -16.45
N MET A 76 13.47 -13.71 -15.87
CA MET A 76 14.56 -12.82 -16.31
C MET A 76 15.89 -13.59 -16.44
N LEU A 77 16.24 -14.40 -15.42
CA LEU A 77 17.51 -15.16 -15.39
C LEU A 77 17.53 -16.27 -16.43
N HIS A 78 16.36 -16.88 -16.70
CA HIS A 78 16.23 -17.92 -17.72
C HIS A 78 16.15 -17.35 -19.14
N CYS A 79 16.08 -16.01 -19.28
CA CYS A 79 16.10 -15.32 -20.56
C CYS A 79 17.51 -14.86 -20.94
N GLU A 80 18.48 -15.11 -20.04
CA GLU A 80 19.91 -14.85 -20.20
C GLU A 80 20.61 -16.22 -20.28
N GLU A 81 21.73 -16.28 -21.01
CA GLU A 81 22.56 -17.47 -21.23
C GLU A 81 23.30 -17.91 -19.96
N LYS A 82 23.87 -16.93 -19.21
CA LYS A 82 24.64 -17.12 -17.97
C LYS A 82 23.92 -18.01 -16.97
N GLU A 83 24.67 -18.90 -16.30
CA GLU A 83 24.08 -19.77 -15.28
C GLU A 83 23.79 -18.95 -14.01
N LEU A 84 22.97 -19.48 -13.11
CA LEU A 84 22.59 -18.79 -11.87
C LEU A 84 23.74 -18.72 -10.86
N THR A 85 23.81 -17.62 -10.11
CA THR A 85 24.77 -17.45 -9.02
C THR A 85 24.34 -18.41 -7.89
N ALA A 86 25.23 -18.72 -6.96
CA ALA A 86 24.93 -19.58 -5.82
C ALA A 86 23.79 -18.92 -4.98
N ASP A 87 23.81 -17.56 -4.86
CA ASP A 87 22.80 -16.76 -4.14
C ASP A 87 21.42 -16.84 -4.77
N ASP A 88 21.36 -16.79 -6.12
CA ASP A 88 20.09 -16.91 -6.84
C ASP A 88 19.53 -18.32 -6.74
N GLU A 89 20.42 -19.36 -6.71
CA GLU A 89 19.98 -20.74 -6.52
C GLU A 89 19.32 -20.92 -5.14
N LEU A 90 19.93 -20.39 -4.06
CA LEU A 90 19.41 -20.43 -2.70
C LEU A 90 18.07 -19.72 -2.60
N LEU A 91 17.98 -18.51 -3.16
CA LEU A 91 16.76 -17.70 -3.21
C LEU A 91 15.61 -18.50 -3.84
N MET A 92 15.85 -19.15 -5.02
CA MET A 92 14.85 -19.98 -5.70
C MET A 92 14.45 -21.22 -4.87
N ASP A 93 15.44 -21.87 -4.25
CA ASP A 93 15.24 -23.02 -3.37
C ASP A 93 14.32 -22.67 -2.19
N SER A 94 14.35 -21.40 -1.73
CA SER A 94 13.51 -20.91 -0.59
C SER A 94 12.03 -20.74 -0.93
N PHE A 95 11.70 -20.76 -2.25
CA PHE A 95 10.35 -20.66 -2.79
C PHE A 95 9.95 -21.97 -3.49
N SER A 96 10.82 -22.98 -3.38
CA SER A 96 10.66 -24.28 -4.00
C SER A 96 10.56 -24.12 -5.57
N LEU A 97 11.31 -23.13 -6.10
CA LEU A 97 11.39 -22.88 -7.53
C LEU A 97 12.58 -23.69 -8.07
N ASN A 98 12.40 -25.01 -7.99
CA ASN A 98 13.36 -26.05 -8.36
C ASN A 98 12.60 -27.38 -8.59
N TYR A 99 13.34 -28.43 -9.00
CA TYR A 99 12.83 -29.79 -9.19
C TYR A 99 11.64 -29.86 -10.14
N ASP A 100 10.43 -30.11 -9.63
CA ASP A 100 9.18 -30.18 -10.42
C ASP A 100 8.74 -28.83 -10.97
N CYS A 101 9.23 -27.74 -10.34
CA CYS A 101 8.94 -26.35 -10.69
C CYS A 101 10.21 -25.58 -11.07
N PRO A 102 10.95 -25.99 -12.11
CA PRO A 102 12.17 -25.25 -12.46
C PRO A 102 11.82 -23.97 -13.19
N GLY A 103 12.83 -23.14 -13.43
CA GLY A 103 12.66 -21.98 -14.29
C GLY A 103 12.75 -22.41 -15.74
N PHE A 104 12.31 -21.54 -16.62
CA PHE A 104 12.39 -21.71 -18.07
C PHE A 104 12.17 -20.32 -18.65
N PRO A 105 12.51 -20.03 -19.93
CA PRO A 105 12.38 -18.64 -20.40
C PRO A 105 11.07 -17.89 -20.20
N SER A 106 9.93 -18.59 -20.13
CA SER A 106 8.62 -17.92 -19.97
C SER A 106 7.86 -18.29 -18.67
N VAL A 107 8.57 -18.85 -17.67
CA VAL A 107 7.97 -19.29 -16.41
C VAL A 107 6.94 -18.34 -15.77
N PHE A 108 7.26 -17.04 -15.67
CA PHE A 108 6.33 -16.06 -15.09
C PHE A 108 5.10 -15.80 -16.00
N ASP A 109 5.32 -15.56 -17.32
CA ASP A 109 4.22 -15.33 -18.29
C ASP A 109 3.28 -16.51 -18.38
N TYR A 110 3.86 -17.72 -18.43
CA TYR A 110 3.14 -18.99 -18.44
C TYR A 110 2.23 -19.12 -17.20
N SER A 111 2.77 -18.88 -15.99
CA SER A 111 1.96 -19.03 -14.79
C SER A 111 0.93 -17.93 -14.54
N LEU A 112 1.27 -16.68 -14.92
CA LEU A 112 0.37 -15.52 -14.80
C LEU A 112 -0.81 -15.67 -15.77
N ALA A 113 -0.57 -16.25 -16.97
CA ALA A 113 -1.59 -16.48 -18.01
C ALA A 113 -2.78 -17.23 -17.44
N ALA A 114 -2.53 -18.29 -16.66
CA ALA A 114 -3.56 -19.11 -16.03
C ALA A 114 -4.44 -18.31 -15.06
N VAL A 115 -3.80 -17.40 -14.26
CA VAL A 115 -4.43 -16.44 -13.33
C VAL A 115 -5.29 -15.50 -14.18
N GLN A 116 -4.71 -14.92 -15.26
CA GLN A 116 -5.43 -14.04 -16.19
C GLN A 116 -6.70 -14.71 -16.71
N GLY A 117 -6.60 -15.99 -17.07
CA GLY A 117 -7.73 -16.76 -17.57
C GLY A 117 -8.79 -17.11 -16.53
N SER A 118 -8.38 -17.56 -15.35
CA SER A 118 -9.37 -17.90 -14.33
C SER A 118 -10.04 -16.68 -13.68
N LEU A 119 -9.34 -15.52 -13.64
CA LEU A 119 -9.91 -14.27 -13.14
C LEU A 119 -10.92 -13.72 -14.12
N ALA A 120 -10.61 -13.78 -15.43
CA ALA A 120 -11.54 -13.35 -16.49
C ALA A 120 -12.76 -14.28 -16.50
N ALA A 121 -12.53 -15.58 -16.25
CA ALA A 121 -13.61 -16.59 -16.17
C ALA A 121 -14.54 -16.29 -14.97
N ALA A 122 -13.95 -15.95 -13.80
CA ALA A 122 -14.76 -15.62 -12.61
C ALA A 122 -15.57 -14.36 -12.90
N SER A 123 -14.98 -13.34 -13.58
CA SER A 123 -15.67 -12.08 -13.93
C SER A 123 -16.86 -12.28 -14.85
N ALA A 124 -16.71 -13.13 -15.90
CA ALA A 124 -17.80 -13.42 -16.84
C ALA A 124 -18.99 -14.07 -16.11
N LEU A 125 -18.73 -14.81 -14.98
CA LEU A 125 -19.78 -15.41 -14.15
C LEU A 125 -20.44 -14.31 -13.28
N ILE A 126 -19.61 -13.44 -12.63
CA ILE A 126 -20.09 -12.35 -11.77
C ILE A 126 -21.06 -11.41 -12.54
N CYS A 127 -20.65 -10.89 -13.72
CA CYS A 127 -21.49 -9.98 -14.51
C CYS A 127 -22.68 -10.71 -15.20
N ARG A 128 -22.82 -12.03 -14.94
CA ARG A 128 -23.87 -12.90 -15.49
C ARG A 128 -23.84 -13.03 -17.03
N HIS A 129 -22.69 -12.70 -17.67
CA HIS A 129 -22.54 -12.86 -19.12
C HIS A 129 -22.55 -14.34 -19.52
N CYS A 130 -21.97 -15.20 -18.66
CA CYS A 130 -21.88 -16.64 -18.86
C CYS A 130 -22.47 -17.37 -17.64
N GLU A 131 -23.21 -18.46 -17.89
CA GLU A 131 -23.78 -19.31 -16.84
C GLU A 131 -22.70 -20.25 -16.31
N VAL A 132 -21.77 -20.68 -17.20
CA VAL A 132 -20.61 -21.55 -16.96
C VAL A 132 -19.42 -21.03 -17.79
N VAL A 133 -18.20 -21.06 -17.22
CA VAL A 133 -16.97 -20.71 -17.92
C VAL A 133 -15.96 -21.85 -17.73
N ILE A 134 -15.33 -22.26 -18.85
CA ILE A 134 -14.30 -23.30 -18.91
C ILE A 134 -12.90 -22.66 -19.14
N ASN A 135 -11.91 -23.10 -18.36
CA ASN A 135 -10.53 -22.69 -18.57
C ASN A 135 -9.63 -23.90 -18.48
N TRP A 136 -9.33 -24.53 -19.66
CA TRP A 136 -8.45 -25.70 -19.73
C TRP A 136 -6.95 -25.34 -19.55
N GLY A 137 -6.64 -24.04 -19.45
CA GLY A 137 -5.30 -23.52 -19.19
C GLY A 137 -5.09 -23.27 -17.71
N GLY A 138 -6.14 -23.44 -16.91
CA GLY A 138 -6.13 -23.21 -15.47
C GLY A 138 -6.30 -24.49 -14.65
N GLY A 139 -6.34 -24.34 -13.33
CA GLY A 139 -6.52 -25.43 -12.38
C GLY A 139 -5.27 -25.85 -11.64
N TRP A 140 -4.44 -24.86 -11.24
CA TRP A 140 -3.13 -25.11 -10.60
C TRP A 140 -3.19 -25.15 -9.07
N HIS A 141 -3.93 -26.17 -8.59
CA HIS A 141 -4.38 -26.44 -7.23
C HIS A 141 -3.34 -26.56 -6.12
N HIS A 142 -2.08 -26.89 -6.46
CA HIS A 142 -1.02 -27.09 -5.47
C HIS A 142 -0.23 -25.86 -5.09
N ALA A 143 -0.29 -24.74 -5.90
CA ALA A 143 0.51 -23.55 -5.55
C ALA A 143 0.10 -22.91 -4.20
N LYS A 144 1.09 -22.58 -3.35
CA LYS A 144 0.89 -21.94 -2.05
C LYS A 144 1.30 -20.48 -2.14
N ARG A 145 0.94 -19.70 -1.10
CA ARG A 145 1.23 -18.27 -0.93
C ARG A 145 2.68 -17.89 -1.36
N SER A 146 3.67 -18.63 -0.86
CA SER A 146 5.10 -18.40 -1.10
C SER A 146 5.81 -19.66 -1.55
N GLU A 147 5.12 -20.53 -2.29
CA GLU A 147 5.74 -21.79 -2.69
C GLU A 147 5.13 -22.46 -3.90
N ALA A 148 5.99 -22.73 -4.89
CA ALA A 148 5.65 -23.48 -6.10
C ALA A 148 5.55 -24.95 -5.65
N SER A 149 4.56 -25.70 -6.15
CA SER A 149 4.38 -27.09 -5.74
C SER A 149 3.63 -27.88 -6.81
N GLY A 150 3.99 -29.15 -6.94
CA GLY A 150 3.35 -30.07 -7.88
C GLY A 150 3.08 -29.53 -9.27
N PHE A 151 4.08 -28.86 -9.85
CA PHE A 151 4.02 -28.25 -11.19
C PHE A 151 3.17 -26.96 -11.26
N CYS A 152 2.76 -26.46 -10.10
CA CYS A 152 1.94 -25.25 -9.99
C CYS A 152 2.78 -24.14 -9.37
N TYR A 153 2.88 -23.00 -10.05
CA TYR A 153 3.60 -21.81 -9.58
C TYR A 153 2.66 -20.77 -8.94
N LEU A 154 1.59 -20.39 -9.67
CA LEU A 154 0.61 -19.40 -9.19
C LEU A 154 -0.78 -20.06 -9.11
N ASN A 155 -1.45 -19.96 -7.93
CA ASN A 155 -2.74 -20.60 -7.74
C ASN A 155 -3.88 -19.77 -8.31
N ASP A 156 -4.17 -20.03 -9.61
CA ASP A 156 -5.23 -19.35 -10.36
C ASP A 156 -6.61 -19.66 -9.76
N ILE A 157 -6.78 -20.87 -9.15
CA ILE A 157 -8.05 -21.28 -8.52
C ILE A 157 -8.36 -20.41 -7.31
N VAL A 158 -7.39 -20.28 -6.38
CA VAL A 158 -7.51 -19.46 -5.16
C VAL A 158 -7.86 -18.03 -5.55
N LEU A 159 -7.20 -17.49 -6.59
CA LEU A 159 -7.48 -16.11 -7.03
C LEU A 159 -8.87 -15.96 -7.62
N ALA A 160 -9.30 -16.88 -8.54
CA ALA A 160 -10.66 -16.92 -9.10
C ALA A 160 -11.69 -16.99 -7.96
N ILE A 161 -11.50 -17.91 -6.97
CA ILE A 161 -12.40 -18.07 -5.80
C ILE A 161 -12.44 -16.80 -4.98
N HIS A 162 -11.28 -16.15 -4.73
CA HIS A 162 -11.23 -14.90 -3.98
C HIS A 162 -12.08 -13.83 -4.67
N ARG A 163 -11.95 -13.68 -6.01
CA ARG A 163 -12.75 -12.74 -6.82
C ARG A 163 -14.26 -13.07 -6.70
N LEU A 164 -14.61 -14.37 -6.62
CA LEU A 164 -16.02 -14.80 -6.50
C LEU A 164 -16.65 -14.49 -5.13
N VAL A 165 -15.94 -14.83 -4.01
CA VAL A 165 -16.44 -14.56 -2.65
C VAL A 165 -16.52 -13.08 -2.35
N SER A 166 -15.54 -12.32 -2.81
CA SER A 166 -15.44 -10.87 -2.59
C SER A 166 -16.38 -10.04 -3.48
N SER A 167 -17.17 -10.71 -4.36
CA SER A 167 -18.11 -10.08 -5.29
C SER A 167 -19.39 -9.59 -4.60
N GLN A 177 -25.12 -13.79 1.90
CA GLN A 177 -23.68 -14.12 1.92
C GLN A 177 -23.29 -14.98 0.72
N THR A 178 -22.16 -14.64 0.07
CA THR A 178 -21.65 -15.40 -1.07
C THR A 178 -20.91 -16.63 -0.54
N ARG A 179 -21.27 -17.83 -1.07
CA ARG A 179 -20.64 -19.09 -0.72
C ARG A 179 -20.16 -19.80 -1.99
N VAL A 180 -18.94 -20.32 -1.94
CA VAL A 180 -18.35 -21.03 -3.08
C VAL A 180 -18.10 -22.48 -2.68
N LEU A 181 -18.55 -23.42 -3.55
CA LEU A 181 -18.25 -24.83 -3.36
C LEU A 181 -17.17 -25.17 -4.38
N TYR A 182 -16.01 -25.57 -3.88
CA TYR A 182 -14.89 -25.96 -4.72
C TYR A 182 -14.81 -27.48 -4.77
N VAL A 183 -14.86 -28.05 -5.98
CA VAL A 183 -14.82 -29.50 -6.21
C VAL A 183 -13.54 -29.83 -6.96
N ASP A 184 -12.68 -30.69 -6.40
CA ASP A 184 -11.40 -31.03 -7.03
C ASP A 184 -11.37 -32.51 -7.45
N LEU A 185 -11.51 -32.77 -8.76
CA LEU A 185 -11.58 -34.14 -9.29
C LEU A 185 -10.25 -34.75 -9.70
N ASP A 186 -9.18 -33.97 -9.63
CA ASP A 186 -7.82 -34.38 -9.96
C ASP A 186 -7.37 -35.62 -9.14
N LEU A 187 -6.41 -36.41 -9.65
CA LEU A 187 -5.86 -37.58 -8.95
C LEU A 187 -5.16 -37.17 -7.65
N HIS A 188 -4.64 -35.93 -7.63
CA HIS A 188 -3.92 -35.41 -6.47
C HIS A 188 -4.80 -34.54 -5.61
N HIS A 189 -4.53 -34.58 -4.30
CA HIS A 189 -5.21 -33.77 -3.29
C HIS A 189 -5.06 -32.27 -3.61
N GLY A 190 -6.17 -31.53 -3.57
CA GLY A 190 -6.17 -30.10 -3.81
C GLY A 190 -5.80 -29.35 -2.56
N ASP A 191 -4.54 -29.47 -2.13
CA ASP A 191 -3.97 -28.87 -0.92
C ASP A 191 -3.86 -27.35 -0.90
N GLY A 192 -3.36 -26.73 -1.98
CA GLY A 192 -3.19 -25.27 -2.05
C GLY A 192 -4.50 -24.53 -1.81
N VAL A 193 -5.56 -24.95 -2.52
CA VAL A 193 -6.89 -24.37 -2.40
C VAL A 193 -7.46 -24.62 -1.01
N GLU A 194 -7.34 -25.89 -0.53
CA GLU A 194 -7.82 -26.26 0.80
C GLU A 194 -7.21 -25.38 1.90
N GLU A 195 -5.88 -25.21 1.86
CA GLU A 195 -5.10 -24.44 2.84
C GLU A 195 -5.43 -22.94 2.80
N ALA A 196 -5.60 -22.38 1.57
CA ALA A 196 -5.96 -20.98 1.40
C ALA A 196 -7.27 -20.60 2.10
N PHE A 197 -8.26 -21.53 2.11
CA PHE A 197 -9.58 -21.29 2.68
C PHE A 197 -9.88 -22.12 3.92
N TRP A 198 -8.83 -22.66 4.54
CA TRP A 198 -8.82 -23.49 5.76
C TRP A 198 -9.55 -22.84 6.95
N TYR A 199 -9.51 -21.50 7.05
CA TYR A 199 -10.11 -20.76 8.16
C TYR A 199 -11.43 -20.03 7.77
N SER A 200 -11.88 -20.22 6.52
CA SER A 200 -13.08 -19.56 6.03
C SER A 200 -14.21 -20.52 5.69
N PRO A 201 -15.36 -20.34 6.38
CA PRO A 201 -16.51 -21.23 6.13
C PRO A 201 -17.21 -21.01 4.80
N ARG A 202 -17.04 -19.82 4.20
CA ARG A 202 -17.69 -19.38 2.95
C ARG A 202 -17.22 -20.13 1.69
N VAL A 203 -15.99 -20.64 1.74
CA VAL A 203 -15.42 -21.45 0.68
C VAL A 203 -15.30 -22.88 1.21
N VAL A 204 -16.24 -23.74 0.82
CA VAL A 204 -16.21 -25.15 1.20
C VAL A 204 -15.44 -25.86 0.09
N THR A 205 -14.37 -26.58 0.48
CA THR A 205 -13.53 -27.29 -0.49
C THR A 205 -13.79 -28.75 -0.35
N PHE A 206 -13.82 -29.47 -1.48
CA PHE A 206 -14.05 -30.90 -1.52
C PHE A 206 -13.13 -31.52 -2.54
N SER A 207 -12.24 -32.39 -2.06
CA SER A 207 -11.29 -33.05 -2.92
C SER A 207 -11.40 -34.55 -2.78
N VAL A 208 -11.51 -35.20 -3.93
CA VAL A 208 -11.49 -36.66 -4.10
C VAL A 208 -10.17 -36.94 -4.82
N HIS A 209 -9.41 -37.92 -4.30
CA HIS A 209 -8.07 -38.15 -4.85
C HIS A 209 -7.50 -39.47 -4.42
N HIS A 210 -6.38 -39.84 -5.04
CA HIS A 210 -5.62 -40.98 -4.54
C HIS A 210 -4.76 -40.47 -3.37
N ALA A 211 -4.59 -41.31 -2.36
CA ALA A 211 -3.71 -41.07 -1.22
C ALA A 211 -3.10 -42.42 -0.82
N SER A 212 -1.77 -42.50 -0.75
CA SER A 212 -1.04 -43.71 -0.37
C SER A 212 0.31 -43.28 0.22
N PRO A 213 1.04 -44.14 0.98
CA PRO A 213 2.35 -43.69 1.52
C PRO A 213 3.37 -43.34 0.43
N GLY A 214 3.93 -42.13 0.55
CA GLY A 214 4.92 -41.59 -0.39
C GLY A 214 4.37 -40.95 -1.66
N PHE A 215 3.02 -40.85 -1.77
CA PHE A 215 2.34 -40.30 -2.95
C PHE A 215 1.99 -38.85 -2.69
N PHE A 216 2.34 -37.98 -3.63
CA PHE A 216 2.14 -36.54 -3.56
C PHE A 216 0.68 -36.12 -3.38
N PRO A 217 0.37 -35.10 -2.50
CA PRO A 217 1.27 -34.39 -1.58
C PRO A 217 1.35 -35.00 -0.17
N GLY A 218 0.55 -36.03 0.11
CA GLY A 218 0.51 -36.69 1.42
C GLY A 218 -0.66 -36.26 2.27
N THR A 219 -1.31 -35.14 1.88
CA THR A 219 -2.47 -34.63 2.62
C THR A 219 -3.80 -35.19 2.04
N GLY A 220 -4.94 -34.75 2.59
CA GLY A 220 -6.28 -35.17 2.17
C GLY A 220 -6.62 -36.58 2.60
N THR A 221 -6.06 -37.00 3.75
CA THR A 221 -6.24 -38.31 4.38
C THR A 221 -5.91 -38.21 5.86
N TRP A 222 -5.99 -39.33 6.60
CA TRP A 222 -5.68 -39.40 8.05
C TRP A 222 -4.27 -38.89 8.35
N ASN A 223 -4.14 -37.98 9.31
CA ASN A 223 -2.84 -37.39 9.70
C ASN A 223 -2.29 -37.92 11.01
N MET A 224 -0.95 -38.08 11.08
CA MET A 224 -0.14 -38.60 12.20
C MET A 224 -0.82 -39.63 13.13
N ILE A 232 -5.58 -38.63 12.89
CA ILE A 232 -6.93 -38.06 12.69
C ILE A 232 -7.11 -37.36 11.34
N PHE A 233 -8.37 -37.14 10.94
CA PHE A 233 -8.74 -36.44 9.71
C PHE A 233 -9.00 -34.94 9.97
N LEU A 234 -8.08 -34.06 9.56
CA LEU A 234 -8.23 -32.61 9.71
C LEU A 234 -9.27 -32.07 8.71
N ASN A 235 -10.07 -31.05 9.10
CA ASN A 235 -11.15 -30.55 8.24
C ASN A 235 -11.44 -29.02 8.23
N GLY A 236 -10.44 -28.24 8.59
CA GLY A 236 -10.58 -26.79 8.69
C GLY A 236 -10.36 -26.38 10.12
N ALA A 237 -10.06 -25.11 10.35
CA ALA A 237 -9.79 -24.62 11.71
C ALA A 237 -10.45 -23.27 11.89
N GLY A 238 -10.70 -22.89 13.14
CA GLY A 238 -11.38 -21.65 13.48
C GLY A 238 -12.83 -21.70 13.04
N ARG A 239 -13.30 -20.60 12.42
CA ARG A 239 -14.67 -20.48 11.90
C ARG A 239 -14.83 -21.33 10.63
N GLY A 240 -13.70 -21.85 10.13
CA GLY A 240 -13.62 -22.74 8.98
C GLY A 240 -13.66 -24.21 9.35
N ARG A 241 -13.80 -24.56 10.64
CA ARG A 241 -13.84 -25.96 11.08
C ARG A 241 -14.97 -26.71 10.37
N PHE A 242 -14.69 -27.93 9.88
CA PHE A 242 -15.62 -28.79 9.13
C PHE A 242 -15.90 -28.30 7.68
N SER A 243 -15.11 -27.33 7.18
CA SER A 243 -15.32 -26.74 5.85
C SER A 243 -14.41 -27.26 4.72
N ALA A 244 -13.47 -28.16 5.06
CA ALA A 244 -12.55 -28.82 4.11
C ALA A 244 -12.89 -30.30 4.13
N PHE A 245 -13.39 -30.81 2.99
CA PHE A 245 -13.84 -32.19 2.82
C PHE A 245 -12.86 -32.96 1.97
N ASN A 246 -12.64 -34.24 2.33
CA ASN A 246 -11.71 -35.10 1.61
C ASN A 246 -12.18 -36.55 1.52
N LEU A 247 -11.98 -37.14 0.33
CA LEU A 247 -12.26 -38.55 0.04
C LEU A 247 -10.98 -39.18 -0.56
N PRO A 248 -10.10 -39.76 0.29
CA PRO A 248 -8.92 -40.44 -0.25
C PRO A 248 -9.32 -41.83 -0.78
N LEU A 249 -8.87 -42.17 -1.99
CA LEU A 249 -9.22 -43.46 -2.58
C LEU A 249 -8.02 -44.33 -2.90
N GLU A 250 -8.21 -45.65 -2.77
CA GLU A 250 -7.24 -46.69 -3.10
C GLU A 250 -7.08 -46.71 -4.64
N GLU A 251 -5.91 -47.17 -5.13
CA GLU A 251 -5.65 -47.31 -6.56
C GLU A 251 -6.54 -48.38 -7.17
N GLY A 252 -6.82 -48.23 -8.47
CA GLY A 252 -7.61 -49.17 -9.27
C GLY A 252 -9.09 -48.90 -9.40
N ILE A 253 -9.59 -47.79 -8.83
CA ILE A 253 -11.02 -47.47 -8.87
C ILE A 253 -11.51 -47.21 -10.31
N ASN A 254 -12.63 -47.86 -10.70
CA ASN A 254 -13.25 -47.71 -12.03
C ASN A 254 -14.25 -46.56 -12.01
N ASP A 255 -14.89 -46.27 -13.17
CA ASP A 255 -15.86 -45.20 -13.33
C ASP A 255 -17.05 -45.28 -12.39
N LEU A 256 -17.68 -46.47 -12.29
CA LEU A 256 -18.88 -46.71 -11.48
C LEU A 256 -18.65 -46.55 -9.98
N ASP A 257 -17.59 -47.17 -9.43
CA ASP A 257 -17.27 -47.09 -8.00
C ASP A 257 -16.86 -45.68 -7.58
N TRP A 258 -16.13 -44.98 -8.45
CA TRP A 258 -15.69 -43.61 -8.20
C TRP A 258 -16.91 -42.67 -8.20
N SER A 259 -17.86 -42.89 -9.13
CA SER A 259 -19.10 -42.12 -9.28
C SER A 259 -20.01 -42.31 -8.06
N ASN A 260 -20.13 -43.56 -7.58
CA ASN A 260 -20.94 -43.92 -6.42
C ASN A 260 -20.34 -43.38 -5.14
N ALA A 261 -19.00 -43.25 -5.11
CA ALA A 261 -18.25 -42.73 -3.98
C ALA A 261 -18.48 -41.21 -3.85
N ILE A 262 -18.38 -40.47 -4.96
CA ILE A 262 -18.50 -39.00 -5.04
C ILE A 262 -19.92 -38.43 -5.13
N GLY A 263 -20.83 -39.13 -5.84
CA GLY A 263 -22.21 -38.71 -6.12
C GLY A 263 -23.03 -38.22 -4.93
N PRO A 264 -23.31 -39.11 -3.94
CA PRO A 264 -24.05 -38.67 -2.73
C PRO A 264 -23.38 -37.51 -1.99
N ILE A 265 -22.02 -37.48 -2.00
CA ILE A 265 -21.25 -36.41 -1.37
C ILE A 265 -21.55 -35.08 -2.13
N LEU A 266 -21.44 -35.08 -3.48
CA LEU A 266 -21.67 -33.89 -4.29
C LEU A 266 -23.05 -33.29 -4.04
N ASP A 267 -24.11 -34.12 -4.11
CA ASP A 267 -25.51 -33.75 -3.91
C ASP A 267 -25.79 -33.19 -2.52
N SER A 268 -25.22 -33.83 -1.48
CA SER A 268 -25.36 -33.42 -0.09
C SER A 268 -24.71 -32.06 0.16
N LEU A 269 -23.50 -31.83 -0.41
CA LEU A 269 -22.81 -30.53 -0.28
C LEU A 269 -23.65 -29.39 -0.89
N ASN A 270 -24.26 -29.61 -2.07
CA ASN A 270 -25.14 -28.65 -2.74
C ASN A 270 -26.38 -28.30 -1.86
N ILE A 271 -27.09 -29.32 -1.34
CA ILE A 271 -28.29 -29.16 -0.51
C ILE A 271 -27.98 -28.29 0.75
N VAL A 272 -26.92 -28.63 1.47
CA VAL A 272 -26.50 -27.98 2.71
C VAL A 272 -25.87 -26.60 2.49
N ILE A 273 -24.83 -26.54 1.66
CA ILE A 273 -24.15 -25.27 1.40
C ILE A 273 -24.96 -24.26 0.57
N GLN A 274 -25.76 -24.73 -0.43
CA GLN A 274 -26.53 -23.88 -1.35
C GLN A 274 -25.54 -22.84 -1.94
N PRO A 275 -24.44 -23.30 -2.62
CA PRO A 275 -23.43 -22.35 -3.10
C PRO A 275 -23.95 -21.39 -4.14
N SER A 276 -23.35 -20.18 -4.18
CA SER A 276 -23.60 -19.09 -5.12
C SER A 276 -22.82 -19.41 -6.39
N TYR A 277 -21.65 -20.07 -6.24
CA TYR A 277 -20.78 -20.50 -7.34
C TYR A 277 -20.19 -21.85 -7.05
N VAL A 278 -19.95 -22.62 -8.11
CA VAL A 278 -19.24 -23.89 -8.03
C VAL A 278 -17.96 -23.70 -8.86
N VAL A 279 -16.80 -24.10 -8.29
CA VAL A 279 -15.51 -24.08 -8.98
C VAL A 279 -15.03 -25.52 -9.05
N VAL A 280 -14.89 -26.06 -10.26
CA VAL A 280 -14.51 -27.45 -10.49
C VAL A 280 -13.14 -27.59 -11.14
N GLN A 281 -12.16 -28.14 -10.39
CA GLN A 281 -10.86 -28.47 -10.98
C GLN A 281 -11.06 -29.88 -11.54
N CYS A 282 -10.82 -30.04 -12.84
CA CYS A 282 -11.08 -31.28 -13.58
C CYS A 282 -9.79 -31.93 -14.15
N GLY A 283 -8.79 -32.16 -13.30
CA GLY A 283 -7.52 -32.76 -13.68
C GLY A 283 -7.72 -34.14 -14.26
N ALA A 284 -7.19 -34.36 -15.49
CA ALA A 284 -7.37 -35.59 -16.26
C ALA A 284 -6.44 -36.73 -15.90
N ASP A 285 -5.70 -36.64 -14.77
CA ASP A 285 -4.79 -37.70 -14.33
C ASP A 285 -5.42 -38.93 -13.72
N CYS A 286 -6.77 -38.92 -13.53
CA CYS A 286 -7.55 -40.08 -13.06
C CYS A 286 -7.81 -41.07 -14.20
N LEU A 287 -7.57 -40.65 -15.45
CA LEU A 287 -7.78 -41.52 -16.62
C LEU A 287 -6.93 -42.80 -16.54
N ALA A 288 -7.48 -43.94 -17.00
CA ALA A 288 -6.83 -45.25 -16.98
C ALA A 288 -5.55 -45.24 -17.82
N THR A 289 -5.52 -44.39 -18.84
CA THR A 289 -4.43 -44.26 -19.80
C THR A 289 -3.42 -43.17 -19.40
N ASP A 290 -3.59 -42.57 -18.22
CA ASP A 290 -2.63 -41.58 -17.77
C ASP A 290 -1.35 -42.31 -17.33
N PRO A 291 -0.13 -41.79 -17.64
CA PRO A 291 1.11 -42.49 -17.20
C PRO A 291 1.23 -42.81 -15.69
N HIS A 292 0.36 -42.23 -14.81
CA HIS A 292 0.33 -42.53 -13.37
C HIS A 292 -0.16 -43.96 -13.13
N ARG A 293 -1.18 -44.38 -13.92
CA ARG A 293 -1.81 -45.72 -13.87
C ARG A 293 -2.28 -46.08 -12.46
N ILE A 294 -3.00 -45.12 -11.84
CA ILE A 294 -3.56 -45.25 -10.48
C ILE A 294 -5.07 -45.51 -10.51
N PHE A 295 -5.86 -44.56 -11.06
CA PHE A 295 -7.32 -44.70 -11.20
C PHE A 295 -7.65 -45.22 -12.60
N ARG A 296 -8.86 -45.84 -12.77
CA ARG A 296 -9.30 -46.46 -14.03
C ARG A 296 -10.49 -45.73 -14.69
N LEU A 297 -10.48 -44.41 -14.57
CA LEU A 297 -11.52 -43.59 -15.14
C LEU A 297 -11.39 -43.48 -16.68
N THR A 298 -12.52 -43.27 -17.35
CA THR A 298 -12.55 -43.14 -18.81
C THR A 298 -13.16 -41.78 -19.17
N ASN A 299 -13.35 -41.56 -20.48
CA ASN A 299 -14.05 -40.41 -21.03
C ASN A 299 -15.29 -40.96 -21.77
N PHE A 300 -15.72 -42.20 -21.44
CA PHE A 300 -16.85 -42.85 -22.13
C PHE A 300 -18.22 -42.20 -21.81
N TYR A 301 -19.03 -41.95 -22.87
CA TYR A 301 -20.38 -41.37 -22.77
C TYR A 301 -21.38 -42.32 -23.49
N PRO A 302 -22.08 -43.22 -22.76
CA PRO A 302 -23.00 -44.16 -23.42
C PRO A 302 -24.30 -43.54 -23.95
N SER A 315 -21.85 -47.48 -18.42
CA SER A 315 -20.42 -47.48 -18.67
C SER A 315 -19.89 -46.01 -18.77
N LEU A 316 -20.52 -45.10 -18.00
CA LEU A 316 -20.28 -43.66 -18.01
C LEU A 316 -19.06 -43.17 -17.24
N SER A 317 -18.28 -42.28 -17.89
CA SER A 317 -17.10 -41.61 -17.34
C SER A 317 -17.40 -40.97 -15.98
N GLY A 318 -16.51 -41.20 -15.01
CA GLY A 318 -16.62 -40.61 -13.68
C GLY A 318 -16.66 -39.10 -13.75
N TYR A 319 -15.81 -38.53 -14.61
CA TYR A 319 -15.73 -37.09 -14.85
C TYR A 319 -17.03 -36.53 -15.42
N LEU A 320 -17.60 -37.21 -16.41
CA LEU A 320 -18.84 -36.82 -17.08
C LEU A 320 -20.05 -36.91 -16.15
N TYR A 321 -20.11 -37.96 -15.31
CA TYR A 321 -21.14 -38.16 -14.28
C TYR A 321 -21.09 -37.00 -13.27
N ALA A 322 -19.87 -36.65 -12.80
CA ALA A 322 -19.64 -35.60 -11.79
C ALA A 322 -20.03 -34.23 -12.33
N ILE A 323 -19.58 -33.90 -13.55
CA ILE A 323 -19.85 -32.63 -14.25
C ILE A 323 -21.34 -32.48 -14.48
N LYS A 324 -22.00 -33.53 -15.03
CA LYS A 324 -23.43 -33.54 -15.31
C LYS A 324 -24.24 -33.26 -14.03
N LYS A 325 -23.89 -33.97 -12.94
CA LYS A 325 -24.49 -33.80 -11.64
C LYS A 325 -24.34 -32.34 -11.17
N ILE A 326 -23.11 -31.79 -11.24
CA ILE A 326 -22.79 -30.40 -10.81
C ILE A 326 -23.59 -29.38 -11.63
N LEU A 327 -23.68 -29.57 -12.95
CA LEU A 327 -24.44 -28.70 -13.85
C LEU A 327 -25.95 -28.75 -13.66
N SER A 328 -26.50 -29.87 -13.14
CA SER A 328 -27.95 -30.03 -12.92
C SER A 328 -28.46 -29.14 -11.78
N TRP A 329 -27.51 -28.66 -10.93
CA TRP A 329 -27.82 -27.79 -9.80
C TRP A 329 -28.21 -26.39 -10.27
N LYS A 330 -27.73 -25.99 -11.48
CA LYS A 330 -28.04 -24.71 -12.12
C LYS A 330 -27.43 -23.52 -11.36
N VAL A 331 -26.23 -23.74 -10.79
CA VAL A 331 -25.44 -22.73 -10.06
C VAL A 331 -24.31 -22.26 -10.99
N PRO A 332 -24.01 -20.93 -11.12
CA PRO A 332 -22.89 -20.52 -11.99
C PRO A 332 -21.62 -21.29 -11.66
N THR A 333 -21.05 -21.96 -12.69
CA THR A 333 -19.92 -22.87 -12.52
C THR A 333 -18.67 -22.52 -13.31
N LEU A 334 -17.53 -22.69 -12.67
CA LEU A 334 -16.20 -22.47 -13.22
C LEU A 334 -15.54 -23.83 -13.42
N ILE A 335 -15.29 -24.20 -14.68
CA ILE A 335 -14.66 -25.50 -14.96
C ILE A 335 -13.21 -25.28 -15.36
N LEU A 336 -12.28 -25.87 -14.60
CA LEU A 336 -10.85 -25.72 -14.84
C LEU A 336 -10.14 -27.04 -15.15
N GLY A 337 -8.97 -26.93 -15.77
CA GLY A 337 -8.11 -28.06 -16.07
C GLY A 337 -7.32 -28.50 -14.85
N GLY A 338 -6.08 -28.90 -15.07
CA GLY A 338 -5.19 -29.33 -13.99
C GLY A 338 -4.22 -30.34 -14.55
N GLY A 339 -4.05 -31.44 -13.85
CA GLY A 339 -3.20 -32.54 -14.31
C GLY A 339 -3.73 -33.24 -15.54
N GLY A 340 -2.96 -34.23 -16.02
CA GLY A 340 -3.27 -35.00 -17.21
C GLY A 340 -2.05 -35.03 -18.10
N TYR A 341 -1.31 -36.14 -18.03
CA TYR A 341 -0.01 -36.35 -18.66
C TYR A 341 -0.01 -37.11 -19.96
N ASN A 342 -1.20 -37.58 -20.35
CA ASN A 342 -1.45 -38.22 -21.62
C ASN A 342 -2.20 -37.13 -22.38
N PHE A 343 -1.47 -36.27 -23.10
CA PHE A 343 -2.05 -35.13 -23.81
C PHE A 343 -3.22 -35.46 -24.73
N PRO A 344 -3.14 -36.47 -25.65
CA PRO A 344 -4.30 -36.73 -26.53
C PRO A 344 -5.53 -37.22 -25.76
N ASP A 345 -5.31 -38.05 -24.72
CA ASP A 345 -6.40 -38.55 -23.87
C ASP A 345 -7.03 -37.49 -22.98
N THR A 346 -6.23 -36.51 -22.51
CA THR A 346 -6.71 -35.36 -21.74
C THR A 346 -7.59 -34.51 -22.67
N ALA A 347 -7.16 -34.34 -23.95
CA ALA A 347 -7.91 -33.63 -24.98
C ALA A 347 -9.25 -34.32 -25.30
N ARG A 348 -9.28 -35.67 -25.36
CA ARG A 348 -10.49 -36.48 -25.61
C ARG A 348 -11.52 -36.31 -24.46
N LEU A 349 -11.03 -36.27 -23.22
CA LEU A 349 -11.87 -36.07 -22.04
C LEU A 349 -12.43 -34.65 -22.00
N TRP A 350 -11.53 -33.64 -22.03
CA TRP A 350 -11.85 -32.21 -21.97
C TRP A 350 -12.76 -31.75 -23.12
N THR A 351 -12.62 -32.38 -24.30
CA THR A 351 -13.49 -32.14 -25.44
C THR A 351 -14.90 -32.64 -25.11
N ARG A 352 -15.01 -33.81 -24.46
CA ARG A 352 -16.31 -34.36 -24.05
C ARG A 352 -16.96 -33.56 -22.92
N VAL A 353 -16.17 -33.13 -21.93
CA VAL A 353 -16.63 -32.29 -20.84
C VAL A 353 -17.22 -30.98 -21.43
N THR A 354 -16.51 -30.40 -22.42
CA THR A 354 -16.92 -29.17 -23.11
C THR A 354 -18.29 -29.33 -23.78
N ALA A 355 -18.44 -30.35 -24.64
CA ALA A 355 -19.67 -30.75 -25.34
C ALA A 355 -20.82 -31.01 -24.34
N LEU A 356 -20.54 -31.71 -23.23
CA LEU A 356 -21.54 -32.01 -22.17
C LEU A 356 -22.07 -30.72 -21.55
N THR A 357 -21.16 -29.76 -21.28
CA THR A 357 -21.51 -28.47 -20.70
C THR A 357 -22.42 -27.68 -21.65
N ILE A 358 -22.13 -27.66 -22.96
CA ILE A 358 -22.97 -26.95 -23.94
C ILE A 358 -24.39 -27.56 -23.88
N GLU A 359 -24.48 -28.90 -23.96
CA GLU A 359 -25.71 -29.70 -23.92
C GLU A 359 -26.50 -29.48 -22.61
N GLU A 360 -25.83 -29.55 -21.45
CA GLU A 360 -26.47 -29.37 -20.14
C GLU A 360 -26.95 -27.94 -19.88
N VAL A 361 -26.16 -26.94 -20.28
CA VAL A 361 -26.51 -25.53 -20.09
C VAL A 361 -27.48 -25.00 -21.16
N LYS A 362 -27.15 -25.14 -22.47
CA LYS A 362 -27.97 -24.66 -23.59
C LYS A 362 -29.20 -25.51 -23.95
N GLY A 363 -29.20 -26.80 -23.56
CA GLY A 363 -30.30 -27.70 -23.84
C GLY A 363 -30.30 -28.29 -25.25
N LYS A 364 -29.29 -27.95 -26.07
CA LYS A 364 -29.18 -28.50 -27.42
C LYS A 364 -28.18 -29.65 -27.49
N LYS A 365 -28.58 -30.75 -28.16
CA LYS A 365 -27.78 -31.95 -28.32
C LYS A 365 -26.45 -31.64 -29.03
N MET A 366 -25.36 -32.23 -28.54
CA MET A 366 -24.05 -32.07 -29.15
C MET A 366 -23.65 -33.44 -29.67
N THR A 367 -23.88 -33.69 -30.97
CA THR A 367 -23.51 -34.98 -31.56
C THR A 367 -22.05 -34.93 -31.93
N ILE A 368 -21.25 -35.76 -31.23
CA ILE A 368 -19.80 -35.82 -31.34
C ILE A 368 -19.42 -37.21 -31.93
N SER A 369 -18.91 -37.21 -33.18
CA SER A 369 -18.49 -38.42 -33.89
C SER A 369 -17.45 -39.25 -33.09
N PRO A 370 -17.60 -40.60 -33.05
CA PRO A 370 -16.63 -41.43 -32.34
C PRO A 370 -15.23 -41.44 -32.96
N GLU A 371 -15.09 -40.89 -34.18
CA GLU A 371 -13.82 -40.80 -34.88
C GLU A 371 -13.28 -39.36 -34.76
N ILE A 372 -11.95 -39.21 -34.63
CA ILE A 372 -11.31 -37.90 -34.51
C ILE A 372 -11.40 -37.15 -35.87
N PRO A 373 -11.97 -35.92 -35.94
CA PRO A 373 -12.02 -35.20 -37.21
C PRO A 373 -10.62 -34.76 -37.63
N GLU A 374 -10.44 -34.51 -38.93
CA GLU A 374 -9.15 -34.06 -39.45
C GLU A 374 -8.87 -32.61 -39.05
N HIS A 375 -7.65 -32.40 -38.52
CA HIS A 375 -7.08 -31.14 -38.06
C HIS A 375 -5.57 -31.30 -37.94
N SER A 376 -4.83 -30.19 -37.80
CA SER A 376 -3.37 -30.22 -37.76
C SER A 376 -2.74 -31.19 -36.75
N TYR A 377 -3.48 -31.53 -35.67
CA TYR A 377 -3.06 -32.43 -34.58
C TYR A 377 -3.61 -33.88 -34.67
N PHE A 378 -4.30 -34.23 -35.77
CA PHE A 378 -4.88 -35.56 -36.04
C PHE A 378 -3.90 -36.74 -35.77
N SER A 379 -2.67 -36.69 -36.33
CA SER A 379 -1.62 -37.70 -36.19
C SER A 379 -1.32 -38.11 -34.73
N ARG A 380 -1.58 -37.20 -33.76
CA ARG A 380 -1.38 -37.40 -32.32
C ARG A 380 -2.38 -38.40 -31.73
N TYR A 381 -3.50 -38.63 -32.43
CA TYR A 381 -4.56 -39.54 -31.99
C TYR A 381 -4.43 -40.96 -32.55
N GLY A 382 -3.28 -41.24 -33.16
CA GLY A 382 -2.96 -42.55 -33.74
C GLY A 382 -2.67 -43.60 -32.69
N PRO A 383 -2.73 -44.91 -33.05
CA PRO A 383 -2.94 -45.47 -34.40
C PRO A 383 -4.38 -45.75 -34.82
N ASP A 384 -5.39 -45.48 -33.95
CA ASP A 384 -6.80 -45.73 -34.26
C ASP A 384 -7.72 -44.52 -34.47
N PHE A 385 -7.32 -43.32 -33.97
CA PHE A 385 -8.03 -42.03 -34.16
C PHE A 385 -9.49 -42.02 -33.71
N GLU A 386 -9.75 -42.56 -32.51
CA GLU A 386 -11.09 -42.62 -31.92
C GLU A 386 -11.23 -41.69 -30.74
N LEU A 387 -12.47 -41.25 -30.46
CA LEU A 387 -12.75 -40.33 -29.36
C LEU A 387 -12.64 -41.00 -28.00
N ASP A 388 -13.08 -42.26 -27.91
CA ASP A 388 -12.98 -43.03 -26.67
C ASP A 388 -11.51 -43.29 -26.42
N ILE A 389 -11.10 -43.25 -25.15
CA ILE A 389 -9.72 -43.59 -24.78
C ILE A 389 -9.52 -45.10 -25.06
N ASP A 390 -8.31 -45.49 -25.50
CA ASP A 390 -8.00 -46.89 -25.81
C ASP A 390 -7.84 -47.71 -24.53
N TYR A 391 -8.97 -48.11 -23.92
CA TYR A 391 -8.95 -48.85 -22.66
C TYR A 391 -10.10 -49.81 -22.49
N PHE A 392 -9.79 -51.02 -22.02
CA PHE A 392 -10.79 -52.05 -21.78
C PHE A 392 -11.01 -52.39 -20.28
N PRO A 393 -12.13 -51.88 -19.69
CA PRO A 393 -12.42 -52.20 -18.29
C PRO A 393 -13.05 -53.58 -18.12
N ASP A 402 -17.02 -50.55 1.62
CA ASP A 402 -16.84 -50.71 3.05
C ASP A 402 -15.91 -49.63 3.60
N SER A 403 -14.82 -49.32 2.86
CA SER A 403 -13.92 -48.21 3.18
C SER A 403 -14.68 -46.91 2.80
N ILE A 404 -15.38 -46.92 1.63
CA ILE A 404 -16.19 -45.81 1.11
C ILE A 404 -17.41 -45.53 2.00
N GLN A 405 -18.05 -46.57 2.55
CA GLN A 405 -19.20 -46.46 3.46
C GLN A 405 -18.76 -45.76 4.76
N LYS A 406 -17.62 -46.17 5.35
CA LYS A 406 -17.03 -45.54 6.54
C LYS A 406 -16.63 -44.06 6.26
N HIS A 407 -16.16 -43.77 5.04
CA HIS A 407 -15.84 -42.41 4.60
C HIS A 407 -17.13 -41.58 4.40
N HIS A 408 -18.20 -42.22 3.93
CA HIS A 408 -19.50 -41.58 3.72
C HIS A 408 -20.14 -41.19 5.06
N ARG A 409 -20.04 -42.07 6.08
CA ARG A 409 -20.57 -41.85 7.44
C ARG A 409 -19.79 -40.72 8.16
N ARG A 410 -18.45 -40.66 7.95
CA ARG A 410 -17.57 -39.63 8.51
C ARG A 410 -17.89 -38.27 7.86
N ILE A 411 -18.08 -38.24 6.53
CA ILE A 411 -18.38 -37.02 5.76
C ILE A 411 -19.78 -36.45 6.09
N LEU A 412 -20.78 -37.34 6.24
CA LEU A 412 -22.16 -36.99 6.59
C LEU A 412 -22.19 -36.31 7.99
N GLU A 413 -21.43 -36.82 8.94
CA GLU A 413 -21.28 -36.25 10.29
C GLU A 413 -20.55 -34.89 10.23
N GLN A 414 -19.50 -34.78 9.34
CA GLN A 414 -18.75 -33.54 9.12
C GLN A 414 -19.67 -32.44 8.55
N LEU A 415 -20.56 -32.83 7.62
CA LEU A 415 -21.52 -31.95 6.95
C LEU A 415 -22.53 -31.39 7.93
N ARG A 416 -23.04 -32.25 8.84
CA ARG A 416 -23.97 -31.91 9.90
C ARG A 416 -23.30 -30.95 10.90
N ASN A 417 -22.01 -31.18 11.24
CA ASN A 417 -21.24 -30.33 12.14
C ASN A 417 -20.99 -28.98 11.50
N TYR A 418 -20.70 -28.96 10.17
CA TYR A 418 -20.51 -27.74 9.37
C TYR A 418 -21.78 -26.87 9.39
N ALA A 419 -22.95 -27.50 9.07
CA ALA A 419 -24.30 -26.91 9.07
C ALA A 419 -24.67 -26.36 10.45
N ASP A 420 -24.44 -27.13 11.54
CA ASP A 420 -24.69 -26.70 12.92
C ASP A 420 -23.84 -25.47 13.30
N LEU A 421 -22.52 -25.50 12.99
CA LEU A 421 -21.59 -24.40 13.29
C LEU A 421 -21.97 -23.13 12.52
N ASN A 422 -22.33 -23.29 11.25
CA ASN A 422 -22.69 -22.19 10.38
C ASN A 422 -24.17 -21.79 10.39
N LYS A 423 -24.95 -22.35 11.34
CA LYS A 423 -26.38 -22.11 11.55
C LYS A 423 -27.20 -22.25 10.25
N LEU A 424 -26.82 -23.23 9.42
CA LEU A 424 -27.48 -23.56 8.15
C LEU A 424 -28.67 -24.47 8.42
N ILE A 425 -29.81 -24.20 7.74
CA ILE A 425 -31.04 -24.98 7.87
C ILE A 425 -31.07 -26.03 6.77
N TYR A 426 -31.17 -27.32 7.19
CA TYR A 426 -31.23 -28.44 6.26
C TYR A 426 -32.01 -29.62 6.84
N ASP A 427 -32.57 -30.46 5.95
CA ASP A 427 -33.31 -31.65 6.35
C ASP A 427 -32.32 -32.81 6.43
N TYR A 428 -32.10 -33.32 7.66
CA TYR A 428 -31.17 -34.41 7.95
C TYR A 428 -31.43 -35.68 7.15
N ASP A 429 -32.69 -36.13 7.13
CA ASP A 429 -33.15 -37.36 6.44
C ASP A 429 -32.93 -37.38 4.95
N GLN A 430 -33.37 -36.32 4.22
CA GLN A 430 -33.20 -36.21 2.75
C GLN A 430 -31.71 -36.29 2.30
N VAL A 431 -30.79 -35.90 3.21
CA VAL A 431 -29.33 -35.91 3.00
C VAL A 431 -28.76 -37.30 3.35
N TYR A 432 -29.23 -37.90 4.47
CA TYR A 432 -28.86 -39.24 4.90
C TYR A 432 -29.31 -40.27 3.84
N GLN A 433 -30.53 -40.11 3.26
CA GLN A 433 -31.12 -40.98 2.23
C GLN A 433 -30.30 -41.05 0.94
N LEU A 434 -29.52 -39.99 0.62
CA LEU A 434 -28.66 -39.93 -0.56
C LEU A 434 -27.58 -41.02 -0.52
N TYR A 435 -27.03 -41.28 0.68
CA TYR A 435 -25.99 -42.29 0.91
C TYR A 435 -26.58 -43.70 1.05
N SER B 2 0.49 24.11 -45.93
CA SER B 2 -0.86 23.85 -45.48
C SER B 2 -0.91 22.68 -44.51
N VAL B 3 -1.37 22.94 -43.29
CA VAL B 3 -1.53 21.93 -42.25
C VAL B 3 -3.04 21.75 -42.20
N GLY B 4 -3.49 20.54 -42.39
CA GLY B 4 -4.92 20.25 -42.34
C GLY B 4 -5.35 19.68 -41.01
N ILE B 5 -6.63 19.86 -40.67
CA ILE B 5 -7.18 19.27 -39.45
C ILE B 5 -8.57 18.71 -39.72
N VAL B 6 -8.75 17.44 -39.40
CA VAL B 6 -10.03 16.75 -39.59
C VAL B 6 -11.04 17.21 -38.55
N TYR B 7 -12.09 17.89 -39.04
CA TYR B 7 -13.21 18.39 -38.26
C TYR B 7 -14.48 18.53 -39.12
N GLY B 8 -15.63 18.51 -38.44
CA GLY B 8 -16.97 18.67 -38.99
C GLY B 8 -17.93 18.65 -37.81
N ASP B 9 -19.15 19.17 -37.99
CA ASP B 9 -20.20 19.22 -36.94
C ASP B 9 -20.75 17.80 -36.62
N GLN B 10 -21.12 17.02 -37.64
CA GLN B 10 -21.60 15.65 -37.46
C GLN B 10 -20.43 14.77 -37.00
N TYR B 11 -19.24 14.95 -37.62
CA TYR B 11 -18.03 14.25 -37.19
C TYR B 11 -17.80 14.42 -35.65
N ARG B 12 -17.90 15.69 -35.14
CA ARG B 12 -17.72 16.05 -33.75
C ARG B 12 -18.69 15.30 -32.86
N GLN B 13 -19.98 15.31 -33.22
CA GLN B 13 -21.06 14.61 -32.54
C GLN B 13 -20.76 13.11 -32.46
N LEU B 14 -20.35 12.50 -33.60
CA LEU B 14 -20.01 11.07 -33.71
C LEU B 14 -18.79 10.66 -32.91
N CYS B 15 -17.72 11.49 -32.91
CA CYS B 15 -16.50 11.22 -32.13
C CYS B 15 -16.74 11.36 -30.63
N CYS B 16 -17.82 12.09 -30.25
CA CYS B 16 -18.23 12.33 -28.88
C CYS B 16 -19.38 11.44 -28.40
N SER B 17 -19.81 10.47 -29.23
CA SER B 17 -20.95 9.62 -28.93
C SER B 17 -20.63 8.32 -28.19
N SER B 18 -19.35 8.01 -27.89
CA SER B 18 -19.03 6.74 -27.20
C SER B 18 -18.98 6.85 -25.68
N PRO B 19 -19.34 5.76 -24.93
CA PRO B 19 -19.26 5.82 -23.46
C PRO B 19 -17.83 5.88 -22.91
N LYS B 20 -16.87 5.25 -23.60
CA LYS B 20 -15.46 5.24 -23.17
C LYS B 20 -14.78 6.59 -23.39
N PHE B 21 -14.94 7.20 -24.57
CA PHE B 21 -14.25 8.47 -24.80
C PHE B 21 -15.04 9.73 -24.56
N GLY B 22 -16.32 9.59 -24.17
CA GLY B 22 -17.20 10.73 -23.88
C GLY B 22 -16.99 11.90 -24.84
N ASP B 23 -16.74 13.09 -24.27
CA ASP B 23 -16.54 14.36 -24.98
C ASP B 23 -15.04 14.77 -25.11
N ARG B 24 -14.08 13.81 -25.13
CA ARG B 24 -12.63 14.10 -25.22
C ARG B 24 -12.31 14.86 -26.50
N TYR B 25 -12.91 14.44 -27.64
CA TYR B 25 -12.69 15.05 -28.96
C TYR B 25 -13.11 16.51 -28.97
N ALA B 26 -14.22 16.85 -28.28
CA ALA B 26 -14.76 18.23 -28.15
C ALA B 26 -13.78 19.08 -27.35
N LEU B 27 -13.26 18.54 -26.21
CA LEU B 27 -12.27 19.26 -25.40
C LEU B 27 -11.01 19.58 -26.23
N VAL B 28 -10.51 18.60 -26.98
CA VAL B 28 -9.32 18.73 -27.81
C VAL B 28 -9.50 19.87 -28.84
N MET B 29 -10.56 19.78 -29.66
CA MET B 29 -10.85 20.73 -30.73
C MET B 29 -11.19 22.13 -30.22
N ASP B 30 -11.98 22.21 -29.14
CA ASP B 30 -12.38 23.48 -28.53
C ASP B 30 -11.18 24.16 -27.87
N LEU B 31 -10.19 23.37 -27.40
CA LEU B 31 -8.98 23.93 -26.81
C LEU B 31 -8.10 24.49 -27.91
N ILE B 32 -7.97 23.76 -29.05
CA ILE B 32 -7.25 24.21 -30.25
C ILE B 32 -7.91 25.52 -30.75
N ASN B 33 -9.27 25.57 -30.73
CA ASN B 33 -10.06 26.72 -31.12
C ASN B 33 -9.90 27.91 -30.16
N ALA B 34 -9.90 27.66 -28.82
CA ALA B 34 -9.74 28.72 -27.81
C ALA B 34 -8.36 29.35 -27.92
N TYR B 35 -7.35 28.54 -28.30
CA TYR B 35 -5.99 29.04 -28.52
C TYR B 35 -5.80 29.78 -29.87
N LYS B 36 -6.88 29.94 -30.66
CA LYS B 36 -6.92 30.66 -31.94
C LYS B 36 -6.09 29.96 -33.05
N LEU B 37 -5.99 28.63 -32.95
CA LEU B 37 -5.23 27.82 -33.89
C LEU B 37 -6.06 27.46 -35.12
N ILE B 38 -7.38 27.31 -34.96
CA ILE B 38 -8.31 26.96 -36.05
C ILE B 38 -8.14 27.76 -37.37
N PRO B 39 -8.00 29.13 -37.36
CA PRO B 39 -7.81 29.86 -38.64
C PRO B 39 -6.48 29.61 -39.33
N GLU B 40 -5.55 28.95 -38.62
CA GLU B 40 -4.21 28.61 -39.13
C GLU B 40 -4.23 27.30 -39.87
N LEU B 41 -5.35 26.56 -39.74
CA LEU B 41 -5.50 25.22 -40.29
C LEU B 41 -6.53 25.11 -41.39
N SER B 42 -6.28 24.20 -42.32
CA SER B 42 -7.16 23.89 -43.42
C SER B 42 -8.10 22.78 -42.93
N ARG B 43 -9.41 23.08 -42.76
CA ARG B 43 -10.35 22.07 -42.31
C ARG B 43 -10.47 20.95 -43.36
N VAL B 44 -10.23 19.70 -42.95
CA VAL B 44 -10.31 18.53 -43.82
C VAL B 44 -11.63 17.80 -43.48
N PRO B 45 -12.65 17.92 -44.35
CA PRO B 45 -13.94 17.29 -44.03
C PRO B 45 -13.86 15.76 -44.11
N PRO B 46 -14.52 15.00 -43.20
CA PRO B 46 -14.49 13.52 -43.29
C PRO B 46 -15.07 13.02 -44.61
N LEU B 47 -14.49 11.93 -45.13
CA LEU B 47 -14.93 11.29 -46.37
C LEU B 47 -16.36 10.76 -46.28
N GLN B 48 -17.13 10.97 -47.35
CA GLN B 48 -18.47 10.43 -47.49
C GLN B 48 -18.55 9.64 -48.77
N TRP B 49 -19.39 8.62 -48.78
CA TRP B 49 -19.54 7.70 -49.92
C TRP B 49 -20.87 7.87 -50.63
N ASP B 50 -20.86 7.63 -51.96
CA ASP B 50 -22.02 7.72 -52.87
C ASP B 50 -23.10 6.66 -52.62
N SER B 51 -22.82 5.64 -51.80
CA SER B 51 -23.80 4.59 -51.48
C SER B 51 -23.32 3.72 -50.32
N PRO B 52 -24.22 2.91 -49.69
CA PRO B 52 -23.77 1.93 -48.67
C PRO B 52 -22.72 0.94 -49.20
N SER B 53 -22.84 0.49 -50.46
CA SER B 53 -21.92 -0.46 -51.07
C SER B 53 -20.52 0.10 -51.24
N ARG B 54 -20.40 1.40 -51.55
CA ARG B 54 -19.11 2.08 -51.67
C ARG B 54 -18.48 2.25 -50.26
N MET B 55 -19.31 2.47 -49.22
CA MET B 55 -18.82 2.55 -47.83
C MET B 55 -18.26 1.19 -47.43
N TYR B 56 -19.06 0.13 -47.70
CA TYR B 56 -18.77 -1.28 -47.39
C TYR B 56 -17.49 -1.74 -48.08
N GLU B 57 -17.29 -1.35 -49.36
CA GLU B 57 -16.11 -1.65 -50.18
C GLU B 57 -14.86 -1.07 -49.52
N ALA B 58 -14.98 0.18 -49.04
CA ALA B 58 -13.90 0.93 -48.41
C ALA B 58 -13.47 0.28 -47.09
N VAL B 59 -14.45 -0.10 -46.25
CA VAL B 59 -14.16 -0.71 -44.96
C VAL B 59 -13.62 -2.12 -45.13
N THR B 60 -14.17 -2.89 -46.12
CA THR B 60 -13.74 -4.26 -46.40
C THR B 60 -12.41 -4.40 -47.16
N ALA B 61 -11.69 -3.27 -47.37
CA ALA B 61 -10.34 -3.28 -47.95
C ALA B 61 -9.41 -3.90 -46.88
N PHE B 62 -9.84 -3.82 -45.58
CA PHE B 62 -9.15 -4.46 -44.46
C PHE B 62 -10.04 -5.41 -43.66
N HIS B 63 -11.17 -4.93 -43.11
CA HIS B 63 -12.04 -5.75 -42.28
C HIS B 63 -12.84 -6.79 -43.06
N SER B 64 -13.19 -7.92 -42.41
CA SER B 64 -13.99 -8.95 -43.07
C SER B 64 -15.43 -8.48 -43.25
N THR B 65 -16.11 -9.07 -44.25
CA THR B 65 -17.51 -8.80 -44.52
C THR B 65 -18.34 -9.15 -43.27
N GLU B 66 -18.09 -10.34 -42.67
CA GLU B 66 -18.78 -10.80 -41.46
C GLU B 66 -18.56 -9.92 -40.23
N TYR B 67 -17.37 -9.34 -40.05
CA TYR B 67 -17.11 -8.47 -38.92
C TYR B 67 -17.91 -7.16 -39.02
N VAL B 68 -17.93 -6.52 -40.24
CA VAL B 68 -18.61 -5.26 -40.53
C VAL B 68 -20.15 -5.44 -40.38
N ASP B 69 -20.70 -6.57 -40.89
CA ASP B 69 -22.12 -6.93 -40.74
C ASP B 69 -22.50 -6.99 -39.28
N ALA B 70 -21.68 -7.68 -38.45
CA ALA B 70 -21.86 -7.84 -37.00
C ALA B 70 -21.83 -6.47 -36.30
N LEU B 71 -20.87 -5.60 -36.69
CA LEU B 71 -20.74 -4.25 -36.16
C LEU B 71 -21.96 -3.39 -36.49
N LYS B 72 -22.50 -3.49 -37.72
CA LYS B 72 -23.71 -2.79 -38.17
C LYS B 72 -24.92 -3.27 -37.36
N LYS B 73 -25.03 -4.63 -37.19
CA LYS B 73 -26.12 -5.30 -36.47
C LYS B 73 -26.11 -4.90 -35.01
N LEU B 74 -24.90 -4.79 -34.40
CA LEU B 74 -24.75 -4.43 -32.99
C LEU B 74 -25.33 -3.02 -32.68
N GLN B 75 -25.13 -2.06 -33.58
CA GLN B 75 -25.66 -0.68 -33.49
C GLN B 75 -27.21 -0.70 -33.60
N MET B 76 -27.76 -1.48 -34.58
CA MET B 76 -29.20 -1.68 -34.82
C MET B 76 -29.84 -2.29 -33.58
N LEU B 77 -29.20 -3.31 -32.98
CA LEU B 77 -29.73 -3.97 -31.80
C LEU B 77 -29.78 -2.97 -30.63
N HIS B 78 -28.71 -2.18 -30.45
CA HIS B 78 -28.67 -1.16 -29.39
C HIS B 78 -29.65 0.01 -29.58
N CYS B 79 -30.10 0.28 -30.82
CA CYS B 79 -31.07 1.34 -31.09
C CYS B 79 -32.50 0.94 -30.73
N GLU B 80 -32.74 -0.36 -30.41
CA GLU B 80 -34.08 -0.85 -30.04
C GLU B 80 -34.19 -1.24 -28.56
N LEU B 84 -31.36 -8.80 -27.02
CA LEU B 84 -30.29 -9.59 -27.65
C LEU B 84 -30.51 -11.07 -27.38
N THR B 85 -30.57 -11.87 -28.45
CA THR B 85 -30.78 -13.32 -28.34
C THR B 85 -29.46 -14.02 -27.99
N ALA B 86 -29.54 -15.29 -27.56
CA ALA B 86 -28.37 -16.10 -27.23
C ALA B 86 -27.46 -16.24 -28.47
N ASP B 87 -28.08 -16.30 -29.68
CA ASP B 87 -27.38 -16.35 -30.96
C ASP B 87 -26.67 -15.01 -31.29
N ASP B 88 -27.33 -13.86 -31.02
CA ASP B 88 -26.72 -12.53 -31.24
C ASP B 88 -25.52 -12.38 -30.28
N GLU B 89 -25.69 -12.77 -29.00
CA GLU B 89 -24.64 -12.76 -27.97
C GLU B 89 -23.42 -13.58 -28.42
N LEU B 90 -23.63 -14.82 -28.93
CA LEU B 90 -22.53 -15.66 -29.45
C LEU B 90 -21.87 -15.03 -30.68
N LEU B 91 -22.69 -14.41 -31.55
CA LEU B 91 -22.22 -13.72 -32.76
C LEU B 91 -21.34 -12.53 -32.37
N MET B 92 -21.77 -11.72 -31.38
CA MET B 92 -20.98 -10.58 -30.91
C MET B 92 -19.65 -10.96 -30.22
N ASP B 93 -19.66 -12.01 -29.41
CA ASP B 93 -18.47 -12.55 -28.72
C ASP B 93 -17.43 -13.12 -29.71
N SER B 94 -17.88 -13.69 -30.84
CA SER B 94 -16.96 -14.21 -31.85
C SER B 94 -16.12 -13.10 -32.51
N PHE B 95 -16.54 -11.80 -32.40
CA PHE B 95 -15.84 -10.63 -32.94
C PHE B 95 -15.27 -9.71 -31.83
N SER B 96 -15.29 -10.22 -30.57
CA SER B 96 -14.91 -9.54 -29.34
C SER B 96 -15.68 -8.21 -29.20
N LEU B 97 -16.97 -8.23 -29.63
CA LEU B 97 -17.87 -7.07 -29.53
C LEU B 97 -18.53 -7.11 -28.15
N ASN B 98 -17.69 -7.03 -27.11
CA ASN B 98 -18.04 -7.17 -25.69
C ASN B 98 -16.92 -6.55 -24.83
N TYR B 99 -17.11 -6.55 -23.50
CA TYR B 99 -16.13 -6.07 -22.51
C TYR B 99 -15.63 -4.66 -22.79
N ASP B 100 -14.39 -4.53 -23.35
CA ASP B 100 -13.77 -3.24 -23.70
C ASP B 100 -14.37 -2.64 -24.97
N CYS B 101 -14.99 -3.48 -25.82
CA CYS B 101 -15.63 -3.03 -27.05
C CYS B 101 -17.12 -3.40 -27.06
N PRO B 102 -17.95 -2.84 -26.14
CA PRO B 102 -19.37 -3.21 -26.14
C PRO B 102 -20.16 -2.45 -27.20
N GLY B 103 -21.43 -2.78 -27.31
CA GLY B 103 -22.32 -2.04 -28.17
C GLY B 103 -22.84 -0.83 -27.46
N PHE B 104 -23.39 0.08 -28.22
CA PHE B 104 -24.00 1.33 -27.77
C PHE B 104 -24.68 1.86 -29.00
N PRO B 105 -25.73 2.70 -28.85
CA PRO B 105 -26.53 3.11 -30.03
C PRO B 105 -25.84 3.58 -31.31
N SER B 106 -24.65 4.18 -31.19
CA SER B 106 -23.95 4.74 -32.34
C SER B 106 -22.59 4.07 -32.55
N VAL B 107 -22.43 2.81 -32.11
CA VAL B 107 -21.17 2.07 -32.24
C VAL B 107 -20.58 2.02 -33.67
N PHE B 108 -21.42 1.71 -34.69
CA PHE B 108 -20.97 1.63 -36.09
C PHE B 108 -20.64 3.02 -36.63
N ASP B 109 -21.48 4.01 -36.33
CA ASP B 109 -21.29 5.39 -36.77
C ASP B 109 -20.04 6.00 -36.17
N TYR B 110 -19.80 5.77 -34.87
CA TYR B 110 -18.63 6.25 -34.14
C TYR B 110 -17.34 5.69 -34.75
N SER B 111 -17.34 4.36 -34.97
CA SER B 111 -16.23 3.58 -35.52
C SER B 111 -15.92 4.02 -36.92
N LEU B 112 -16.97 4.15 -37.77
CA LEU B 112 -16.85 4.57 -39.17
C LEU B 112 -16.38 6.02 -39.30
N ALA B 113 -16.80 6.90 -38.34
CA ALA B 113 -16.40 8.32 -38.34
C ALA B 113 -14.87 8.49 -38.35
N ALA B 114 -14.12 7.72 -37.52
CA ALA B 114 -12.64 7.73 -37.48
C ALA B 114 -12.02 7.31 -38.83
N VAL B 115 -12.63 6.32 -39.49
CA VAL B 115 -12.23 5.86 -40.84
C VAL B 115 -12.45 7.00 -41.85
N GLN B 116 -13.67 7.60 -41.84
CA GLN B 116 -14.03 8.73 -42.70
C GLN B 116 -13.03 9.85 -42.57
N GLY B 117 -12.66 10.21 -41.32
CA GLY B 117 -11.71 11.27 -41.08
C GLY B 117 -10.30 10.95 -41.55
N SER B 118 -9.80 9.74 -41.21
CA SER B 118 -8.44 9.30 -41.59
C SER B 118 -8.24 9.10 -43.09
N LEU B 119 -9.27 8.60 -43.80
CA LEU B 119 -9.22 8.39 -45.25
C LEU B 119 -9.15 9.74 -45.97
N ALA B 120 -9.97 10.72 -45.52
CA ALA B 120 -9.99 12.09 -46.08
C ALA B 120 -8.63 12.77 -45.83
N ALA B 121 -8.04 12.55 -44.64
CA ALA B 121 -6.70 13.06 -44.27
C ALA B 121 -5.62 12.48 -45.20
N ALA B 122 -5.72 11.19 -45.54
CA ALA B 122 -4.79 10.53 -46.45
C ALA B 122 -4.96 11.15 -47.84
N SER B 123 -6.22 11.43 -48.27
CA SER B 123 -6.52 12.04 -49.59
C SER B 123 -5.96 13.44 -49.73
N ALA B 124 -6.06 14.27 -48.66
CA ALA B 124 -5.55 15.66 -48.65
C ALA B 124 -4.02 15.66 -48.88
N LEU B 125 -3.34 14.63 -48.36
CA LEU B 125 -1.90 14.42 -48.51
C LEU B 125 -1.58 13.98 -49.93
N ILE B 126 -2.37 13.02 -50.49
CA ILE B 126 -2.18 12.47 -51.85
C ILE B 126 -2.25 13.55 -52.91
N CYS B 127 -3.33 14.37 -52.91
CA CYS B 127 -3.48 15.45 -53.89
C CYS B 127 -2.60 16.69 -53.60
N ARG B 128 -1.80 16.64 -52.51
CA ARG B 128 -0.89 17.68 -52.03
C ARG B 128 -1.63 18.97 -51.58
N HIS B 129 -2.90 18.83 -51.15
CA HIS B 129 -3.65 19.97 -50.62
C HIS B 129 -3.02 20.40 -49.29
N CYS B 130 -2.53 19.41 -48.50
CA CYS B 130 -1.91 19.62 -47.20
C CYS B 130 -0.57 18.90 -47.17
N GLU B 131 0.38 19.44 -46.41
CA GLU B 131 1.68 18.81 -46.26
C GLU B 131 1.62 17.89 -45.08
N VAL B 132 0.79 18.26 -44.08
CA VAL B 132 0.52 17.50 -42.86
C VAL B 132 -0.97 17.54 -42.59
N VAL B 133 -1.54 16.41 -42.16
CA VAL B 133 -2.95 16.36 -41.76
C VAL B 133 -3.04 15.70 -40.39
N ILE B 134 -3.78 16.38 -39.48
CA ILE B 134 -4.06 15.93 -38.12
C ILE B 134 -5.49 15.35 -37.98
N ASN B 135 -5.64 14.18 -37.35
CA ASN B 135 -6.96 13.63 -37.05
C ASN B 135 -7.02 13.17 -35.61
N TRP B 136 -7.49 14.05 -34.71
CA TRP B 136 -7.63 13.75 -33.28
C TRP B 136 -8.78 12.78 -32.95
N GLY B 137 -9.59 12.46 -33.96
CA GLY B 137 -10.67 11.48 -33.88
C GLY B 137 -10.27 10.11 -34.40
N GLY B 138 -9.02 9.95 -34.83
CA GLY B 138 -8.47 8.70 -35.35
C GLY B 138 -7.36 8.16 -34.44
N GLY B 139 -6.73 7.04 -34.85
CA GLY B 139 -5.64 6.43 -34.10
C GLY B 139 -5.96 5.10 -33.46
N TRP B 140 -6.98 4.42 -33.99
CA TRP B 140 -7.48 3.16 -33.46
C TRP B 140 -6.70 1.93 -33.93
N HIS B 141 -5.45 1.86 -33.43
CA HIS B 141 -4.39 0.90 -33.75
C HIS B 141 -4.58 -0.56 -33.38
N HIS B 142 -5.45 -0.89 -32.42
CA HIS B 142 -5.64 -2.30 -32.03
C HIS B 142 -6.63 -3.09 -32.86
N ALA B 143 -7.52 -2.44 -33.65
CA ALA B 143 -8.57 -3.15 -34.40
C ALA B 143 -7.97 -4.11 -35.45
N LYS B 144 -8.49 -5.33 -35.50
CA LYS B 144 -8.00 -6.37 -36.40
C LYS B 144 -9.03 -6.63 -37.47
N ARG B 145 -8.66 -7.41 -38.49
CA ARG B 145 -9.49 -7.80 -39.64
C ARG B 145 -10.90 -8.20 -39.20
N SER B 146 -11.00 -9.12 -38.25
CA SER B 146 -12.29 -9.64 -37.79
C SER B 146 -12.44 -9.53 -36.28
N GLU B 147 -11.84 -8.52 -35.68
CA GLU B 147 -11.90 -8.43 -34.23
C GLU B 147 -11.74 -7.02 -33.69
N ALA B 148 -12.65 -6.63 -32.78
CA ALA B 148 -12.60 -5.37 -32.06
C ALA B 148 -11.60 -5.61 -30.92
N SER B 149 -10.74 -4.66 -30.62
CA SER B 149 -9.72 -4.86 -29.60
C SER B 149 -9.30 -3.55 -29.00
N GLY B 150 -9.03 -3.54 -27.69
CA GLY B 150 -8.54 -2.40 -26.91
C GLY B 150 -9.19 -1.07 -27.21
N PHE B 151 -10.52 -1.07 -27.23
CA PHE B 151 -11.38 0.10 -27.49
C PHE B 151 -11.44 0.53 -28.96
N CYS B 152 -10.84 -0.29 -29.85
CA CYS B 152 -10.74 -0.05 -31.29
C CYS B 152 -11.63 -1.03 -32.02
N TYR B 153 -12.57 -0.51 -32.82
CA TYR B 153 -13.56 -1.29 -33.57
C TYR B 153 -13.14 -1.41 -35.02
N LEU B 154 -12.87 -0.27 -35.67
CA LEU B 154 -12.40 -0.26 -37.05
C LEU B 154 -11.03 0.37 -37.13
N ASN B 155 -10.11 -0.26 -37.88
CA ASN B 155 -8.76 0.27 -37.98
C ASN B 155 -8.63 1.34 -39.04
N ASP B 156 -8.84 2.61 -38.63
CA ASP B 156 -8.77 3.80 -39.48
C ASP B 156 -7.35 4.00 -40.00
N ILE B 157 -6.34 3.60 -39.18
CA ILE B 157 -4.91 3.71 -39.54
C ILE B 157 -4.56 2.79 -40.70
N VAL B 158 -4.93 1.48 -40.62
CA VAL B 158 -4.66 0.50 -41.68
C VAL B 158 -5.28 0.97 -42.97
N LEU B 159 -6.52 1.48 -42.89
CA LEU B 159 -7.28 1.97 -44.04
C LEU B 159 -6.67 3.20 -44.70
N ALA B 160 -6.20 4.18 -43.90
CA ALA B 160 -5.49 5.39 -44.36
C ALA B 160 -4.15 4.99 -45.01
N ILE B 161 -3.38 4.07 -44.35
CA ILE B 161 -2.10 3.56 -44.86
C ILE B 161 -2.34 2.83 -46.18
N HIS B 162 -3.40 2.03 -46.26
CA HIS B 162 -3.71 1.33 -47.50
C HIS B 162 -3.93 2.31 -48.65
N ARG B 163 -4.69 3.40 -48.41
CA ARG B 163 -4.96 4.46 -49.41
C ARG B 163 -3.68 5.14 -49.90
N LEU B 164 -2.78 5.50 -48.96
CA LEU B 164 -1.50 6.18 -49.21
C LEU B 164 -0.49 5.30 -49.97
N VAL B 165 -0.33 4.04 -49.54
CA VAL B 165 0.63 3.13 -50.16
C VAL B 165 0.29 2.74 -51.60
N SER B 166 -1.00 2.72 -51.96
CA SER B 166 -1.44 2.39 -53.31
C SER B 166 -1.73 3.62 -54.22
N SER B 167 -1.20 4.81 -53.83
CA SER B 167 -1.37 6.06 -54.57
C SER B 167 -0.25 6.30 -55.58
N GLN B 177 8.54 1.35 -54.81
CA GLN B 177 8.72 2.80 -54.88
C GLN B 177 7.94 3.56 -53.78
N THR B 178 6.60 3.40 -53.68
CA THR B 178 5.83 4.09 -52.62
C THR B 178 5.92 3.28 -51.33
N ARG B 179 6.58 3.88 -50.36
CA ARG B 179 6.79 3.29 -49.06
C ARG B 179 6.17 4.18 -48.02
N VAL B 180 5.59 3.55 -46.97
CA VAL B 180 5.01 4.24 -45.81
C VAL B 180 5.76 3.84 -44.53
N LEU B 181 6.09 4.85 -43.68
CA LEU B 181 6.65 4.61 -42.36
C LEU B 181 5.55 4.92 -41.36
N TYR B 182 5.13 3.91 -40.58
CA TYR B 182 4.16 4.06 -39.50
C TYR B 182 4.88 4.11 -38.16
N VAL B 183 4.59 5.14 -37.38
CA VAL B 183 5.23 5.39 -36.09
C VAL B 183 4.15 5.40 -35.01
N ASP B 184 4.26 4.45 -34.05
CA ASP B 184 3.26 4.34 -33.00
C ASP B 184 3.83 4.80 -31.64
N LEU B 185 3.43 6.02 -31.19
CA LEU B 185 3.91 6.65 -29.94
C LEU B 185 3.04 6.39 -28.72
N ASP B 186 1.91 5.70 -28.91
CA ASP B 186 0.96 5.36 -27.87
C ASP B 186 1.64 4.48 -26.83
N LEU B 187 1.12 4.48 -25.58
CA LEU B 187 1.64 3.63 -24.49
C LEU B 187 1.59 2.14 -24.89
N HIS B 188 0.58 1.75 -25.68
CA HIS B 188 0.36 0.37 -26.08
C HIS B 188 0.96 0.02 -27.42
N HIS B 189 1.39 -1.24 -27.57
CA HIS B 189 1.92 -1.77 -28.83
C HIS B 189 0.84 -1.65 -29.93
N GLY B 190 1.22 -1.13 -31.08
CA GLY B 190 0.32 -1.00 -32.23
C GLY B 190 0.20 -2.29 -32.99
N ASP B 191 -0.38 -3.33 -32.33
CA ASP B 191 -0.56 -4.68 -32.84
C ASP B 191 -1.38 -4.82 -34.13
N GLY B 192 -2.59 -4.24 -34.16
CA GLY B 192 -3.50 -4.28 -35.30
C GLY B 192 -2.90 -3.74 -36.58
N VAL B 193 -2.12 -2.62 -36.49
CA VAL B 193 -1.45 -2.04 -37.65
C VAL B 193 -0.27 -2.91 -38.09
N GLU B 194 0.53 -3.39 -37.12
CA GLU B 194 1.69 -4.26 -37.32
C GLU B 194 1.30 -5.55 -38.04
N GLU B 195 0.21 -6.18 -37.56
CA GLU B 195 -0.34 -7.44 -38.05
C GLU B 195 -0.87 -7.36 -39.48
N ALA B 196 -1.54 -6.25 -39.81
CA ALA B 196 -2.11 -6.00 -41.12
C ALA B 196 -1.04 -5.89 -42.22
N PHE B 197 0.17 -5.39 -41.87
CA PHE B 197 1.29 -5.16 -42.79
C PHE B 197 2.48 -6.09 -42.63
N TRP B 198 2.30 -7.12 -41.79
CA TRP B 198 3.29 -8.14 -41.41
C TRP B 198 4.05 -8.75 -42.58
N TYR B 199 3.33 -9.03 -43.69
CA TYR B 199 3.88 -9.64 -44.91
C TYR B 199 4.16 -8.62 -45.99
N SER B 200 4.13 -7.31 -45.65
CA SER B 200 4.33 -6.24 -46.63
C SER B 200 5.60 -5.42 -46.35
N PRO B 201 6.59 -5.42 -47.26
CA PRO B 201 7.78 -4.57 -47.05
C PRO B 201 7.54 -3.07 -47.27
N ARG B 202 6.44 -2.71 -47.94
CA ARG B 202 6.12 -1.33 -48.30
C ARG B 202 5.61 -0.46 -47.15
N VAL B 203 5.15 -1.12 -46.09
CA VAL B 203 4.70 -0.43 -44.91
C VAL B 203 5.59 -0.91 -43.79
N VAL B 204 6.48 -0.01 -43.36
CA VAL B 204 7.36 -0.29 -42.24
C VAL B 204 6.65 0.23 -41.01
N THR B 205 6.50 -0.62 -40.01
CA THR B 205 5.83 -0.20 -38.77
C THR B 205 6.84 -0.08 -37.65
N PHE B 206 6.71 0.93 -36.81
CA PHE B 206 7.59 1.09 -35.64
C PHE B 206 6.76 1.48 -34.47
N SER B 207 6.76 0.65 -33.45
CA SER B 207 5.99 0.95 -32.27
C SER B 207 6.88 1.07 -31.03
N VAL B 208 6.73 2.19 -30.29
CA VAL B 208 7.43 2.40 -29.03
C VAL B 208 6.34 2.26 -27.98
N HIS B 209 6.58 1.50 -26.89
CA HIS B 209 5.50 1.24 -25.94
C HIS B 209 5.97 0.59 -24.68
N HIS B 210 5.06 0.49 -23.70
CA HIS B 210 5.30 -0.31 -22.51
C HIS B 210 4.92 -1.75 -22.81
N ALA B 211 5.74 -2.68 -22.36
CA ALA B 211 5.45 -4.10 -22.43
C ALA B 211 5.98 -4.70 -21.10
N SER B 212 5.09 -5.48 -20.43
CA SER B 212 5.34 -6.15 -19.16
C SER B 212 4.32 -7.27 -19.02
N PRO B 213 4.57 -8.31 -18.14
CA PRO B 213 3.60 -9.42 -18.00
C PRO B 213 2.17 -9.00 -17.56
N GLY B 214 1.18 -9.43 -18.36
CA GLY B 214 -0.22 -9.12 -18.15
C GLY B 214 -0.63 -7.76 -18.70
N PHE B 215 0.33 -7.00 -19.25
CA PHE B 215 0.02 -5.68 -19.80
C PHE B 215 -0.41 -5.84 -21.28
N PHE B 216 -1.58 -5.29 -21.63
CA PHE B 216 -2.18 -5.34 -22.96
C PHE B 216 -1.33 -4.67 -24.03
N PRO B 217 -1.25 -5.23 -25.26
CA PRO B 217 -1.79 -6.53 -25.70
C PRO B 217 -0.88 -7.75 -25.42
N GLY B 218 0.37 -7.50 -25.05
CA GLY B 218 1.33 -8.57 -24.77
C GLY B 218 2.40 -8.75 -25.84
N THR B 219 2.12 -8.24 -27.04
CA THR B 219 3.00 -8.30 -28.21
C THR B 219 3.95 -7.09 -28.23
N GLY B 220 4.79 -7.00 -29.27
CA GLY B 220 5.77 -5.92 -29.44
C GLY B 220 6.94 -6.04 -28.49
N THR B 221 7.28 -7.27 -28.12
CA THR B 221 8.35 -7.61 -27.18
C THR B 221 8.94 -9.00 -27.50
N TRP B 222 9.85 -9.48 -26.66
CA TRP B 222 10.47 -10.82 -26.82
C TRP B 222 9.44 -11.97 -26.82
N ASN B 223 9.65 -12.95 -27.72
CA ASN B 223 8.81 -14.15 -27.88
C ASN B 223 9.50 -15.39 -27.27
N LYS B 229 16.77 -22.25 -25.70
CA LYS B 229 17.16 -21.21 -26.65
C LYS B 229 16.73 -19.82 -26.17
N LEU B 230 17.54 -18.79 -26.50
CA LEU B 230 17.32 -17.39 -26.15
C LEU B 230 15.99 -16.83 -26.70
N PRO B 231 15.27 -15.95 -25.97
CA PRO B 231 14.01 -15.37 -26.51
C PRO B 231 14.30 -14.49 -27.74
N ILE B 232 13.36 -14.47 -28.70
CA ILE B 232 13.54 -13.71 -29.95
C ILE B 232 12.48 -12.67 -30.24
N PHE B 233 12.85 -11.67 -31.03
CA PHE B 233 11.92 -10.65 -31.49
C PHE B 233 11.46 -11.02 -32.88
N LEU B 234 10.15 -11.19 -33.06
CA LEU B 234 9.57 -11.44 -34.40
C LEU B 234 9.51 -10.07 -35.05
N ASN B 235 9.69 -10.03 -36.39
CA ASN B 235 9.81 -8.74 -37.10
C ASN B 235 9.21 -8.71 -38.51
N GLY B 236 8.21 -9.54 -38.76
CA GLY B 236 7.58 -9.64 -40.07
C GLY B 236 7.85 -11.00 -40.69
N ALA B 237 7.12 -11.35 -41.75
CA ALA B 237 7.30 -12.65 -42.39
C ALA B 237 7.25 -12.57 -43.93
N GLY B 238 7.86 -13.56 -44.59
CA GLY B 238 7.95 -13.61 -46.05
C GLY B 238 8.61 -12.36 -46.61
N ARG B 239 7.87 -11.63 -47.45
CA ARG B 239 8.32 -10.38 -48.08
C ARG B 239 8.42 -9.25 -47.05
N GLY B 240 7.68 -9.37 -45.96
CA GLY B 240 7.62 -8.41 -44.85
C GLY B 240 8.64 -8.66 -43.75
N ARG B 241 9.53 -9.64 -43.93
CA ARG B 241 10.57 -9.93 -42.93
C ARG B 241 11.43 -8.68 -42.68
N PHE B 242 11.74 -8.41 -41.39
CA PHE B 242 12.52 -7.27 -40.89
C PHE B 242 11.82 -5.91 -41.05
N SER B 243 10.50 -5.90 -41.40
CA SER B 243 9.73 -4.67 -41.65
C SER B 243 8.84 -4.19 -40.50
N ALA B 244 8.75 -4.98 -39.41
CA ALA B 244 7.97 -4.63 -38.21
C ALA B 244 8.96 -4.39 -37.06
N PHE B 245 9.06 -3.12 -36.64
CA PHE B 245 9.99 -2.71 -35.57
C PHE B 245 9.26 -2.47 -34.29
N ASN B 246 9.94 -2.74 -33.16
CA ASN B 246 9.38 -2.58 -31.84
C ASN B 246 10.41 -2.18 -30.81
N LEU B 247 10.03 -1.22 -29.96
CA LEU B 247 10.88 -0.79 -28.83
C LEU B 247 10.06 -0.88 -27.53
N PRO B 248 10.09 -2.04 -26.85
CA PRO B 248 9.36 -2.15 -25.58
C PRO B 248 10.17 -1.45 -24.49
N LEU B 249 9.51 -0.69 -23.63
CA LEU B 249 10.21 0.06 -22.59
C LEU B 249 9.62 -0.24 -21.24
N GLU B 250 10.47 -0.19 -20.22
CA GLU B 250 10.07 -0.38 -18.83
C GLU B 250 9.33 0.90 -18.35
N GLU B 251 8.52 0.75 -17.28
CA GLU B 251 7.76 1.86 -16.72
C GLU B 251 8.65 2.94 -16.10
N GLY B 252 8.12 4.18 -16.07
CA GLY B 252 8.78 5.35 -15.47
C GLY B 252 9.65 6.19 -16.38
N ILE B 253 9.67 5.90 -17.69
CA ILE B 253 10.50 6.69 -18.62
C ILE B 253 10.05 8.17 -18.70
N ASN B 254 11.01 9.12 -18.57
CA ASN B 254 10.74 10.55 -18.64
C ASN B 254 10.87 11.05 -20.09
N ASP B 255 10.64 12.36 -20.34
CA ASP B 255 10.69 12.97 -21.67
C ASP B 255 12.04 12.86 -22.39
N LEU B 256 13.14 13.12 -21.67
CA LEU B 256 14.50 13.12 -22.21
C LEU B 256 14.95 11.70 -22.60
N ASP B 257 14.73 10.72 -21.70
CA ASP B 257 15.13 9.34 -21.96
C ASP B 257 14.36 8.72 -23.10
N TRP B 258 13.06 9.03 -23.21
CA TRP B 258 12.15 8.57 -24.27
C TRP B 258 12.53 9.19 -25.62
N SER B 259 12.89 10.47 -25.62
CA SER B 259 13.34 11.23 -26.80
C SER B 259 14.66 10.64 -27.31
N ASN B 260 15.58 10.36 -26.39
CA ASN B 260 16.89 9.78 -26.70
C ASN B 260 16.77 8.32 -27.12
N ALA B 261 15.70 7.64 -26.68
CA ALA B 261 15.40 6.27 -27.04
C ALA B 261 14.95 6.17 -28.51
N ILE B 262 14.00 7.00 -28.95
CA ILE B 262 13.41 6.97 -30.30
C ILE B 262 14.01 7.89 -31.36
N GLY B 263 14.55 9.02 -30.94
CA GLY B 263 15.17 10.00 -31.82
C GLY B 263 16.09 9.38 -32.84
N PRO B 264 17.20 8.73 -32.42
CA PRO B 264 18.10 8.09 -33.41
C PRO B 264 17.47 6.95 -34.22
N ILE B 265 16.48 6.20 -33.66
CA ILE B 265 15.82 5.11 -34.38
C ILE B 265 14.94 5.69 -35.51
N LEU B 266 14.16 6.75 -35.17
CA LEU B 266 13.32 7.51 -36.11
C LEU B 266 14.15 8.07 -37.27
N ASP B 267 15.26 8.77 -36.97
CA ASP B 267 16.14 9.35 -38.00
C ASP B 267 16.78 8.31 -38.93
N SER B 268 17.16 7.15 -38.38
CA SER B 268 17.75 6.03 -39.13
C SER B 268 16.69 5.37 -40.01
N LEU B 269 15.45 5.26 -39.51
CA LEU B 269 14.35 4.69 -40.30
C LEU B 269 14.08 5.60 -41.48
N ASN B 270 14.02 6.93 -41.25
CA ASN B 270 13.86 7.87 -42.36
C ASN B 270 15.00 7.77 -43.39
N ILE B 271 16.27 7.70 -42.93
CA ILE B 271 17.43 7.60 -43.84
C ILE B 271 17.32 6.38 -44.75
N VAL B 272 17.13 5.19 -44.14
CA VAL B 272 17.07 3.91 -44.84
C VAL B 272 15.80 3.65 -45.63
N ILE B 273 14.59 3.79 -45.00
CA ILE B 273 13.31 3.55 -45.69
C ILE B 273 12.98 4.57 -46.77
N GLN B 274 13.35 5.86 -46.56
CA GLN B 274 13.03 6.98 -47.45
C GLN B 274 11.51 6.94 -47.74
N PRO B 275 10.67 7.01 -46.67
CA PRO B 275 9.21 6.91 -46.91
C PRO B 275 8.63 8.10 -47.69
N SER B 276 7.60 7.82 -48.49
CA SER B 276 6.88 8.82 -49.26
C SER B 276 5.85 9.51 -48.36
N TYR B 277 5.44 8.82 -47.30
CA TYR B 277 4.45 9.29 -46.33
C TYR B 277 4.81 8.77 -44.97
N VAL B 278 4.54 9.60 -43.95
CA VAL B 278 4.72 9.19 -42.55
C VAL B 278 3.35 9.19 -41.86
N VAL B 279 3.00 8.07 -41.19
CA VAL B 279 1.75 8.00 -40.42
C VAL B 279 2.13 7.87 -38.94
N VAL B 280 1.73 8.88 -38.14
CA VAL B 280 2.07 8.98 -36.72
C VAL B 280 0.86 8.80 -35.86
N GLN B 281 0.84 7.73 -35.04
CA GLN B 281 -0.21 7.56 -34.03
C GLN B 281 0.41 8.24 -32.77
N CYS B 282 -0.32 9.23 -32.21
CA CYS B 282 0.13 10.08 -31.11
C CYS B 282 -0.74 9.92 -29.84
N GLY B 283 -1.01 8.67 -29.48
CA GLY B 283 -1.76 8.33 -28.27
C GLY B 283 -1.13 8.98 -27.06
N ALA B 284 -1.96 9.70 -26.27
CA ALA B 284 -1.55 10.50 -25.11
C ALA B 284 -1.46 9.76 -23.78
N ASP B 285 -1.47 8.40 -23.83
CA ASP B 285 -1.38 7.60 -22.61
C ASP B 285 -0.01 7.44 -22.01
N CYS B 286 1.04 8.05 -22.63
CA CYS B 286 2.39 8.05 -22.01
C CYS B 286 2.54 9.26 -21.07
N LEU B 287 1.49 10.11 -20.96
CA LEU B 287 1.53 11.27 -20.05
C LEU B 287 1.63 10.79 -18.63
N ALA B 288 2.43 11.50 -17.83
CA ALA B 288 2.68 11.20 -16.43
C ALA B 288 1.39 11.14 -15.63
N THR B 289 0.41 12.00 -15.98
CA THR B 289 -0.88 12.21 -15.35
C THR B 289 -2.02 11.37 -15.99
N ASP B 290 -1.70 10.49 -16.94
CA ASP B 290 -2.71 9.60 -17.52
C ASP B 290 -3.07 8.59 -16.42
N PRO B 291 -4.35 8.14 -16.26
CA PRO B 291 -4.65 7.13 -15.20
C PRO B 291 -3.84 5.83 -15.25
N HIS B 292 -3.18 5.49 -16.38
CA HIS B 292 -2.30 4.30 -16.46
C HIS B 292 -1.10 4.44 -15.54
N ARG B 293 -0.58 5.69 -15.40
CA ARG B 293 0.57 6.01 -14.54
C ARG B 293 1.77 5.10 -14.81
N ILE B 294 2.13 4.94 -16.10
CA ILE B 294 3.26 4.07 -16.50
C ILE B 294 4.47 4.88 -16.96
N PHE B 295 4.32 5.66 -18.05
CA PHE B 295 5.44 6.53 -18.47
C PHE B 295 5.29 7.89 -17.78
N ARG B 296 6.35 8.71 -17.83
CA ARG B 296 6.39 10.02 -17.18
C ARG B 296 6.62 11.16 -18.19
N LEU B 297 5.92 11.08 -19.33
CA LEU B 297 6.00 12.11 -20.35
C LEU B 297 5.07 13.29 -19.98
N THR B 298 5.36 14.46 -20.52
CA THR B 298 4.64 15.69 -20.27
C THR B 298 4.33 16.32 -21.62
N ASN B 299 3.81 17.55 -21.61
CA ASN B 299 3.54 18.37 -22.80
C ASN B 299 4.38 19.66 -22.68
N PHE B 300 5.47 19.63 -21.88
CA PHE B 300 6.31 20.81 -21.63
C PHE B 300 6.99 21.33 -22.87
N TYR B 301 7.05 22.66 -23.00
CA TYR B 301 7.65 23.34 -24.13
C TYR B 301 8.50 24.49 -23.61
N PRO B 302 9.71 24.19 -23.09
CA PRO B 302 10.59 25.25 -22.57
C PRO B 302 11.14 26.12 -23.69
N ASP B 311 20.40 21.61 -19.20
CA ASP B 311 20.56 20.36 -18.44
C ASP B 311 19.77 20.38 -17.12
N SER B 312 19.69 21.57 -16.48
CA SER B 312 18.93 21.80 -15.25
C SER B 312 17.50 22.17 -15.60
N GLU B 313 17.27 22.58 -16.87
CA GLU B 313 15.94 23.00 -17.34
C GLU B 313 15.08 21.79 -17.64
N CYS B 314 13.76 22.01 -17.63
CA CYS B 314 12.76 21.00 -17.97
C CYS B 314 13.07 20.55 -19.39
N SER B 315 12.98 19.25 -19.65
CA SER B 315 13.22 18.76 -20.98
C SER B 315 11.97 19.03 -21.84
N LEU B 316 12.17 19.11 -23.15
CA LEU B 316 11.08 19.25 -24.09
C LEU B 316 10.32 17.91 -24.04
N SER B 317 8.99 17.99 -24.00
CA SER B 317 8.08 16.86 -24.07
C SER B 317 8.59 15.86 -25.12
N GLY B 318 8.59 14.58 -24.75
CA GLY B 318 8.98 13.47 -25.61
C GLY B 318 8.17 13.51 -26.88
N TYR B 319 6.85 13.73 -26.74
CA TYR B 319 5.90 13.85 -27.87
C TYR B 319 6.25 14.98 -28.83
N LEU B 320 6.52 16.18 -28.31
CA LEU B 320 6.87 17.33 -29.14
C LEU B 320 8.22 17.12 -29.81
N TYR B 321 9.16 16.48 -29.08
CA TYR B 321 10.49 16.14 -29.61
C TYR B 321 10.36 15.21 -30.84
N ALA B 322 9.55 14.12 -30.71
CA ALA B 322 9.29 13.13 -31.76
C ALA B 322 8.60 13.78 -32.93
N ILE B 323 7.51 14.55 -32.68
CA ILE B 323 6.75 15.24 -33.73
C ILE B 323 7.61 16.21 -34.53
N LYS B 324 8.39 17.06 -33.84
CA LYS B 324 9.33 18.00 -34.44
C LYS B 324 10.37 17.28 -35.27
N LYS B 325 10.89 16.13 -34.77
CA LYS B 325 11.87 15.32 -35.51
C LYS B 325 11.26 14.83 -36.83
N ILE B 326 10.05 14.25 -36.77
CA ILE B 326 9.33 13.72 -37.92
C ILE B 326 9.05 14.80 -38.96
N LEU B 327 8.64 15.97 -38.51
CA LEU B 327 8.32 17.07 -39.43
C LEU B 327 9.56 17.68 -40.10
N SER B 328 10.75 17.55 -39.47
CA SER B 328 12.00 18.06 -40.04
C SER B 328 12.41 17.30 -41.32
N TRP B 329 11.91 16.07 -41.51
CA TRP B 329 12.20 15.26 -42.69
C TRP B 329 11.48 15.77 -43.91
N LYS B 330 10.47 16.66 -43.72
CA LYS B 330 9.68 17.30 -44.79
C LYS B 330 9.01 16.26 -45.72
N VAL B 331 8.44 15.20 -45.11
CA VAL B 331 7.74 14.11 -45.80
C VAL B 331 6.24 14.28 -45.48
N PRO B 332 5.30 14.16 -46.46
CA PRO B 332 3.86 14.28 -46.13
C PRO B 332 3.46 13.39 -44.96
N THR B 333 2.91 14.01 -43.91
CA THR B 333 2.64 13.35 -42.64
C THR B 333 1.18 13.35 -42.19
N LEU B 334 0.77 12.22 -41.65
CA LEU B 334 -0.57 12.06 -41.09
C LEU B 334 -0.35 11.90 -39.60
N ILE B 335 -1.00 12.75 -38.77
CA ILE B 335 -0.88 12.75 -37.29
C ILE B 335 -2.22 12.36 -36.73
N LEU B 336 -2.25 11.25 -36.01
CA LEU B 336 -3.48 10.70 -35.44
C LEU B 336 -3.44 10.71 -33.91
N GLY B 337 -4.62 10.64 -33.29
CA GLY B 337 -4.80 10.54 -31.85
C GLY B 337 -4.59 9.10 -31.39
N GLY B 338 -5.53 8.60 -30.58
CA GLY B 338 -5.47 7.25 -30.01
C GLY B 338 -5.88 7.25 -28.56
N GLY B 339 -5.12 6.51 -27.74
CA GLY B 339 -5.34 6.50 -26.29
C GLY B 339 -5.07 7.84 -25.63
N GLY B 340 -5.49 7.97 -24.38
CA GLY B 340 -5.38 9.21 -23.62
C GLY B 340 -6.61 9.32 -22.76
N TYR B 341 -6.47 8.97 -21.49
CA TYR B 341 -7.59 8.82 -20.57
C TYR B 341 -7.81 9.91 -19.55
N ASN B 342 -6.87 10.85 -19.48
CA ASN B 342 -7.03 12.08 -18.71
C ASN B 342 -7.38 13.07 -19.84
N PHE B 343 -8.67 13.36 -20.04
CA PHE B 343 -9.17 14.21 -21.15
C PHE B 343 -8.61 15.63 -21.19
N PRO B 344 -8.58 16.40 -20.08
CA PRO B 344 -7.97 17.75 -20.17
C PRO B 344 -6.48 17.72 -20.49
N ASP B 345 -5.75 16.73 -19.97
CA ASP B 345 -4.31 16.63 -20.23
C ASP B 345 -4.01 16.16 -21.63
N THR B 346 -4.89 15.33 -22.20
CA THR B 346 -4.79 14.88 -23.61
C THR B 346 -4.98 16.10 -24.55
N ALA B 347 -6.02 16.94 -24.27
CA ALA B 347 -6.34 18.18 -24.98
C ALA B 347 -5.16 19.14 -24.90
N ARG B 348 -4.53 19.27 -23.70
CA ARG B 348 -3.35 20.12 -23.44
C ARG B 348 -2.14 19.69 -24.34
N LEU B 349 -1.87 18.38 -24.40
CA LEU B 349 -0.77 17.81 -25.22
C LEU B 349 -1.07 17.99 -26.71
N TRP B 350 -2.25 17.53 -27.17
CA TRP B 350 -2.62 17.62 -28.58
C TRP B 350 -2.75 19.04 -29.12
N THR B 351 -3.10 20.04 -28.25
CA THR B 351 -3.13 21.46 -28.62
C THR B 351 -1.69 21.92 -28.85
N ARG B 352 -0.76 21.46 -27.98
CA ARG B 352 0.65 21.77 -28.09
C ARG B 352 1.23 21.14 -29.36
N VAL B 353 0.85 19.86 -29.66
CA VAL B 353 1.27 19.15 -30.89
C VAL B 353 0.78 19.94 -32.14
N THR B 354 -0.46 20.44 -32.09
CA THR B 354 -1.08 21.22 -33.17
C THR B 354 -0.32 22.50 -33.48
N ALA B 355 -0.09 23.36 -32.45
CA ALA B 355 0.68 24.62 -32.52
C ALA B 355 2.09 24.37 -33.08
N LEU B 356 2.77 23.27 -32.62
CA LEU B 356 4.12 22.89 -33.06
C LEU B 356 4.11 22.54 -34.53
N THR B 357 3.09 21.77 -34.98
CA THR B 357 2.93 21.36 -36.36
C THR B 357 2.80 22.59 -37.29
N ILE B 358 2.01 23.62 -36.89
CA ILE B 358 1.82 24.85 -37.67
C ILE B 358 3.14 25.56 -37.82
N GLU B 359 3.88 25.66 -36.70
CA GLU B 359 5.18 26.31 -36.57
C GLU B 359 6.23 25.67 -37.47
N GLU B 360 6.33 24.34 -37.45
CA GLU B 360 7.31 23.58 -38.21
C GLU B 360 7.02 23.55 -39.69
N VAL B 361 5.75 23.44 -40.08
CA VAL B 361 5.33 23.36 -41.48
C VAL B 361 5.29 24.74 -42.13
N LYS B 362 4.66 25.72 -41.46
CA LYS B 362 4.52 27.07 -41.98
C LYS B 362 5.70 28.01 -41.68
N GLY B 363 6.47 27.73 -40.61
CA GLY B 363 7.55 28.60 -40.18
C GLY B 363 7.01 29.86 -39.51
N LYS B 364 5.82 29.76 -38.95
CA LYS B 364 5.04 30.83 -38.32
C LYS B 364 4.90 30.57 -36.83
N LYS B 365 5.49 31.47 -35.99
CA LYS B 365 5.48 31.42 -34.54
C LYS B 365 4.06 31.35 -33.97
N MET B 366 3.83 30.33 -33.13
CA MET B 366 2.55 30.08 -32.47
C MET B 366 2.78 30.12 -30.97
N THR B 367 2.57 31.30 -30.36
CA THR B 367 2.73 31.53 -28.94
C THR B 367 1.41 31.22 -28.23
N ILE B 368 1.49 30.32 -27.29
CA ILE B 368 0.37 29.87 -26.51
C ILE B 368 0.56 30.44 -25.12
N SER B 369 -0.47 31.12 -24.59
CA SER B 369 -0.34 31.66 -23.24
C SER B 369 -0.33 30.49 -22.18
N PRO B 370 0.42 30.60 -21.07
CA PRO B 370 0.40 29.51 -20.06
C PRO B 370 -0.99 29.32 -19.43
N GLU B 371 -1.84 30.37 -19.42
CA GLU B 371 -3.20 30.30 -18.92
C GLU B 371 -4.14 29.83 -20.02
N ILE B 372 -5.01 28.84 -19.69
CA ILE B 372 -6.06 28.28 -20.56
C ILE B 372 -7.03 29.42 -20.92
N PRO B 373 -7.36 29.62 -22.21
CA PRO B 373 -8.27 30.71 -22.56
C PRO B 373 -9.73 30.38 -22.21
N GLU B 374 -10.54 31.43 -22.18
CA GLU B 374 -11.96 31.37 -21.93
C GLU B 374 -12.61 30.60 -23.10
N HIS B 375 -13.48 29.63 -22.77
CA HIS B 375 -14.25 28.75 -23.65
C HIS B 375 -15.12 27.87 -22.75
N SER B 376 -16.16 27.23 -23.29
CA SER B 376 -17.16 26.46 -22.53
C SER B 376 -16.60 25.27 -21.74
N TYR B 377 -15.42 24.74 -22.13
CA TYR B 377 -14.77 23.68 -21.37
C TYR B 377 -13.64 24.19 -20.43
N PHE B 378 -13.59 25.52 -20.17
CA PHE B 378 -12.58 26.12 -19.27
C PHE B 378 -12.57 25.48 -17.88
N SER B 379 -13.77 25.20 -17.31
CA SER B 379 -13.92 24.59 -15.98
C SER B 379 -13.25 23.21 -15.81
N ARG B 380 -13.02 22.51 -16.90
CA ARG B 380 -12.38 21.18 -16.94
C ARG B 380 -10.84 21.24 -16.77
N TYR B 381 -10.23 22.44 -16.79
CA TYR B 381 -8.78 22.57 -16.66
C TYR B 381 -8.31 22.97 -15.30
N GLY B 382 -9.15 22.75 -14.30
CA GLY B 382 -8.89 23.08 -12.91
C GLY B 382 -7.97 22.09 -12.24
N PRO B 383 -7.40 22.42 -11.05
CA PRO B 383 -7.56 23.67 -10.28
C PRO B 383 -6.64 24.80 -10.72
N ASP B 384 -5.71 24.52 -11.64
CA ASP B 384 -4.68 25.44 -12.10
C ASP B 384 -5.07 26.30 -13.28
N PHE B 385 -5.87 25.75 -14.24
CA PHE B 385 -6.27 26.44 -15.50
C PHE B 385 -5.05 26.89 -16.33
N GLU B 386 -3.99 26.06 -16.31
CA GLU B 386 -2.74 26.27 -17.04
C GLU B 386 -2.58 25.19 -18.07
N LEU B 387 -1.82 25.51 -19.14
CA LEU B 387 -1.55 24.61 -20.26
C LEU B 387 -0.56 23.47 -19.94
N ASP B 388 0.40 23.68 -19.04
CA ASP B 388 1.34 22.62 -18.66
C ASP B 388 0.59 21.63 -17.80
N ILE B 389 0.78 20.32 -18.04
CA ILE B 389 0.14 19.30 -17.23
C ILE B 389 0.65 19.49 -15.79
N ASP B 390 -0.24 19.23 -14.80
CA ASP B 390 0.08 19.38 -13.39
C ASP B 390 0.93 18.18 -12.98
N TYR B 391 2.23 18.28 -13.24
CA TYR B 391 3.18 17.22 -12.98
C TYR B 391 4.54 17.80 -12.67
N PHE B 392 5.23 17.18 -11.71
CA PHE B 392 6.55 17.60 -11.24
C PHE B 392 7.62 16.54 -11.49
N PRO B 393 8.39 16.64 -12.60
CA PRO B 393 9.43 15.63 -12.88
C PRO B 393 10.52 15.66 -11.80
N HIS B 394 11.00 14.47 -11.43
CA HIS B 394 11.97 14.32 -10.34
C HIS B 394 12.95 13.21 -10.65
N ASP B 402 19.46 0.64 -16.82
CA ASP B 402 18.24 1.25 -17.37
C ASP B 402 18.36 1.67 -18.87
N SER B 403 19.60 1.72 -19.41
CA SER B 403 19.88 2.07 -20.80
C SER B 403 19.35 0.98 -21.74
N ILE B 404 19.21 1.28 -23.03
CA ILE B 404 18.61 0.38 -24.04
C ILE B 404 19.49 0.31 -25.30
N GLN B 405 20.82 0.33 -25.10
CA GLN B 405 21.81 0.32 -26.18
C GLN B 405 21.82 -0.99 -26.97
N LYS B 406 21.55 -2.12 -26.31
CA LYS B 406 21.42 -3.42 -26.99
C LYS B 406 20.17 -3.44 -27.90
N HIS B 407 19.10 -2.69 -27.53
CA HIS B 407 17.89 -2.52 -28.34
C HIS B 407 18.22 -1.70 -29.59
N HIS B 408 18.99 -0.61 -29.43
CA HIS B 408 19.47 0.21 -30.55
C HIS B 408 20.23 -0.65 -31.57
N ARG B 409 21.19 -1.47 -31.08
CA ARG B 409 21.99 -2.37 -31.90
C ARG B 409 21.12 -3.43 -32.61
N ARG B 410 20.10 -3.96 -31.92
CA ARG B 410 19.17 -4.95 -32.43
C ARG B 410 18.34 -4.40 -33.59
N ILE B 411 17.78 -3.19 -33.41
CA ILE B 411 16.94 -2.44 -34.36
C ILE B 411 17.73 -1.98 -35.61
N LEU B 412 18.94 -1.44 -35.41
CA LEU B 412 19.84 -1.03 -36.50
C LEU B 412 20.22 -2.25 -37.36
N GLU B 413 20.46 -3.42 -36.69
CA GLU B 413 20.78 -4.71 -37.36
C GLU B 413 19.58 -5.16 -38.19
N GLN B 414 18.37 -5.08 -37.64
CA GLN B 414 17.12 -5.41 -38.35
C GLN B 414 16.87 -4.45 -39.55
N LEU B 415 17.27 -3.18 -39.42
CA LEU B 415 17.11 -2.18 -40.48
C LEU B 415 18.05 -2.50 -41.64
N ARG B 416 19.29 -2.91 -41.28
CA ARG B 416 20.31 -3.36 -42.22
C ARG B 416 19.79 -4.60 -42.97
N ASN B 417 19.07 -5.52 -42.27
CA ASN B 417 18.51 -6.72 -42.89
C ASN B 417 17.35 -6.38 -43.79
N TYR B 418 16.54 -5.38 -43.42
CA TYR B 418 15.43 -4.91 -44.22
C TYR B 418 15.98 -4.27 -45.52
N ALA B 419 17.01 -3.39 -45.41
CA ALA B 419 17.64 -2.74 -46.58
C ALA B 419 18.16 -3.81 -47.54
N ASP B 420 18.83 -4.84 -47.01
CA ASP B 420 19.40 -5.96 -47.77
C ASP B 420 18.34 -6.77 -48.51
N LEU B 421 17.26 -7.16 -47.82
CA LEU B 421 16.17 -7.94 -48.42
C LEU B 421 15.51 -7.15 -49.54
N ASN B 422 15.20 -5.88 -49.29
CA ASN B 422 14.50 -5.00 -50.21
C ASN B 422 15.34 -4.30 -51.29
N LYS B 423 16.66 -4.61 -51.36
CA LYS B 423 17.62 -4.05 -52.33
C LYS B 423 17.70 -2.52 -52.26
N LEU B 424 17.59 -2.01 -51.03
CA LEU B 424 17.66 -0.58 -50.76
C LEU B 424 19.05 -0.21 -50.32
N ILE B 425 19.45 1.02 -50.60
CA ILE B 425 20.76 1.54 -50.22
C ILE B 425 20.81 1.68 -48.69
N TYR B 426 21.85 1.12 -48.08
CA TYR B 426 22.13 1.23 -46.66
C TYR B 426 23.35 2.17 -46.49
N ASP B 427 23.08 3.44 -46.21
CA ASP B 427 24.11 4.46 -46.04
C ASP B 427 24.68 4.39 -44.62
N TYR B 428 25.64 3.49 -44.41
CA TYR B 428 26.36 3.31 -43.15
C TYR B 428 26.87 4.64 -42.59
N ASP B 429 27.58 5.45 -43.40
CA ASP B 429 28.15 6.75 -43.03
C ASP B 429 27.18 7.68 -42.33
N GLN B 430 25.98 7.91 -42.95
CA GLN B 430 24.91 8.77 -42.43
C GLN B 430 24.36 8.23 -41.11
N VAL B 431 24.12 6.91 -41.05
CA VAL B 431 23.62 6.25 -39.85
C VAL B 431 24.65 6.33 -38.73
N TYR B 432 25.93 6.07 -39.07
CA TYR B 432 27.03 6.17 -38.11
C TYR B 432 27.10 7.57 -37.56
N GLN B 433 27.13 8.60 -38.44
CA GLN B 433 27.22 10.00 -38.05
C GLN B 433 26.10 10.43 -37.11
N LEU B 434 24.88 9.93 -37.32
CA LEU B 434 23.71 10.19 -36.45
C LEU B 434 23.99 9.70 -35.02
N TYR B 435 24.32 8.40 -34.87
CA TYR B 435 24.60 7.76 -33.58
C TYR B 435 25.89 8.29 -32.96
N ASN B 436 26.89 8.63 -33.81
CA ASN B 436 28.18 9.20 -33.39
C ASN B 436 28.00 10.51 -32.60
N LEU B 437 26.84 11.19 -32.78
CA LEU B 437 26.48 12.43 -32.08
C LEU B 437 26.35 12.23 -30.58
N THR B 438 25.77 11.08 -30.15
CA THR B 438 25.62 10.71 -28.74
C THR B 438 26.80 9.80 -28.30
N GLY B 439 27.82 9.69 -29.16
CA GLY B 439 29.00 8.88 -28.94
C GLY B 439 28.67 7.40 -28.96
N MET B 440 27.66 7.02 -29.79
CA MET B 440 27.13 5.66 -29.93
C MET B 440 27.22 5.12 -31.37
N GLY B 441 28.14 5.68 -32.14
CA GLY B 441 28.40 5.26 -33.53
C GLY B 441 28.73 3.78 -33.66
N SER B 442 29.37 3.20 -32.62
CA SER B 442 29.79 1.79 -32.51
C SER B 442 28.64 0.80 -32.55
N LEU B 443 27.42 1.25 -32.23
CA LEU B 443 26.21 0.43 -32.26
C LEU B 443 25.74 0.14 -33.68
N VAL B 444 26.15 1.00 -34.64
CA VAL B 444 25.79 0.93 -36.07
C VAL B 444 26.52 -0.21 -36.83
N PRO B 445 25.75 -1.17 -37.42
CA PRO B 445 26.40 -2.23 -38.21
C PRO B 445 26.76 -1.72 -39.62
N ARG B 446 27.76 -2.32 -40.27
CA ARG B 446 28.23 -1.94 -41.61
C ARG B 446 27.20 -2.26 -42.71
N SER C 2 -22.47 -11.75 45.10
CA SER C 2 -23.07 -10.62 44.39
C SER C 2 -22.07 -10.00 43.41
N VAL C 3 -22.53 -9.77 42.18
CA VAL C 3 -21.75 -9.15 41.11
C VAL C 3 -22.33 -7.77 40.95
N GLY C 4 -21.50 -6.76 41.15
CA GLY C 4 -21.91 -5.38 41.05
C GLY C 4 -21.58 -4.73 39.72
N ILE C 5 -22.36 -3.71 39.35
CA ILE C 5 -22.12 -2.94 38.12
C ILE C 5 -22.41 -1.47 38.40
N VAL C 6 -21.45 -0.61 38.06
CA VAL C 6 -21.62 0.84 38.28
C VAL C 6 -22.49 1.42 37.18
N TYR C 7 -23.62 2.02 37.57
CA TYR C 7 -24.59 2.64 36.68
C TYR C 7 -25.46 3.67 37.42
N GLY C 8 -26.01 4.59 36.65
CA GLY C 8 -26.90 5.65 37.08
C GLY C 8 -27.36 6.45 35.89
N ASP C 9 -28.45 7.23 36.04
CA ASP C 9 -28.98 8.09 34.98
C ASP C 9 -28.01 9.26 34.70
N GLN C 10 -27.59 10.01 35.75
CA GLN C 10 -26.61 11.10 35.60
C GLN C 10 -25.24 10.55 35.20
N TYR C 11 -24.83 9.41 35.78
CA TYR C 11 -23.56 8.76 35.44
C TYR C 11 -23.50 8.41 33.93
N ARG C 12 -24.61 7.88 33.37
CA ARG C 12 -24.71 7.50 31.97
C ARG C 12 -24.53 8.71 31.05
N GLN C 13 -25.24 9.82 31.35
CA GLN C 13 -25.16 11.06 30.58
C GLN C 13 -23.75 11.60 30.58
N LEU C 14 -23.10 11.62 31.78
CA LEU C 14 -21.73 12.12 31.94
C LEU C 14 -20.70 11.24 31.23
N CYS C 15 -20.90 9.89 31.24
CA CYS C 15 -19.99 8.94 30.57
C CYS C 15 -20.14 9.01 29.06
N CYS C 16 -21.28 9.57 28.59
CA CYS C 16 -21.60 9.76 27.17
C CYS C 16 -21.42 11.21 26.67
N SER C 17 -20.84 12.09 27.50
CA SER C 17 -20.70 13.52 27.23
C SER C 17 -19.40 13.95 26.55
N SER C 18 -18.44 13.02 26.37
CA SER C 18 -17.16 13.33 25.77
C SER C 18 -17.12 13.20 24.24
N PRO C 19 -16.39 14.09 23.52
CA PRO C 19 -16.30 13.95 22.06
C PRO C 19 -15.60 12.68 21.55
N LYS C 20 -14.54 12.19 22.23
CA LYS C 20 -13.82 10.98 21.79
C LYS C 20 -14.62 9.71 22.04
N PHE C 21 -15.24 9.59 23.23
CA PHE C 21 -15.92 8.35 23.56
C PHE C 21 -17.39 8.26 23.22
N GLY C 22 -17.95 9.38 22.76
CA GLY C 22 -19.34 9.49 22.35
C GLY C 22 -20.28 8.73 23.26
N ASP C 23 -21.13 7.89 22.68
CA ASP C 23 -22.14 7.08 23.38
C ASP C 23 -21.72 5.63 23.68
N ARG C 24 -20.41 5.29 23.62
CA ARG C 24 -19.89 3.93 23.85
C ARG C 24 -20.46 3.28 25.12
N TYR C 25 -20.47 4.02 26.25
CA TYR C 25 -20.96 3.54 27.55
C TYR C 25 -22.44 3.18 27.47
N ALA C 26 -23.25 3.96 26.71
CA ALA C 26 -24.68 3.69 26.49
C ALA C 26 -24.87 2.42 25.67
N LEU C 27 -24.05 2.21 24.62
CA LEU C 27 -24.16 0.98 23.83
C LEU C 27 -23.85 -0.26 24.68
N VAL C 28 -22.81 -0.17 25.55
CA VAL C 28 -22.34 -1.25 26.42
C VAL C 28 -23.43 -1.62 27.41
N MET C 29 -23.89 -0.65 28.20
CA MET C 29 -24.93 -0.85 29.21
C MET C 29 -26.26 -1.34 28.67
N ASP C 30 -26.70 -0.78 27.51
CA ASP C 30 -27.96 -1.16 26.88
C ASP C 30 -27.89 -2.55 26.23
N LEU C 31 -26.69 -3.03 25.86
CA LEU C 31 -26.53 -4.38 25.30
C LEU C 31 -26.62 -5.37 26.43
N ILE C 32 -26.02 -5.02 27.59
CA ILE C 32 -26.04 -5.83 28.81
C ILE C 32 -27.48 -5.94 29.25
N ASN C 33 -28.21 -4.80 29.23
CA ASN C 33 -29.63 -4.73 29.55
C ASN C 33 -30.50 -5.51 28.54
N ALA C 34 -30.19 -5.42 27.23
CA ALA C 34 -30.99 -6.11 26.20
C ALA C 34 -30.88 -7.64 26.34
N TYR C 35 -29.70 -8.13 26.77
CA TYR C 35 -29.43 -9.54 27.03
C TYR C 35 -29.96 -10.04 28.40
N LYS C 36 -30.66 -9.16 29.14
CA LYS C 36 -31.34 -9.41 30.43
C LYS C 36 -30.39 -9.73 31.58
N LEU C 37 -29.22 -9.13 31.53
CA LEU C 37 -28.18 -9.32 32.52
C LEU C 37 -28.36 -8.40 33.72
N ILE C 38 -28.92 -7.19 33.52
CA ILE C 38 -29.16 -6.16 34.53
C ILE C 38 -29.84 -6.68 35.82
N PRO C 39 -30.95 -7.49 35.78
CA PRO C 39 -31.53 -8.02 37.03
C PRO C 39 -30.63 -9.03 37.79
N GLU C 40 -29.57 -9.54 37.12
CA GLU C 40 -28.63 -10.47 37.74
C GLU C 40 -27.57 -9.73 38.54
N LEU C 41 -27.50 -8.40 38.32
CA LEU C 41 -26.47 -7.53 38.84
C LEU C 41 -26.93 -6.56 39.87
N SER C 42 -26.05 -6.30 40.84
CA SER C 42 -26.30 -5.36 41.91
C SER C 42 -25.82 -3.98 41.43
N ARG C 43 -26.74 -3.00 41.24
CA ARG C 43 -26.35 -1.66 40.79
CA ARG C 43 -26.36 -1.65 40.79
C ARG C 43 -25.54 -0.94 41.87
N VAL C 44 -24.34 -0.49 41.52
CA VAL C 44 -23.46 0.24 42.44
C VAL C 44 -23.57 1.72 42.06
N PRO C 45 -24.24 2.56 42.85
CA PRO C 45 -24.35 3.98 42.47
C PRO C 45 -23.01 4.71 42.58
N PRO C 46 -22.68 5.68 41.69
CA PRO C 46 -21.38 6.40 41.83
C PRO C 46 -21.28 7.16 43.15
N LEU C 47 -20.06 7.32 43.68
CA LEU C 47 -19.82 8.06 44.94
C LEU C 47 -20.11 9.55 44.77
N GLN C 48 -20.81 10.14 45.76
CA GLN C 48 -21.11 11.56 45.87
C GLN C 48 -20.38 12.03 47.11
N TRP C 49 -20.11 13.32 47.21
CA TRP C 49 -19.43 13.90 48.37
C TRP C 49 -20.29 14.94 49.03
N ASP C 50 -20.14 15.08 50.37
CA ASP C 50 -20.85 16.05 51.23
C ASP C 50 -20.57 17.53 50.89
N SER C 51 -19.48 17.82 50.14
CA SER C 51 -19.11 19.19 49.76
C SER C 51 -18.03 19.23 48.68
N PRO C 52 -17.82 20.40 47.99
CA PRO C 52 -16.66 20.50 47.06
C PRO C 52 -15.31 20.16 47.71
N SER C 53 -15.10 20.48 49.01
CA SER C 53 -13.82 20.21 49.69
C SER C 53 -13.55 18.72 49.90
N ARG C 54 -14.60 17.92 50.18
CA ARG C 54 -14.46 16.47 50.33
C ARG C 54 -14.16 15.85 48.96
N MET C 55 -14.78 16.38 47.90
CA MET C 55 -14.53 15.92 46.52
C MET C 55 -13.05 16.22 46.18
N TYR C 56 -12.64 17.47 46.41
CA TYR C 56 -11.27 17.93 46.16
C TYR C 56 -10.25 17.09 46.92
N GLU C 57 -10.55 16.76 48.19
CA GLU C 57 -9.72 15.93 49.06
C GLU C 57 -9.56 14.52 48.46
N ALA C 58 -10.65 13.96 47.90
CA ALA C 58 -10.66 12.61 47.34
C ALA C 58 -9.76 12.51 46.12
N VAL C 59 -9.97 13.44 45.14
CA VAL C 59 -9.22 13.53 43.89
C VAL C 59 -7.75 13.86 44.11
N THR C 60 -7.47 14.78 45.07
CA THR C 60 -6.10 15.18 45.41
C THR C 60 -5.31 14.14 46.23
N ALA C 61 -5.92 12.97 46.57
CA ALA C 61 -5.19 11.87 47.22
C ALA C 61 -4.10 11.38 46.24
N PHE C 62 -4.32 11.57 44.91
CA PHE C 62 -3.33 11.27 43.85
C PHE C 62 -2.96 12.52 43.04
N HIS C 63 -3.95 13.25 42.54
CA HIS C 63 -3.73 14.39 41.67
C HIS C 63 -3.29 15.64 42.39
N SER C 64 -2.44 16.46 41.74
CA SER C 64 -2.04 17.71 42.39
C SER C 64 -3.24 18.68 42.43
N THR C 65 -3.22 19.59 43.43
CA THR C 65 -4.24 20.62 43.58
C THR C 65 -4.28 21.48 42.31
N GLU C 66 -3.09 21.87 41.76
CA GLU C 66 -2.96 22.71 40.56
C GLU C 66 -3.58 22.12 39.31
N TYR C 67 -3.36 20.82 39.08
CA TYR C 67 -3.95 20.07 37.97
C TYR C 67 -5.51 20.02 38.06
N VAL C 68 -6.07 19.75 39.25
CA VAL C 68 -7.52 19.64 39.49
C VAL C 68 -8.19 21.02 39.25
N ASP C 69 -7.50 22.10 39.66
CA ASP C 69 -7.90 23.50 39.49
C ASP C 69 -7.96 23.87 38.00
N ALA C 70 -6.92 23.48 37.22
CA ALA C 70 -6.80 23.72 35.78
C ALA C 70 -7.89 22.95 35.03
N LEU C 71 -8.15 21.70 35.46
CA LEU C 71 -9.18 20.85 34.87
C LEU C 71 -10.59 21.40 35.10
N LYS C 72 -10.87 21.90 36.31
CA LYS C 72 -12.14 22.54 36.63
C LYS C 72 -12.30 23.89 35.86
N LYS C 73 -11.21 24.68 35.76
CA LYS C 73 -11.20 25.95 35.01
C LYS C 73 -11.47 25.70 33.52
N LEU C 74 -10.94 24.60 32.98
CA LEU C 74 -11.09 24.19 31.57
C LEU C 74 -12.55 23.95 31.16
N GLN C 75 -13.33 23.28 32.02
CA GLN C 75 -14.76 23.01 31.83
C GLN C 75 -15.52 24.35 31.84
N MET C 76 -15.24 25.18 32.87
CA MET C 76 -15.80 26.51 33.05
C MET C 76 -15.54 27.40 31.84
N LEU C 77 -14.29 27.41 31.30
CA LEU C 77 -14.01 28.23 30.10
C LEU C 77 -14.80 27.67 28.89
N HIS C 78 -14.88 26.33 28.76
CA HIS C 78 -15.66 25.71 27.68
C HIS C 78 -17.17 25.92 27.75
N CYS C 79 -17.70 26.29 28.93
CA CYS C 79 -19.11 26.60 29.13
C CYS C 79 -19.43 28.05 28.81
N GLU C 80 -18.40 28.88 28.60
CA GLU C 80 -18.56 30.30 28.23
C GLU C 80 -17.78 30.65 26.97
N LEU C 84 -10.38 31.58 24.93
CA LEU C 84 -9.24 31.40 25.83
C LEU C 84 -8.16 32.44 25.57
N THR C 85 -7.57 32.96 26.67
CA THR C 85 -6.48 33.95 26.66
C THR C 85 -5.14 33.21 26.49
N ALA C 86 -4.08 33.94 26.10
CA ALA C 86 -2.73 33.40 25.92
C ALA C 86 -2.23 32.72 27.21
N ASP C 87 -2.50 33.30 28.39
CA ASP C 87 -2.11 32.74 29.69
C ASP C 87 -2.87 31.47 30.06
N ASP C 88 -4.17 31.38 29.72
CA ASP C 88 -5.03 30.22 29.97
C ASP C 88 -4.53 29.05 29.14
N GLU C 89 -4.17 29.30 27.87
CA GLU C 89 -3.60 28.31 26.95
C GLU C 89 -2.26 27.77 27.48
N LEU C 90 -1.38 28.66 28.01
CA LEU C 90 -0.10 28.23 28.60
C LEU C 90 -0.32 27.33 29.81
N LEU C 91 -1.28 27.72 30.66
CA LEU C 91 -1.68 26.98 31.85
C LEU C 91 -2.21 25.60 31.45
N MET C 92 -3.13 25.51 30.44
CA MET C 92 -3.68 24.23 29.97
C MET C 92 -2.62 23.32 29.34
N ASP C 93 -1.72 23.91 28.56
CA ASP C 93 -0.59 23.20 27.94
C ASP C 93 0.37 22.61 28.99
N SER C 94 0.61 23.33 30.09
CA SER C 94 1.48 22.85 31.16
C SER C 94 0.95 21.57 31.84
N PHE C 95 -0.38 21.25 31.68
CA PHE C 95 -1.00 20.03 32.24
C PHE C 95 -1.39 19.06 31.13
N SER C 96 -0.87 19.30 29.89
CA SER C 96 -1.19 18.56 28.65
C SER C 96 -2.71 18.53 28.41
N LEU C 97 -3.44 19.62 28.78
CA LEU C 97 -4.89 19.75 28.58
C LEU C 97 -5.16 20.33 27.17
N ASN C 98 -4.70 19.55 26.17
CA ASN C 98 -4.71 19.85 24.74
C ASN C 98 -4.63 18.55 23.94
N TYR C 99 -4.61 18.65 22.62
CA TYR C 99 -4.44 17.55 21.68
C TYR C 99 -5.44 16.40 21.93
N ASP C 100 -4.97 15.26 22.49
CA ASP C 100 -5.75 14.05 22.80
C ASP C 100 -6.60 14.22 24.05
N CYS C 101 -6.29 15.22 24.87
CA CYS C 101 -7.06 15.55 26.08
C CYS C 101 -7.49 17.00 25.99
N PRO C 102 -8.37 17.37 25.03
CA PRO C 102 -8.76 18.77 24.94
C PRO C 102 -9.85 19.08 25.95
N GLY C 103 -10.17 20.35 26.05
CA GLY C 103 -11.30 20.78 26.85
C GLY C 103 -12.59 20.55 26.10
N PHE C 104 -13.68 20.52 26.83
CA PHE C 104 -15.03 20.38 26.30
C PHE C 104 -15.96 20.75 27.42
N PRO C 105 -17.21 21.21 27.16
CA PRO C 105 -18.08 21.71 28.26
C PRO C 105 -18.26 20.84 29.49
N SER C 106 -18.11 19.51 29.38
CA SER C 106 -18.29 18.62 30.54
C SER C 106 -17.02 17.88 30.92
N VAL C 107 -15.84 18.38 30.49
CA VAL C 107 -14.53 17.79 30.76
C VAL C 107 -14.27 17.37 32.21
N PHE C 108 -14.52 18.26 33.19
CA PHE C 108 -14.29 17.94 34.58
C PHE C 108 -15.30 16.90 35.08
N ASP C 109 -16.60 17.15 34.85
CA ASP C 109 -17.71 16.28 35.23
C ASP C 109 -17.56 14.85 34.64
N TYR C 110 -17.20 14.76 33.37
CA TYR C 110 -16.95 13.49 32.68
C TYR C 110 -15.78 12.72 33.35
N SER C 111 -14.66 13.44 33.61
CA SER C 111 -13.42 12.91 34.20
C SER C 111 -13.68 12.44 35.62
N LEU C 112 -14.39 13.27 36.42
CA LEU C 112 -14.74 13.00 37.82
C LEU C 112 -15.71 11.82 37.95
N ALA C 113 -16.67 11.67 37.01
CA ALA C 113 -17.66 10.59 37.03
C ALA C 113 -17.03 9.20 37.11
N ALA C 114 -15.92 8.98 36.37
CA ALA C 114 -15.19 7.70 36.35
C ALA C 114 -14.55 7.45 37.69
N VAL C 115 -14.07 8.53 38.37
CA VAL C 115 -13.52 8.48 39.74
C VAL C 115 -14.65 8.08 40.70
N GLN C 116 -15.78 8.81 40.68
CA GLN C 116 -16.98 8.50 41.49
C GLN C 116 -17.40 7.03 41.33
N GLY C 117 -17.35 6.52 40.10
CA GLY C 117 -17.72 5.15 39.77
C GLY C 117 -16.78 4.11 40.34
N SER C 118 -15.46 4.27 40.08
CA SER C 118 -14.45 3.32 40.55
C SER C 118 -14.24 3.35 42.05
N LEU C 119 -14.42 4.53 42.68
CA LEU C 119 -14.33 4.68 44.14
C LEU C 119 -15.50 3.99 44.82
N ALA C 120 -16.73 4.15 44.26
CA ALA C 120 -17.93 3.48 44.81
C ALA C 120 -17.79 1.95 44.63
N ALA C 121 -17.16 1.52 43.50
CA ALA C 121 -16.88 0.12 43.15
C ALA C 121 -15.92 -0.49 44.19
N ALA C 122 -14.82 0.23 44.51
CA ALA C 122 -13.84 -0.17 45.52
C ALA C 122 -14.54 -0.36 46.89
N SER C 123 -15.40 0.60 47.28
CA SER C 123 -16.14 0.55 48.57
C SER C 123 -17.12 -0.62 48.68
N ALA C 124 -17.78 -0.99 47.57
CA ALA C 124 -18.71 -2.16 47.53
C ALA C 124 -17.95 -3.46 47.84
N LEU C 125 -16.69 -3.57 47.38
CA LEU C 125 -15.78 -4.71 47.67
C LEU C 125 -15.33 -4.69 49.14
N ILE C 126 -14.91 -3.50 49.66
CA ILE C 126 -14.43 -3.31 51.05
C ILE C 126 -15.47 -3.79 52.08
N CYS C 127 -16.71 -3.28 52.00
CA CYS C 127 -17.80 -3.66 52.90
C CYS C 127 -18.39 -5.07 52.59
N ARG C 128 -17.82 -5.79 51.60
CA ARG C 128 -18.22 -7.14 51.18
C ARG C 128 -19.66 -7.24 50.59
N HIS C 129 -20.20 -6.12 50.08
CA HIS C 129 -21.52 -6.11 49.45
C HIS C 129 -21.48 -6.86 48.09
N CYS C 130 -20.34 -6.79 47.39
CA CYS C 130 -20.12 -7.44 46.10
C CYS C 130 -18.81 -8.22 46.17
N GLU C 131 -18.78 -9.37 45.52
CA GLU C 131 -17.55 -10.18 45.43
C GLU C 131 -16.76 -9.61 44.27
N VAL C 132 -17.48 -9.17 43.22
CA VAL C 132 -16.91 -8.52 42.04
C VAL C 132 -17.72 -7.26 41.70
N VAL C 133 -17.04 -6.19 41.27
CA VAL C 133 -17.67 -4.96 40.78
C VAL C 133 -17.13 -4.59 39.39
N ILE C 134 -18.04 -4.31 38.47
CA ILE C 134 -17.72 -3.89 37.11
C ILE C 134 -17.96 -2.37 36.95
N ASN C 135 -17.05 -1.64 36.30
CA ASN C 135 -17.24 -0.24 35.95
C ASN C 135 -16.79 0.01 34.52
N TRP C 136 -17.72 -0.10 33.56
CA TRP C 136 -17.41 0.14 32.14
C TRP C 136 -17.20 1.65 31.81
N GLY C 137 -17.44 2.51 32.79
CA GLY C 137 -17.17 3.95 32.70
C GLY C 137 -15.79 4.35 33.23
N GLY C 138 -15.03 3.38 33.75
CA GLY C 138 -13.68 3.59 34.29
C GLY C 138 -12.60 2.89 33.47
N GLY C 139 -11.34 2.98 33.93
CA GLY C 139 -10.18 2.35 33.28
C GLY C 139 -9.18 3.30 32.65
N TRP C 140 -9.18 4.56 33.12
CA TRP C 140 -8.37 5.66 32.63
C TRP C 140 -6.92 5.67 33.14
N HIS C 141 -6.22 4.58 32.77
CA HIS C 141 -4.87 4.17 33.12
C HIS C 141 -3.72 5.10 32.83
N HIS C 142 -3.85 6.03 31.88
CA HIS C 142 -2.73 6.92 31.53
C HIS C 142 -2.64 8.22 32.29
N ALA C 143 -3.68 8.64 33.01
CA ALA C 143 -3.67 9.94 33.69
C ALA C 143 -2.62 9.96 34.79
N LYS C 144 -1.78 11.03 34.82
CA LYS C 144 -0.69 11.21 35.80
C LYS C 144 -1.10 12.23 36.86
N ARG C 145 -0.25 12.42 37.88
CA ARG C 145 -0.52 13.35 38.98
C ARG C 145 -0.89 14.76 38.51
N SER C 146 -0.13 15.30 37.56
CA SER C 146 -0.33 16.68 37.09
C SER C 146 -0.36 16.69 35.58
N GLU C 147 -0.92 15.66 34.95
CA GLU C 147 -0.92 15.58 33.50
C GLU C 147 -2.03 14.70 32.96
N ALA C 148 -2.77 15.22 31.96
CA ALA C 148 -3.78 14.46 31.21
C ALA C 148 -2.98 13.70 30.17
N SER C 149 -3.29 12.44 29.91
CA SER C 149 -2.49 11.66 28.97
C SER C 149 -3.35 10.59 28.33
N GLY C 150 -3.12 10.32 27.05
CA GLY C 150 -3.82 9.29 26.26
C GLY C 150 -5.31 9.18 26.50
N PHE C 151 -6.04 10.29 26.33
CA PHE C 151 -7.50 10.36 26.53
C PHE C 151 -7.97 10.22 28.01
N CYS C 152 -7.00 10.21 28.95
CA CYS C 152 -7.22 10.03 30.39
C CYS C 152 -6.93 11.31 31.12
N TYR C 153 -7.95 11.87 31.82
CA TYR C 153 -7.81 13.12 32.57
C TYR C 153 -7.58 12.85 34.04
N LEU C 154 -8.41 11.99 34.64
CA LEU C 154 -8.27 11.62 36.04
C LEU C 154 -8.11 10.11 36.16
N ASN C 155 -7.11 9.71 36.96
CA ASN C 155 -6.83 8.29 37.15
C ASN C 155 -7.70 7.64 38.22
N ASP C 156 -8.92 7.20 37.79
CA ASP C 156 -9.91 6.50 38.59
C ASP C 156 -9.36 5.20 39.20
N ILE C 157 -8.41 4.55 38.48
CA ILE C 157 -7.75 3.30 38.88
C ILE C 157 -6.84 3.51 40.08
N VAL C 158 -5.96 4.52 40.04
CA VAL C 158 -5.03 4.86 41.15
C VAL C 158 -5.82 5.16 42.41
N LEU C 159 -6.86 5.97 42.27
CA LEU C 159 -7.72 6.37 43.38
C LEU C 159 -8.45 5.19 44.03
N ALA C 160 -9.02 4.28 43.20
CA ALA C 160 -9.70 3.06 43.64
C ALA C 160 -8.75 2.11 44.37
N ILE C 161 -7.53 1.88 43.81
CA ILE C 161 -6.49 1.01 44.36
C ILE C 161 -6.02 1.56 45.70
N HIS C 162 -5.77 2.88 45.77
CA HIS C 162 -5.35 3.53 47.00
C HIS C 162 -6.43 3.34 48.08
N ARG C 163 -7.73 3.41 47.71
CA ARG C 163 -8.83 3.17 48.65
C ARG C 163 -8.82 1.72 49.16
N LEU C 164 -8.61 0.75 48.24
CA LEU C 164 -8.57 -0.67 48.58
C LEU C 164 -7.33 -1.01 49.44
N VAL C 165 -6.15 -0.48 49.09
CA VAL C 165 -4.92 -0.76 49.82
C VAL C 165 -4.89 -0.13 51.22
N SER C 166 -5.68 0.95 51.45
CA SER C 166 -5.79 1.70 52.71
C SER C 166 -6.78 1.09 53.70
N SER C 167 -7.48 0.02 53.29
CA SER C 167 -8.43 -0.71 54.13
C SER C 167 -7.78 -1.94 54.76
N THR C 168 -8.52 -2.65 55.64
CA THR C 168 -8.11 -3.91 56.28
C THR C 168 -9.29 -4.85 56.54
N GLN C 177 0.55 -6.04 54.74
CA GLN C 177 -0.47 -7.10 54.76
C GLN C 177 -1.48 -6.98 53.61
N THR C 178 -2.25 -5.86 53.51
CA THR C 178 -3.20 -5.67 52.39
C THR C 178 -2.41 -5.39 51.12
N ARG C 179 -2.50 -6.34 50.18
CA ARG C 179 -1.86 -6.28 48.87
C ARG C 179 -2.90 -6.25 47.77
N VAL C 180 -2.67 -5.36 46.76
CA VAL C 180 -3.50 -5.25 45.57
C VAL C 180 -2.67 -5.70 44.34
N LEU C 181 -3.27 -6.54 43.47
CA LEU C 181 -2.70 -6.92 42.19
C LEU C 181 -3.46 -6.17 41.12
N TYR C 182 -2.72 -5.37 40.31
CA TYR C 182 -3.30 -4.64 39.20
C TYR C 182 -2.91 -5.33 37.89
N VAL C 183 -3.92 -5.68 37.08
CA VAL C 183 -3.73 -6.40 35.82
C VAL C 183 -4.28 -5.52 34.72
N ASP C 184 -3.40 -5.12 33.77
CA ASP C 184 -3.80 -4.21 32.68
C ASP C 184 -3.79 -4.96 31.35
N LEU C 185 -5.00 -5.28 30.85
CA LEU C 185 -5.20 -6.04 29.61
C LEU C 185 -5.35 -5.20 28.35
N ASP C 186 -5.36 -3.86 28.50
CA ASP C 186 -5.49 -2.88 27.41
C ASP C 186 -4.33 -3.03 26.44
N LEU C 187 -4.53 -2.61 25.19
CA LEU C 187 -3.49 -2.62 24.15
C LEU C 187 -2.31 -1.74 24.54
N HIS C 188 -2.55 -0.70 25.36
CA HIS C 188 -1.50 0.23 25.77
C HIS C 188 -0.95 -0.04 27.15
N HIS C 189 0.35 0.27 27.35
CA HIS C 189 1.01 0.13 28.64
C HIS C 189 0.29 1.02 29.67
N GLY C 190 -0.10 0.44 30.78
CA GLY C 190 -0.73 1.19 31.87
C GLY C 190 0.31 1.95 32.66
N ASP C 191 0.92 2.96 32.02
CA ASP C 191 1.97 3.80 32.60
C ASP C 191 1.55 4.60 33.84
N GLY C 192 0.35 5.22 33.83
CA GLY C 192 -0.13 6.04 34.94
C GLY C 192 -0.25 5.28 36.25
N VAL C 193 -0.79 4.05 36.19
CA VAL C 193 -0.95 3.21 37.37
C VAL C 193 0.41 2.73 37.88
N GLU C 194 1.25 2.22 36.95
CA GLU C 194 2.59 1.70 37.22
C GLU C 194 3.41 2.76 37.96
N GLU C 195 3.44 3.99 37.43
CA GLU C 195 4.17 5.15 37.95
C GLU C 195 3.73 5.57 39.36
N ALA C 196 2.39 5.62 39.60
CA ALA C 196 1.80 5.97 40.90
C ALA C 196 2.24 5.01 42.00
N PHE C 197 2.37 3.71 41.69
CA PHE C 197 2.73 2.66 42.66
C PHE C 197 4.17 2.09 42.50
N TRP C 198 5.04 2.80 41.76
CA TRP C 198 6.43 2.45 41.45
C TRP C 198 7.32 2.16 42.67
N TYR C 199 7.13 2.92 43.76
CA TYR C 199 7.93 2.79 45.01
C TYR C 199 7.16 2.03 46.09
N SER C 200 6.09 1.32 45.69
CA SER C 200 5.19 0.62 46.60
C SER C 200 5.12 -0.89 46.37
N PRO C 201 5.55 -1.71 47.36
CA PRO C 201 5.45 -3.17 47.19
C PRO C 201 4.03 -3.72 47.34
N ARG C 202 3.13 -2.99 48.05
CA ARG C 202 1.75 -3.41 48.34
C ARG C 202 0.78 -3.37 47.13
N VAL C 203 1.21 -2.70 46.07
CA VAL C 203 0.46 -2.59 44.82
C VAL C 203 1.35 -3.10 43.72
N VAL C 204 1.10 -4.36 43.32
CA VAL C 204 1.88 -4.99 42.27
C VAL C 204 1.14 -4.73 40.97
N THR C 205 1.84 -4.15 39.98
CA THR C 205 1.21 -3.84 38.69
C THR C 205 1.70 -4.81 37.63
N PHE C 206 0.80 -5.21 36.73
CA PHE C 206 1.18 -6.09 35.64
C PHE C 206 0.47 -5.63 34.39
N SER C 207 1.24 -5.23 33.39
CA SER C 207 0.64 -4.76 32.16
C SER C 207 1.08 -5.60 30.97
N VAL C 208 0.09 -6.11 30.21
CA VAL C 208 0.35 -6.80 28.94
C VAL C 208 -0.07 -5.80 27.85
N HIS C 209 0.76 -5.58 26.83
CA HIS C 209 0.46 -4.54 25.84
C HIS C 209 1.30 -4.66 24.62
N HIS C 210 0.97 -3.87 23.59
CA HIS C 210 1.83 -3.73 22.45
C HIS C 210 2.86 -2.62 22.76
N ALA C 211 4.10 -2.85 22.38
CA ALA C 211 5.17 -1.86 22.44
C ALA C 211 5.97 -1.99 21.15
N SER C 212 6.22 -0.85 20.49
CA SER C 212 7.03 -0.72 19.28
C SER C 212 7.54 0.72 19.18
N PRO C 213 8.60 1.02 18.36
CA PRO C 213 9.06 2.41 18.28
C PRO C 213 7.99 3.38 17.79
N GLY C 214 7.75 4.41 18.57
CA GLY C 214 6.75 5.41 18.21
C GLY C 214 5.34 5.08 18.66
N PHE C 215 5.13 3.91 19.25
CA PHE C 215 3.81 3.51 19.75
C PHE C 215 3.64 4.01 21.20
N PHE C 216 2.50 4.69 21.46
CA PHE C 216 2.15 5.25 22.75
C PHE C 216 1.97 4.17 23.85
N PRO C 217 2.42 4.43 25.11
CA PRO C 217 3.21 5.59 25.57
C PRO C 217 4.72 5.49 25.34
N GLY C 218 5.20 4.31 25.00
CA GLY C 218 6.63 4.07 24.77
C GLY C 218 7.32 3.34 25.90
N THR C 219 6.59 3.19 27.02
CA THR C 219 7.08 2.52 28.23
C THR C 219 6.53 1.09 28.31
N GLY C 220 6.90 0.36 29.36
CA GLY C 220 6.53 -1.02 29.56
C GLY C 220 7.32 -1.96 28.69
N THR C 221 8.54 -1.55 28.36
CA THR C 221 9.44 -2.31 27.49
C THR C 221 10.90 -2.11 27.86
N TRP C 222 11.82 -2.71 27.09
CA TRP C 222 13.27 -2.59 27.25
C TRP C 222 13.69 -1.13 27.24
N ASN C 223 14.60 -0.79 28.15
CA ASN C 223 15.17 0.53 28.33
C ASN C 223 16.63 0.45 27.90
N MET C 224 17.08 1.45 27.11
CA MET C 224 18.45 1.51 26.60
C MET C 224 19.30 2.57 27.32
N LYS C 229 26.43 -1.66 27.09
CA LYS C 229 25.65 -2.59 27.89
C LYS C 229 24.30 -2.96 27.26
N LEU C 230 23.84 -4.21 27.50
CA LEU C 230 22.58 -4.75 26.96
C LEU C 230 21.37 -4.01 27.55
N PRO C 231 20.19 -4.00 26.85
CA PRO C 231 19.01 -3.32 27.43
C PRO C 231 18.50 -4.00 28.69
N ILE C 232 17.87 -3.21 29.57
CA ILE C 232 17.30 -3.69 30.82
C ILE C 232 15.83 -3.30 30.97
N PHE C 233 15.09 -4.08 31.76
CA PHE C 233 13.72 -3.79 32.08
C PHE C 233 13.70 -3.15 33.46
N LEU C 234 13.11 -1.95 33.57
CA LEU C 234 12.93 -1.28 34.86
C LEU C 234 11.68 -1.89 35.44
N ASN C 235 11.70 -2.19 36.76
CA ASN C 235 10.63 -2.93 37.41
C ASN C 235 10.20 -2.41 38.80
N GLY C 236 10.45 -1.13 39.06
CA GLY C 236 10.15 -0.50 40.34
C GLY C 236 11.42 -0.03 41.05
N ALA C 237 11.27 0.88 42.02
CA ALA C 237 12.41 1.42 42.71
C ALA C 237 12.20 1.45 44.23
N GLY C 238 13.31 1.51 44.98
CA GLY C 238 13.35 1.53 46.44
C GLY C 238 12.64 0.33 47.03
N ARG C 239 11.62 0.59 47.85
CA ARG C 239 10.80 -0.44 48.47
C ARG C 239 9.92 -1.14 47.41
N GLY C 240 9.68 -0.46 46.30
CA GLY C 240 8.89 -0.98 45.19
C GLY C 240 9.69 -1.71 44.12
N ARG C 241 10.96 -2.05 44.41
CA ARG C 241 11.78 -2.80 43.45
C ARG C 241 11.16 -4.19 43.20
N PHE C 242 11.13 -4.59 41.91
CA PHE C 242 10.58 -5.86 41.38
C PHE C 242 9.05 -5.94 41.42
N SER C 243 8.36 -4.82 41.78
CA SER C 243 6.89 -4.76 41.92
C SER C 243 6.11 -4.30 40.68
N ALA C 244 6.79 -3.88 39.60
CA ALA C 244 6.15 -3.42 38.37
C ALA C 244 6.49 -4.40 37.24
N PHE C 245 5.51 -5.19 36.81
CA PHE C 245 5.66 -6.22 35.78
C PHE C 245 5.15 -5.78 34.43
N ASN C 246 5.81 -6.25 33.36
CA ASN C 246 5.42 -5.89 32.01
C ASN C 246 5.71 -6.97 31.03
N LEU C 247 4.72 -7.19 30.16
CA LEU C 247 4.81 -8.15 29.04
C LEU C 247 4.50 -7.42 27.71
N PRO C 248 5.55 -6.84 27.09
CA PRO C 248 5.34 -6.16 25.81
C PRO C 248 5.31 -7.20 24.70
N LEU C 249 4.28 -7.15 23.86
CA LEU C 249 4.15 -8.12 22.75
C LEU C 249 4.14 -7.44 21.38
N GLU C 250 4.57 -8.20 20.37
CA GLU C 250 4.59 -7.82 18.95
C GLU C 250 3.14 -7.88 18.41
N GLU C 251 2.85 -7.10 17.38
CA GLU C 251 1.52 -7.08 16.75
C GLU C 251 1.12 -8.44 16.14
N GLY C 252 -0.20 -8.64 15.99
CA GLY C 252 -0.76 -9.84 15.37
C GLY C 252 -1.03 -11.02 16.28
N ILE C 253 -0.84 -10.85 17.62
CA ILE C 253 -1.09 -11.94 18.57
C ILE C 253 -2.60 -12.34 18.60
N ASN C 254 -2.89 -13.65 18.53
CA ASN C 254 -4.26 -14.17 18.52
C ASN C 254 -4.70 -14.54 19.94
N ASP C 255 -5.94 -15.02 20.12
CA ASP C 255 -6.52 -15.37 21.44
C ASP C 255 -5.72 -16.41 22.20
N LEU C 256 -5.31 -17.51 21.52
CA LEU C 256 -4.57 -18.63 22.14
C LEU C 256 -3.17 -18.22 22.63
N ASP C 257 -2.39 -17.55 21.78
CA ASP C 257 -1.05 -17.14 22.14
C ASP C 257 -1.02 -16.15 23.28
N TRP C 258 -1.98 -15.21 23.29
CA TRP C 258 -2.14 -14.17 24.30
C TRP C 258 -2.57 -14.80 25.63
N SER C 259 -3.50 -15.78 25.59
CA SER C 259 -3.97 -16.52 26.75
C SER C 259 -2.82 -17.29 27.34
N ASN C 260 -2.06 -18.01 26.47
CA ASN C 260 -0.89 -18.79 26.90
C ASN C 260 0.25 -17.91 27.39
N ALA C 261 0.33 -16.66 26.89
CA ALA C 261 1.31 -15.66 27.26
C ALA C 261 1.08 -15.12 28.68
N ILE C 262 -0.17 -14.81 29.04
CA ILE C 262 -0.45 -14.23 30.36
C ILE C 262 -0.96 -15.16 31.44
N GLY C 263 -1.57 -16.27 31.02
CA GLY C 263 -2.13 -17.29 31.89
C GLY C 263 -1.23 -17.74 33.03
N PRO C 264 -0.05 -18.33 32.73
CA PRO C 264 0.85 -18.79 33.80
C PRO C 264 1.43 -17.64 34.66
N ILE C 265 1.63 -16.45 34.07
CA ILE C 265 2.16 -15.28 34.77
C ILE C 265 1.12 -14.85 35.81
N LEU C 266 -0.18 -14.72 35.36
CA LEU C 266 -1.33 -14.38 36.20
C LEU C 266 -1.45 -15.35 37.37
N ASP C 267 -1.43 -16.67 37.12
CA ASP C 267 -1.52 -17.67 38.19
C ASP C 267 -0.32 -17.59 39.14
N SER C 268 0.90 -17.38 38.60
CA SER C 268 2.15 -17.24 39.38
C SER C 268 2.12 -16.00 40.27
N LEU C 269 1.62 -14.85 39.76
CA LEU C 269 1.49 -13.61 40.53
C LEU C 269 0.56 -13.81 41.72
N ASN C 270 -0.63 -14.41 41.48
CA ASN C 270 -1.59 -14.72 42.55
C ASN C 270 -1.01 -15.68 43.62
N ILE C 271 -0.24 -16.70 43.19
CA ILE C 271 0.34 -17.67 44.14
C ILE C 271 1.28 -16.95 45.13
N VAL C 272 2.23 -16.17 44.59
CA VAL C 272 3.27 -15.46 45.33
C VAL C 272 2.81 -14.20 46.06
N ILE C 273 2.05 -13.30 45.38
CA ILE C 273 1.61 -12.05 45.98
C ILE C 273 0.45 -12.27 46.95
N GLN C 274 -0.44 -13.27 46.69
CA GLN C 274 -1.62 -13.59 47.50
C GLN C 274 -2.40 -12.29 47.72
N PRO C 275 -2.86 -11.58 46.64
CA PRO C 275 -3.52 -10.28 46.88
C PRO C 275 -4.89 -10.39 47.57
N SER C 276 -5.23 -9.36 48.34
CA SER C 276 -6.52 -9.21 49.06
C SER C 276 -7.58 -8.71 48.06
N TYR C 277 -7.11 -8.06 46.99
CA TYR C 277 -7.93 -7.47 45.94
C TYR C 277 -7.19 -7.51 44.61
N VAL C 278 -7.96 -7.71 43.54
CA VAL C 278 -7.45 -7.67 42.17
C VAL C 278 -8.18 -6.53 41.44
N VAL C 279 -7.42 -5.63 40.76
CA VAL C 279 -8.01 -4.56 39.94
C VAL C 279 -7.62 -4.85 38.50
N VAL C 280 -8.64 -5.08 37.65
CA VAL C 280 -8.45 -5.44 36.24
C VAL C 280 -8.91 -4.35 35.32
N GLN C 281 -7.99 -3.80 34.51
CA GLN C 281 -8.33 -2.87 33.45
C GLN C 281 -8.55 -3.77 32.20
N CYS C 282 -9.78 -3.74 31.63
CA CYS C 282 -10.19 -4.58 30.49
C CYS C 282 -10.41 -3.80 29.15
N GLY C 283 -9.46 -2.91 28.84
CA GLY C 283 -9.47 -2.11 27.60
C GLY C 283 -9.62 -3.00 26.38
N ALA C 284 -10.67 -2.76 25.58
CA ALA C 284 -11.06 -3.58 24.41
C ALA C 284 -10.29 -3.30 23.11
N ASP C 285 -9.18 -2.53 23.18
CA ASP C 285 -8.42 -2.23 21.96
C ASP C 285 -7.51 -3.33 21.43
N CYS C 286 -7.49 -4.52 22.09
CA CYS C 286 -6.71 -5.66 21.54
C CYS C 286 -7.57 -6.44 20.56
N LEU C 287 -8.88 -6.11 20.45
CA LEU C 287 -9.81 -6.77 19.52
C LEU C 287 -9.29 -6.62 18.12
N ALA C 288 -9.45 -7.68 17.32
CA ALA C 288 -9.00 -7.74 15.93
C ALA C 288 -9.65 -6.66 15.07
N THR C 289 -10.87 -6.26 15.42
CA THR C 289 -11.73 -5.29 14.73
C THR C 289 -11.60 -3.83 15.28
N ASP C 290 -10.71 -3.61 16.26
CA ASP C 290 -10.48 -2.28 16.78
C ASP C 290 -9.74 -1.49 15.67
N PRO C 291 -9.99 -0.16 15.47
CA PRO C 291 -9.26 0.57 14.41
C PRO C 291 -7.72 0.61 14.56
N HIS C 292 -7.15 0.24 15.73
CA HIS C 292 -5.70 0.17 15.95
C HIS C 292 -5.14 -0.95 15.09
N ARG C 293 -5.92 -2.06 14.98
CA ARG C 293 -5.58 -3.23 14.17
C ARG C 293 -4.21 -3.74 14.54
N ILE C 294 -3.99 -3.95 15.84
CA ILE C 294 -2.68 -4.43 16.30
C ILE C 294 -2.75 -5.89 16.73
N PHE C 295 -3.55 -6.19 17.76
CA PHE C 295 -3.72 -7.56 18.21
C PHE C 295 -4.92 -8.17 17.49
N ARG C 296 -5.04 -9.50 17.50
CA ARG C 296 -6.08 -10.22 16.76
C ARG C 296 -6.99 -11.02 17.71
N LEU C 297 -7.32 -10.39 18.85
CA LEU C 297 -8.17 -10.93 19.91
C LEU C 297 -9.64 -10.77 19.51
N THR C 298 -10.50 -11.68 20.02
CA THR C 298 -11.93 -11.73 19.73
C THR C 298 -12.69 -11.71 21.04
N ASN C 299 -14.04 -11.82 20.96
CA ASN C 299 -14.96 -11.96 22.08
C ASN C 299 -15.59 -13.41 22.00
N PHE C 300 -14.99 -14.32 21.18
CA PHE C 300 -15.54 -15.68 20.97
C PHE C 300 -15.67 -16.51 22.23
N TYR C 301 -16.79 -17.22 22.34
CA TYR C 301 -17.14 -18.07 23.46
C TYR C 301 -17.59 -19.43 22.91
N PRO C 302 -16.62 -20.32 22.57
CA PRO C 302 -17.00 -21.61 21.98
C PRO C 302 -17.69 -22.55 22.94
N ASN C 303 -18.51 -23.48 22.39
CA ASN C 303 -19.23 -24.52 23.14
C ASN C 303 -18.26 -25.62 23.59
N SER C 312 -8.02 -27.18 17.00
CA SER C 312 -8.74 -27.08 15.73
C SER C 312 -10.00 -26.23 15.84
N GLU C 313 -10.55 -26.15 17.05
CA GLU C 313 -11.75 -25.36 17.35
C GLU C 313 -11.35 -23.90 17.53
N CYS C 314 -12.35 -22.99 17.50
CA CYS C 314 -12.10 -21.57 17.76
C CYS C 314 -11.67 -21.49 19.21
N SER C 315 -10.54 -20.84 19.46
CA SER C 315 -10.08 -20.67 20.84
C SER C 315 -11.05 -19.73 21.60
N LEU C 316 -11.01 -19.82 22.93
CA LEU C 316 -11.76 -18.94 23.77
C LEU C 316 -11.06 -17.56 23.69
N SER C 317 -11.87 -16.48 23.69
CA SER C 317 -11.40 -15.09 23.70
C SER C 317 -10.32 -14.95 24.77
N GLY C 318 -9.22 -14.31 24.42
CA GLY C 318 -8.11 -14.02 25.32
C GLY C 318 -8.59 -13.32 26.56
N TYR C 319 -9.46 -12.31 26.37
CA TYR C 319 -10.10 -11.53 27.44
C TYR C 319 -10.90 -12.40 28.39
N LEU C 320 -11.76 -13.27 27.84
CA LEU C 320 -12.62 -14.18 28.61
C LEU C 320 -11.79 -15.21 29.35
N TYR C 321 -10.70 -15.70 28.74
CA TYR C 321 -9.76 -16.64 29.35
C TYR C 321 -9.10 -16.02 30.60
N ALA C 322 -8.56 -14.79 30.47
CA ALA C 322 -7.91 -14.02 31.54
C ALA C 322 -8.90 -13.72 32.65
N ILE C 323 -10.08 -13.17 32.31
CA ILE C 323 -11.14 -12.82 33.29
C ILE C 323 -11.56 -14.06 34.08
N LYS C 324 -11.85 -15.18 33.40
CA LYS C 324 -12.22 -16.45 34.04
C LYS C 324 -11.12 -16.94 35.00
N LYS C 325 -9.86 -16.89 34.58
CA LYS C 325 -8.69 -17.29 35.37
C LYS C 325 -8.59 -16.45 36.64
N ILE C 326 -8.76 -15.13 36.52
CA ILE C 326 -8.71 -14.18 37.64
C ILE C 326 -9.84 -14.46 38.63
N LEU C 327 -11.04 -14.74 38.11
CA LEU C 327 -12.20 -15.06 38.97
C LEU C 327 -12.10 -16.42 39.65
N SER C 328 -11.31 -17.37 39.09
CA SER C 328 -11.13 -18.69 39.70
C SER C 328 -10.38 -18.64 41.04
N TRP C 329 -9.66 -17.51 41.31
CA TRP C 329 -8.90 -17.25 42.52
C TRP C 329 -9.77 -16.91 43.70
N LYS C 330 -11.04 -16.50 43.45
CA LYS C 330 -12.02 -16.12 44.48
C LYS C 330 -11.48 -14.98 45.39
N VAL C 331 -10.85 -13.99 44.76
CA VAL C 331 -10.31 -12.81 45.43
C VAL C 331 -11.24 -11.63 45.03
N PRO C 332 -11.72 -10.77 45.97
CA PRO C 332 -12.54 -9.61 45.56
C PRO C 332 -11.92 -8.85 44.38
N THR C 333 -12.68 -8.68 43.29
CA THR C 333 -12.17 -8.10 42.04
C THR C 333 -12.94 -6.90 41.53
N LEU C 334 -12.19 -5.92 41.02
CA LEU C 334 -12.73 -4.72 40.37
C LEU C 334 -12.42 -4.87 38.87
N ILE C 335 -13.47 -4.78 38.00
CA ILE C 335 -13.29 -4.93 36.54
C ILE C 335 -13.63 -3.60 35.86
N LEU C 336 -12.63 -2.98 35.23
CA LEU C 336 -12.77 -1.68 34.59
C LEU C 336 -12.66 -1.74 33.06
N GLY C 337 -13.19 -0.71 32.41
CA GLY C 337 -13.11 -0.57 30.97
C GLY C 337 -11.76 0.00 30.54
N GLY C 338 -11.80 1.00 29.69
CA GLY C 338 -10.58 1.63 29.18
C GLY C 338 -10.74 1.91 27.71
N GLY C 339 -9.69 1.62 26.96
CA GLY C 339 -9.68 1.78 25.50
C GLY C 339 -10.68 0.87 24.82
N GLY C 340 -10.96 1.15 23.55
CA GLY C 340 -11.94 0.38 22.79
C GLY C 340 -12.61 1.32 21.82
N TYR C 341 -12.09 1.38 20.63
CA TYR C 341 -12.52 2.36 19.65
C TYR C 341 -13.53 1.93 18.61
N ASN C 342 -13.85 0.62 18.54
CA ASN C 342 -14.94 0.11 17.71
C ASN C 342 -16.04 -0.05 18.77
N PHE C 343 -16.97 0.93 18.90
CA PHE C 343 -18.01 0.93 19.96
C PHE C 343 -18.89 -0.30 20.00
N PRO C 344 -19.46 -0.80 18.86
CA PRO C 344 -20.30 -2.00 18.93
C PRO C 344 -19.52 -3.26 19.34
N ASP C 345 -18.26 -3.41 18.89
CA ASP C 345 -17.43 -4.57 19.25
C ASP C 345 -16.95 -4.52 20.67
N THR C 346 -16.74 -3.30 21.20
CA THR C 346 -16.39 -3.12 22.62
C THR C 346 -17.58 -3.61 23.50
N ALA C 347 -18.82 -3.16 23.17
CA ALA C 347 -20.07 -3.56 23.84
C ALA C 347 -20.28 -5.06 23.75
N ARG C 348 -19.94 -5.68 22.58
CA ARG C 348 -20.02 -7.12 22.32
C ARG C 348 -19.10 -7.90 23.28
N LEU C 349 -17.87 -7.38 23.46
CA LEU C 349 -16.87 -7.98 24.34
C LEU C 349 -17.29 -7.82 25.78
N TRP C 350 -17.52 -6.58 26.20
CA TRP C 350 -17.89 -6.25 27.56
C TRP C 350 -19.20 -6.85 28.05
N THR C 351 -20.13 -7.20 27.15
CA THR C 351 -21.38 -7.88 27.51
C THR C 351 -21.06 -9.33 27.87
N ARG C 352 -20.16 -9.95 27.09
CA ARG C 352 -19.68 -11.31 27.28
C ARG C 352 -18.84 -11.43 28.54
N VAL C 353 -17.97 -10.41 28.83
CA VAL C 353 -17.18 -10.31 30.08
C VAL C 353 -18.15 -10.27 31.30
N THR C 354 -19.23 -9.48 31.17
CA THR C 354 -20.26 -9.30 32.19
C THR C 354 -21.02 -10.62 32.48
N ALA C 355 -21.50 -11.30 31.43
CA ALA C 355 -22.24 -12.58 31.54
C ALA C 355 -21.35 -13.67 32.14
N LEU C 356 -20.06 -13.70 31.74
CA LEU C 356 -19.06 -14.65 32.28
C LEU C 356 -18.86 -14.40 33.76
N THR C 357 -18.74 -13.12 34.18
CA THR C 357 -18.57 -12.74 35.57
C THR C 357 -19.71 -13.27 36.46
N ILE C 358 -20.98 -13.15 36.02
CA ILE C 358 -22.18 -13.64 36.72
C ILE C 358 -22.08 -15.15 36.86
N GLU C 359 -21.72 -15.83 35.75
CA GLU C 359 -21.61 -17.28 35.66
C GLU C 359 -20.55 -17.80 36.60
N GLU C 360 -19.38 -17.14 36.63
CA GLU C 360 -18.26 -17.54 37.48
C GLU C 360 -18.48 -17.26 38.95
N VAL C 361 -19.04 -16.11 39.27
CA VAL C 361 -19.28 -15.71 40.66
C VAL C 361 -20.50 -16.42 41.24
N LYS C 362 -21.64 -16.36 40.53
CA LYS C 362 -22.91 -16.92 40.98
C LYS C 362 -23.11 -18.44 40.73
N GLY C 363 -22.36 -19.03 39.80
CA GLY C 363 -22.55 -20.43 39.44
C GLY C 363 -23.83 -20.67 38.64
N LYS C 364 -24.36 -19.59 38.02
CA LYS C 364 -25.60 -19.55 37.22
C LYS C 364 -25.29 -19.38 35.74
N LYS C 365 -25.78 -20.31 34.88
CA LYS C 365 -25.63 -20.30 33.42
C LYS C 365 -26.28 -19.05 32.81
N MET C 366 -25.51 -18.32 32.00
CA MET C 366 -25.95 -17.09 31.35
C MET C 366 -25.86 -17.30 29.84
N THR C 367 -26.88 -17.92 29.27
CA THR C 367 -26.92 -18.19 27.84
C THR C 367 -27.27 -16.93 27.07
N ILE C 368 -26.44 -16.62 26.08
CA ILE C 368 -26.62 -15.43 25.28
C ILE C 368 -26.95 -15.86 23.85
N SER C 369 -28.05 -15.35 23.31
CA SER C 369 -28.43 -15.60 21.93
C SER C 369 -27.31 -15.04 20.97
N PRO C 370 -26.91 -15.77 19.90
CA PRO C 370 -25.91 -15.21 18.98
C PRO C 370 -26.46 -13.97 18.21
N GLU C 371 -27.78 -13.84 18.12
CA GLU C 371 -28.46 -12.71 17.50
C GLU C 371 -28.64 -11.63 18.55
N ILE C 372 -28.18 -10.39 18.23
CA ILE C 372 -28.31 -9.22 19.10
C ILE C 372 -29.81 -9.02 19.39
N PRO C 373 -30.22 -8.81 20.65
CA PRO C 373 -31.65 -8.60 20.92
C PRO C 373 -32.12 -7.21 20.46
N GLU C 374 -33.44 -7.07 20.34
CA GLU C 374 -34.09 -5.82 20.01
C GLU C 374 -33.81 -4.81 21.13
N HIS C 375 -33.39 -3.59 20.77
CA HIS C 375 -33.12 -2.46 21.65
C HIS C 375 -32.79 -1.26 20.77
N SER C 376 -32.88 -0.04 21.30
CA SER C 376 -32.69 1.20 20.55
C SER C 376 -31.34 1.34 19.80
N TYR C 377 -30.31 0.57 20.20
CA TYR C 377 -29.01 0.53 19.53
C TYR C 377 -28.81 -0.69 18.60
N PHE C 378 -29.88 -1.46 18.31
CA PHE C 378 -29.80 -2.65 17.45
C PHE C 378 -29.14 -2.35 16.09
N SER C 379 -29.49 -1.20 15.45
CA SER C 379 -28.99 -0.79 14.15
C SER C 379 -27.46 -0.57 14.08
N ARG C 380 -26.81 -0.42 15.22
CA ARG C 380 -25.36 -0.19 15.30
C ARG C 380 -24.57 -1.51 15.18
N TYR C 381 -25.27 -2.65 15.30
CA TYR C 381 -24.65 -3.98 15.22
C TYR C 381 -24.69 -4.62 13.85
N GLY C 382 -24.85 -3.80 12.82
CA GLY C 382 -24.89 -4.25 11.43
C GLY C 382 -23.52 -4.55 10.86
N PRO C 383 -23.40 -5.30 9.73
CA PRO C 383 -24.46 -5.87 8.88
C PRO C 383 -25.06 -7.19 9.36
N ASP C 384 -24.40 -7.87 10.29
CA ASP C 384 -24.74 -9.19 10.79
C ASP C 384 -25.73 -9.25 11.93
N PHE C 385 -25.71 -8.23 12.84
CA PHE C 385 -26.56 -8.18 14.05
C PHE C 385 -26.38 -9.43 14.95
N GLU C 386 -25.13 -9.91 15.00
CA GLU C 386 -24.66 -11.04 15.80
C GLU C 386 -23.72 -10.55 16.89
N LEU C 387 -23.63 -11.33 17.97
CA LEU C 387 -22.80 -11.05 19.12
C LEU C 387 -21.30 -11.27 18.89
N ASP C 388 -20.91 -12.31 18.10
CA ASP C 388 -19.48 -12.56 17.81
C ASP C 388 -19.02 -11.45 16.93
N ILE C 389 -17.85 -10.89 17.22
CA ILE C 389 -17.25 -9.84 16.40
C ILE C 389 -17.07 -10.37 14.94
N ASP C 390 -17.21 -9.49 13.94
CA ASP C 390 -17.10 -9.89 12.54
C ASP C 390 -15.62 -10.05 12.18
N TYR C 391 -15.04 -11.19 12.55
CA TYR C 391 -13.64 -11.47 12.36
C TYR C 391 -13.39 -12.93 12.10
N PHE C 392 -12.48 -13.22 11.17
CA PHE C 392 -12.13 -14.59 10.80
C PHE C 392 -10.65 -14.87 11.15
N PRO C 393 -10.40 -15.50 12.32
CA PRO C 393 -9.02 -15.79 12.72
C PRO C 393 -8.36 -16.83 11.81
N HIS C 394 -7.15 -16.54 11.33
CA HIS C 394 -6.41 -17.39 10.38
C HIS C 394 -5.01 -17.74 10.85
N THR C 400 6.85 -20.70 15.77
CA THR C 400 8.09 -21.20 16.38
C THR C 400 8.98 -20.12 16.99
N LEU C 401 9.43 -19.14 16.16
CA LEU C 401 10.33 -18.07 16.54
C LEU C 401 9.68 -16.90 17.30
N ASP C 402 8.34 -16.78 17.22
CA ASP C 402 7.53 -15.72 17.84
C ASP C 402 7.21 -15.95 19.36
N SER C 403 7.76 -17.04 19.95
CA SER C 403 7.57 -17.40 21.36
C SER C 403 8.20 -16.34 22.28
N ILE C 404 7.77 -16.32 23.56
CA ILE C 404 8.21 -15.32 24.57
C ILE C 404 8.68 -16.01 25.87
N GLN C 405 9.31 -17.19 25.75
CA GLN C 405 9.78 -17.97 26.90
C GLN C 405 10.88 -17.29 27.72
N LYS C 406 11.70 -16.45 27.10
CA LYS C 406 12.71 -15.68 27.82
C LYS C 406 12.03 -14.58 28.68
N HIS C 407 10.83 -14.07 28.24
CA HIS C 407 10.02 -13.10 28.98
C HIS C 407 9.43 -13.81 30.23
N HIS C 408 8.93 -15.06 30.07
CA HIS C 408 8.42 -15.92 31.15
C HIS C 408 9.50 -16.10 32.23
N ARG C 409 10.73 -16.42 31.78
CA ARG C 409 11.89 -16.62 32.66
C ARG C 409 12.27 -15.33 33.42
N ARG C 410 12.28 -14.19 32.70
CA ARG C 410 12.61 -12.86 33.22
C ARG C 410 11.56 -12.42 34.25
N ILE C 411 10.28 -12.63 33.94
CA ILE C 411 9.17 -12.26 34.81
C ILE C 411 9.14 -13.08 36.12
N LEU C 412 9.38 -14.40 36.02
CA LEU C 412 9.43 -15.33 37.17
C LEU C 412 10.65 -15.08 38.04
N GLU C 413 11.77 -14.61 37.45
CA GLU C 413 12.98 -14.26 38.21
C GLU C 413 12.65 -12.99 39.00
N GLN C 414 11.97 -12.04 38.36
CA GLN C 414 11.56 -10.79 38.98
C GLN C 414 10.58 -11.02 40.14
N LEU C 415 9.69 -12.00 39.98
CA LEU C 415 8.70 -12.37 40.99
C LEU C 415 9.42 -13.06 42.17
N ARG C 416 10.53 -13.77 41.88
CA ARG C 416 11.36 -14.42 42.88
C ARG C 416 12.07 -13.33 43.72
N ASN C 417 12.62 -12.30 43.05
CA ASN C 417 13.29 -11.16 43.70
C ASN C 417 12.30 -10.32 44.51
N TYR C 418 11.05 -10.17 44.02
CA TYR C 418 9.98 -9.45 44.71
C TYR C 418 9.65 -10.16 46.04
N ALA C 419 9.44 -11.50 45.98
CA ALA C 419 9.13 -12.34 47.15
C ALA C 419 10.26 -12.30 48.19
N ASP C 420 11.52 -12.37 47.73
CA ASP C 420 12.72 -12.33 48.59
C ASP C 420 12.82 -10.97 49.31
N LEU C 421 12.70 -9.86 48.56
CA LEU C 421 12.76 -8.50 49.13
C LEU C 421 11.63 -8.25 50.15
N ASN C 422 10.42 -8.71 49.82
CA ASN C 422 9.26 -8.49 50.68
C ASN C 422 9.02 -9.53 51.79
N LYS C 423 9.94 -10.51 51.92
CA LYS C 423 9.94 -11.61 52.91
C LYS C 423 8.66 -12.46 52.78
N LEU C 424 8.26 -12.72 51.54
CA LEU C 424 7.08 -13.52 51.29
C LEU C 424 7.50 -14.93 50.91
N ILE C 425 6.61 -15.88 51.18
CA ILE C 425 6.81 -17.29 50.85
C ILE C 425 6.80 -17.40 49.32
N TYR C 426 7.90 -17.92 48.77
CA TYR C 426 8.02 -18.21 47.35
C TYR C 426 7.88 -19.74 47.24
N ASP C 427 6.68 -20.18 46.84
CA ASP C 427 6.36 -21.60 46.67
C ASP C 427 6.84 -22.09 45.30
N TYR C 428 8.11 -22.49 45.21
CA TYR C 428 8.70 -23.01 43.97
C TYR C 428 7.88 -24.17 43.39
N ASP C 429 7.52 -25.15 44.25
CA ASP C 429 6.76 -26.35 43.86
C ASP C 429 5.46 -26.07 43.14
N GLN C 430 4.67 -25.09 43.65
CA GLN C 430 3.39 -24.73 43.04
C GLN C 430 3.62 -24.02 41.72
N VAL C 431 4.59 -23.06 41.67
CA VAL C 431 4.93 -22.33 40.46
C VAL C 431 5.49 -23.28 39.37
N TYR C 432 6.34 -24.26 39.78
CA TYR C 432 6.89 -25.27 38.89
C TYR C 432 5.77 -26.12 38.24
N GLN C 433 4.83 -26.64 39.04
CA GLN C 433 3.73 -27.48 38.55
C GLN C 433 2.86 -26.73 37.56
N LEU C 434 2.57 -25.46 37.86
CA LEU C 434 1.83 -24.53 37.01
C LEU C 434 2.47 -24.54 35.61
N TYR C 435 3.76 -24.14 35.52
CA TYR C 435 4.53 -24.10 34.27
C TYR C 435 4.78 -25.49 33.67
N ASN C 436 4.93 -26.51 34.52
CA ASN C 436 5.14 -27.90 34.10
C ASN C 436 3.93 -28.44 33.31
N LEU C 437 2.73 -27.88 33.53
CA LEU C 437 1.53 -28.26 32.80
C LEU C 437 1.70 -27.97 31.31
N THR C 438 2.42 -26.88 30.98
CA THR C 438 2.74 -26.44 29.62
C THR C 438 4.13 -26.98 29.16
N GLY C 439 4.79 -27.77 30.00
CA GLY C 439 6.10 -28.35 29.76
C GLY C 439 7.22 -27.32 29.84
N MET C 440 6.96 -26.22 30.57
CA MET C 440 7.87 -25.08 30.75
C MET C 440 8.33 -24.91 32.21
N GLY C 441 8.36 -26.02 32.95
CA GLY C 441 8.81 -26.05 34.34
C GLY C 441 10.25 -25.58 34.57
N SER C 442 11.10 -25.69 33.54
CA SER C 442 12.53 -25.30 33.53
C SER C 442 12.75 -23.78 33.59
N LEU C 443 11.71 -23.00 33.29
CA LEU C 443 11.77 -21.53 33.29
C LEU C 443 11.66 -20.96 34.69
N VAL C 444 11.07 -21.74 35.62
CA VAL C 444 10.83 -21.41 37.02
C VAL C 444 12.14 -21.44 37.84
N PRO C 445 12.54 -20.31 38.48
CA PRO C 445 13.78 -20.32 39.30
C PRO C 445 13.48 -20.81 40.73
N ARG C 446 14.48 -21.37 41.43
CA ARG C 446 14.31 -21.90 42.80
C ARG C 446 14.02 -20.83 43.85
N SER D 2 1.23 31.65 20.52
CA SER D 2 2.09 30.97 21.50
C SER D 2 3.43 30.57 20.88
N VAL D 3 4.45 30.36 21.72
CA VAL D 3 5.76 29.88 21.31
C VAL D 3 5.85 28.46 21.89
N GLY D 4 5.95 27.48 21.00
CA GLY D 4 6.03 26.08 21.37
C GLY D 4 7.43 25.51 21.48
N ILE D 5 7.60 24.47 22.31
CA ILE D 5 8.87 23.78 22.49
C ILE D 5 8.65 22.29 22.55
N VAL D 6 9.39 21.55 21.72
CA VAL D 6 9.26 20.10 21.72
C VAL D 6 10.01 19.51 22.89
N TYR D 7 9.27 18.94 23.86
CA TYR D 7 9.80 18.28 25.04
C TYR D 7 8.88 17.16 25.55
N GLY D 8 9.48 16.20 26.25
CA GLY D 8 8.84 15.05 26.89
C GLY D 8 9.86 14.23 27.64
N ASP D 9 9.42 13.45 28.64
CA ASP D 9 10.30 12.61 29.45
C ASP D 9 10.93 11.48 28.65
N GLN D 10 10.13 10.72 27.89
CA GLN D 10 10.61 9.63 27.05
C GLN D 10 11.50 10.22 25.91
N TYR D 11 11.07 11.36 25.35
CA TYR D 11 11.73 12.10 24.29
C TYR D 11 13.12 12.56 24.72
N ARG D 12 13.23 13.04 25.98
CA ARG D 12 14.49 13.49 26.54
C ARG D 12 15.47 12.30 26.65
N GLN D 13 15.04 11.16 27.21
CA GLN D 13 15.85 9.95 27.35
C GLN D 13 16.38 9.48 25.99
N LEU D 14 15.50 9.44 24.95
CA LEU D 14 15.85 9.05 23.57
C LEU D 14 16.81 10.01 22.89
N CYS D 15 16.59 11.35 23.02
CA CYS D 15 17.51 12.36 22.46
C CYS D 15 18.90 12.31 23.11
N CYS D 16 18.99 11.63 24.30
CA CYS D 16 20.20 11.48 25.11
C CYS D 16 20.81 10.09 25.05
N SER D 17 20.30 9.22 24.18
CA SER D 17 20.76 7.85 24.07
C SER D 17 21.85 7.58 23.01
N SER D 18 22.25 8.59 22.24
CA SER D 18 23.30 8.38 21.22
C SER D 18 24.72 8.58 21.74
N PRO D 19 25.71 7.78 21.27
CA PRO D 19 27.10 8.00 21.73
C PRO D 19 27.71 9.29 21.22
N LYS D 20 27.26 9.81 20.06
CA LYS D 20 27.76 11.07 19.50
C LYS D 20 27.24 12.32 20.22
N PHE D 21 25.91 12.44 20.45
CA PHE D 21 25.36 13.64 21.10
C PHE D 21 25.22 13.60 22.62
N GLY D 22 25.51 12.43 23.22
CA GLY D 22 25.45 12.20 24.66
C GLY D 22 24.27 12.87 25.33
N ASP D 23 24.54 13.72 26.36
CA ASP D 23 23.52 14.43 27.12
C ASP D 23 23.30 15.91 26.67
N ARG D 24 23.72 16.28 25.44
CA ARG D 24 23.56 17.65 24.92
C ARG D 24 22.11 18.16 25.08
N TYR D 25 21.12 17.38 24.63
CA TYR D 25 19.73 17.79 24.68
C TYR D 25 19.27 18.08 26.11
N ALA D 26 19.77 17.30 27.10
CA ALA D 26 19.48 17.47 28.53
C ALA D 26 20.06 18.78 29.04
N LEU D 27 21.26 19.14 28.56
CA LEU D 27 21.93 20.40 28.90
C LEU D 27 21.16 21.57 28.33
N VAL D 28 20.80 21.49 27.03
CA VAL D 28 20.01 22.52 26.34
C VAL D 28 18.70 22.75 27.12
N MET D 29 17.90 21.67 27.33
CA MET D 29 16.60 21.75 28.01
C MET D 29 16.66 22.16 29.45
N ASP D 30 17.70 21.71 30.18
CA ASP D 30 17.90 22.08 31.59
C ASP D 30 18.40 23.51 31.75
N LEU D 31 19.10 24.08 30.73
CA LEU D 31 19.52 25.50 30.78
C LEU D 31 18.32 26.45 30.56
N ILE D 32 17.43 26.08 29.61
CA ILE D 32 16.17 26.78 29.28
C ILE D 32 15.27 26.75 30.53
N ASN D 33 15.23 25.60 31.22
CA ASN D 33 14.49 25.45 32.47
C ASN D 33 15.15 26.25 33.61
N ALA D 34 16.50 26.16 33.77
CA ALA D 34 17.23 26.91 34.79
C ALA D 34 16.97 28.42 34.64
N TYR D 35 16.87 28.92 33.39
CA TYR D 35 16.60 30.32 33.08
C TYR D 35 15.12 30.76 33.22
N LYS D 36 14.25 29.84 33.75
CA LYS D 36 12.82 30.07 33.98
C LYS D 36 12.05 30.34 32.69
N LEU D 37 12.52 29.77 31.56
CA LEU D 37 11.87 29.98 30.27
C LEU D 37 10.68 29.05 30.03
N ILE D 38 10.70 27.85 30.63
CA ILE D 38 9.63 26.83 30.48
C ILE D 38 8.18 27.36 30.70
N PRO D 39 7.83 28.10 31.79
CA PRO D 39 6.45 28.60 31.93
C PRO D 39 6.01 29.59 30.83
N GLU D 40 6.97 30.11 30.04
CA GLU D 40 6.72 31.04 28.94
C GLU D 40 6.39 30.28 27.65
N LEU D 41 6.78 28.99 27.61
CA LEU D 41 6.63 28.13 26.44
C LEU D 41 5.49 27.11 26.53
N SER D 42 4.91 26.78 25.36
CA SER D 42 3.86 25.78 25.23
C SER D 42 4.53 24.44 24.88
N ARG D 43 4.45 23.43 25.78
CA ARG D 43 5.08 22.13 25.52
C ARG D 43 4.31 21.43 24.41
N VAL D 44 5.05 21.04 23.36
CA VAL D 44 4.55 20.34 22.20
C VAL D 44 5.01 18.88 22.39
N PRO D 45 4.08 17.96 22.71
CA PRO D 45 4.48 16.57 22.89
C PRO D 45 4.90 15.94 21.55
N PRO D 46 5.91 15.03 21.54
CA PRO D 46 6.30 14.37 20.28
C PRO D 46 5.18 13.53 19.70
N LEU D 47 5.10 13.43 18.36
CA LEU D 47 4.06 12.65 17.65
C LEU D 47 4.16 11.16 17.97
N GLN D 48 3.02 10.49 18.06
CA GLN D 48 2.92 9.06 18.27
C GLN D 48 1.96 8.47 17.26
N TRP D 49 2.14 7.18 16.92
CA TRP D 49 1.35 6.53 15.89
C TRP D 49 0.51 5.39 16.41
N ASP D 50 -0.70 5.24 15.85
CA ASP D 50 -1.68 4.23 16.26
C ASP D 50 -1.26 2.79 16.01
N SER D 51 -0.21 2.58 15.22
CA SER D 51 0.24 1.23 14.89
C SER D 51 1.64 1.25 14.24
N PRO D 52 2.36 0.11 14.17
CA PRO D 52 3.63 0.08 13.42
C PRO D 52 3.52 0.51 11.94
N SER D 53 2.43 0.13 11.23
CA SER D 53 2.15 0.48 9.83
C SER D 53 2.06 1.98 9.60
N ARG D 54 1.40 2.70 10.54
CA ARG D 54 1.24 4.17 10.52
C ARG D 54 2.55 4.87 10.68
N MET D 55 3.41 4.40 11.61
CA MET D 55 4.77 4.96 11.82
C MET D 55 5.54 4.78 10.51
N TYR D 56 5.49 3.54 9.98
CA TYR D 56 6.11 3.12 8.74
C TYR D 56 5.76 4.01 7.56
N GLU D 57 4.46 4.27 7.35
CA GLU D 57 3.94 5.14 6.29
C GLU D 57 4.43 6.59 6.46
N ALA D 58 4.51 7.09 7.71
CA ALA D 58 4.99 8.44 8.01
C ALA D 58 6.47 8.62 7.62
N VAL D 59 7.35 7.72 8.07
CA VAL D 59 8.79 7.77 7.77
C VAL D 59 9.08 7.52 6.29
N THR D 60 8.38 6.52 5.66
CA THR D 60 8.52 6.20 4.23
C THR D 60 7.96 7.23 3.25
N ALA D 61 7.35 8.33 3.76
CA ALA D 61 6.89 9.45 2.92
C ALA D 61 8.15 10.09 2.30
N PHE D 62 9.34 9.92 2.93
CA PHE D 62 10.62 10.32 2.34
C PHE D 62 11.58 9.14 2.22
N HIS D 63 11.80 8.39 3.31
CA HIS D 63 12.75 7.28 3.37
C HIS D 63 12.26 6.00 2.72
N SER D 64 13.16 5.20 2.12
CA SER D 64 12.79 3.92 1.51
C SER D 64 12.50 2.91 2.59
N THR D 65 11.58 1.97 2.31
CA THR D 65 11.20 0.88 3.20
C THR D 65 12.47 0.06 3.61
N GLU D 66 13.31 -0.35 2.65
CA GLU D 66 14.53 -1.12 2.88
C GLU D 66 15.53 -0.44 3.81
N TYR D 67 15.59 0.88 3.76
CA TYR D 67 16.43 1.67 4.64
C TYR D 67 15.90 1.69 6.09
N VAL D 68 14.60 1.94 6.25
CA VAL D 68 13.91 1.95 7.54
C VAL D 68 14.03 0.54 8.17
N ASP D 69 13.83 -0.53 7.38
CA ASP D 69 13.97 -1.95 7.79
C ASP D 69 15.38 -2.21 8.32
N ALA D 70 16.42 -1.77 7.58
CA ALA D 70 17.84 -1.95 7.91
C ALA D 70 18.21 -1.22 9.20
N LEU D 71 17.77 0.04 9.32
CA LEU D 71 17.98 0.87 10.52
C LEU D 71 17.28 0.24 11.76
N LYS D 72 16.07 -0.34 11.58
CA LYS D 72 15.36 -1.03 12.65
C LYS D 72 16.07 -2.37 12.98
N LYS D 73 16.62 -3.06 11.94
CA LYS D 73 17.38 -4.30 12.15
C LYS D 73 18.67 -3.97 12.92
N LEU D 74 19.32 -2.86 12.56
CA LEU D 74 20.57 -2.40 13.21
C LEU D 74 20.38 -2.23 14.73
N GLN D 75 19.24 -1.65 15.16
CA GLN D 75 18.88 -1.47 16.58
C GLN D 75 18.77 -2.83 17.28
N MET D 76 18.02 -3.77 16.69
CA MET D 76 17.81 -5.14 17.18
C MET D 76 19.14 -5.90 17.34
N LEU D 77 20.04 -5.79 16.33
CA LEU D 77 21.37 -6.46 16.35
C LEU D 77 22.26 -5.88 17.45
N HIS D 78 22.16 -4.55 17.68
CA HIS D 78 22.91 -3.85 18.72
C HIS D 78 22.34 -4.05 20.13
N CYS D 79 21.13 -4.60 20.23
CA CYS D 79 20.48 -4.94 21.51
C CYS D 79 20.83 -6.36 21.95
N GLU D 80 21.75 -7.04 21.21
CA GLU D 80 22.26 -8.40 21.47
C GLU D 80 23.79 -8.39 21.61
N GLU D 81 24.33 -9.31 22.43
CA GLU D 81 25.77 -9.45 22.67
C GLU D 81 26.56 -9.86 21.42
N LYS D 82 25.99 -10.81 20.62
CA LYS D 82 26.54 -11.38 19.39
C LYS D 82 26.89 -10.31 18.36
N GLU D 83 28.04 -10.47 17.70
CA GLU D 83 28.55 -9.56 16.67
C GLU D 83 27.75 -9.74 15.37
N LEU D 84 27.82 -8.73 14.47
CA LEU D 84 27.12 -8.79 13.17
C LEU D 84 27.72 -9.87 12.28
N THR D 85 26.88 -10.48 11.44
CA THR D 85 27.36 -11.47 10.47
C THR D 85 27.98 -10.63 9.32
N ALA D 86 28.83 -11.25 8.50
CA ALA D 86 29.43 -10.60 7.34
C ALA D 86 28.31 -10.08 6.41
N ASP D 87 27.18 -10.83 6.29
CA ASP D 87 26.02 -10.47 5.46
C ASP D 87 25.33 -9.21 5.98
N ASP D 88 25.16 -9.12 7.32
CA ASP D 88 24.56 -7.95 7.96
C ASP D 88 25.48 -6.72 7.88
N GLU D 89 26.83 -6.90 7.96
CA GLU D 89 27.79 -5.79 7.82
C GLU D 89 27.61 -5.18 6.41
N LEU D 90 27.59 -6.02 5.36
CA LEU D 90 27.37 -5.60 3.98
C LEU D 90 26.04 -4.88 3.83
N LEU D 91 24.97 -5.42 4.44
CA LEU D 91 23.62 -4.83 4.40
C LEU D 91 23.69 -3.43 5.00
N MET D 92 24.33 -3.27 6.17
CA MET D 92 24.50 -1.96 6.82
C MET D 92 25.33 -0.98 5.98
N ASP D 93 26.43 -1.47 5.41
CA ASP D 93 27.32 -0.71 4.50
C ASP D 93 26.56 -0.12 3.29
N SER D 94 25.60 -0.89 2.72
CA SER D 94 24.81 -0.45 1.56
C SER D 94 23.91 0.78 1.82
N PHE D 95 23.70 1.12 3.13
CA PHE D 95 22.90 2.27 3.61
C PHE D 95 23.74 3.30 4.35
N SER D 96 25.09 3.12 4.36
CA SER D 96 26.09 3.91 5.12
C SER D 96 25.76 3.88 6.62
N LEU D 97 25.24 2.75 7.11
CA LEU D 97 24.96 2.59 8.54
C LEU D 97 26.26 2.05 9.18
N ASN D 98 27.31 2.89 9.10
CA ASN D 98 28.69 2.60 9.55
C ASN D 98 29.43 3.93 9.81
N TYR D 99 30.72 3.88 10.19
CA TYR D 99 31.59 5.04 10.47
C TYR D 99 30.96 6.13 11.35
N ASP D 100 30.55 7.27 10.75
CA ASP D 100 29.94 8.41 11.45
C ASP D 100 28.53 8.13 11.91
N CYS D 101 27.89 7.08 11.34
CA CYS D 101 26.56 6.63 11.65
C CYS D 101 26.57 5.15 12.04
N PRO D 102 27.21 4.77 13.16
CA PRO D 102 27.19 3.35 13.51
C PRO D 102 25.89 2.99 14.21
N GLY D 103 25.70 1.72 14.51
CA GLY D 103 24.57 1.28 15.30
C GLY D 103 24.88 1.45 16.77
N PHE D 104 23.85 1.40 17.59
CA PHE D 104 23.94 1.47 19.05
C PHE D 104 22.62 0.92 19.58
N PRO D 105 22.47 0.51 20.86
CA PRO D 105 21.20 -0.11 21.30
C PRO D 105 19.90 0.60 20.98
N SER D 106 19.90 1.93 20.91
CA SER D 106 18.68 2.69 20.62
C SER D 106 18.74 3.49 19.31
N VAL D 107 19.53 3.03 18.31
CA VAL D 107 19.69 3.75 17.03
C VAL D 107 18.38 4.15 16.33
N PHE D 108 17.42 3.22 16.20
CA PHE D 108 16.15 3.52 15.53
C PHE D 108 15.25 4.41 16.42
N ASP D 109 15.21 4.15 17.75
CA ASP D 109 14.42 4.96 18.68
C ASP D 109 14.90 6.37 18.77
N TYR D 110 16.23 6.56 18.79
CA TYR D 110 16.88 7.86 18.80
C TYR D 110 16.55 8.66 17.52
N SER D 111 16.66 8.02 16.35
CA SER D 111 16.43 8.63 15.03
C SER D 111 14.94 9.02 14.83
N LEU D 112 14.05 8.09 15.22
CA LEU D 112 12.61 8.28 15.11
C LEU D 112 12.12 9.41 15.99
N ALA D 113 12.71 9.59 17.18
CA ALA D 113 12.30 10.61 18.16
C ALA D 113 12.30 12.02 17.56
N ALA D 114 13.36 12.36 16.81
CA ALA D 114 13.51 13.68 16.19
C ALA D 114 12.42 13.94 15.19
N VAL D 115 12.03 12.88 14.43
CA VAL D 115 10.94 12.86 13.43
C VAL D 115 9.62 13.09 14.18
N GLN D 116 9.40 12.37 15.30
CA GLN D 116 8.23 12.53 16.18
C GLN D 116 8.15 13.98 16.64
N GLY D 117 9.29 14.52 17.09
CA GLY D 117 9.39 15.91 17.53
C GLY D 117 9.10 16.93 16.44
N SER D 118 9.79 16.84 15.30
CA SER D 118 9.62 17.78 14.19
C SER D 118 8.26 17.66 13.46
N LEU D 119 7.65 16.45 13.41
CA LEU D 119 6.31 16.29 12.82
C LEU D 119 5.26 16.91 13.74
N ALA D 120 5.40 16.72 15.05
CA ALA D 120 4.47 17.31 16.02
C ALA D 120 4.58 18.84 16.04
N ALA D 121 5.81 19.36 15.86
CA ALA D 121 6.12 20.80 15.79
C ALA D 121 5.43 21.43 14.57
N ALA D 122 5.49 20.76 13.40
CA ALA D 122 4.83 21.22 12.18
C ALA D 122 3.30 21.20 12.36
N SER D 123 2.74 20.16 13.02
CA SER D 123 1.29 20.05 13.30
C SER D 123 0.76 21.16 14.21
N ALA D 124 1.55 21.59 15.22
CA ALA D 124 1.17 22.68 16.14
C ALA D 124 1.10 24.01 15.37
N LEU D 125 1.94 24.17 14.31
CA LEU D 125 1.93 25.37 13.45
C LEU D 125 0.73 25.32 12.52
N ILE D 126 0.46 24.16 11.90
CA ILE D 126 -0.64 23.94 10.96
C ILE D 126 -2.00 24.24 11.61
N CYS D 127 -2.28 23.68 12.79
CA CYS D 127 -3.55 23.91 13.51
C CYS D 127 -3.60 25.29 14.21
N ARG D 128 -2.52 26.10 14.04
CA ARG D 128 -2.34 27.43 14.64
C ARG D 128 -2.28 27.43 16.17
N HIS D 129 -1.93 26.29 16.80
CA HIS D 129 -1.76 26.26 18.25
C HIS D 129 -0.57 27.14 18.66
N CYS D 130 0.51 27.13 17.82
CA CYS D 130 1.73 27.92 18.03
C CYS D 130 2.11 28.75 16.80
N GLU D 131 2.71 29.93 17.03
CA GLU D 131 3.17 30.85 15.98
C GLU D 131 4.56 30.40 15.56
N VAL D 132 5.32 29.89 16.56
CA VAL D 132 6.68 29.37 16.42
C VAL D 132 6.82 28.11 17.26
N VAL D 133 7.49 27.10 16.71
CA VAL D 133 7.79 25.87 17.44
C VAL D 133 9.29 25.58 17.37
N ILE D 134 9.87 25.27 18.54
CA ILE D 134 11.27 24.94 18.69
C ILE D 134 11.46 23.45 18.97
N ASN D 135 12.32 22.79 18.18
CA ASN D 135 12.70 21.41 18.43
C ASN D 135 14.22 21.34 18.43
N TRP D 136 14.83 21.35 19.65
CA TRP D 136 16.29 21.28 19.80
C TRP D 136 16.79 19.83 19.67
N GLY D 137 15.84 18.89 19.56
CA GLY D 137 16.13 17.47 19.37
C GLY D 137 16.18 17.07 17.90
N GLY D 138 15.79 17.99 17.01
CA GLY D 138 15.76 17.81 15.56
C GLY D 138 16.82 18.63 14.82
N GLY D 139 16.71 18.64 13.50
CA GLY D 139 17.61 19.38 12.61
C GLY D 139 18.59 18.52 11.87
N TRP D 140 18.20 17.23 11.59
CA TRP D 140 19.08 16.23 10.99
C TRP D 140 19.14 16.25 9.46
N HIS D 141 19.65 17.39 8.98
CA HIS D 141 19.76 17.84 7.61
C HIS D 141 20.47 16.98 6.57
N HIS D 142 21.36 16.06 6.97
CA HIS D 142 22.11 15.27 5.97
C HIS D 142 21.50 13.94 5.56
N ALA D 143 20.60 13.33 6.39
CA ALA D 143 20.03 12.02 6.06
C ALA D 143 19.33 12.04 4.68
N LYS D 144 19.60 11.01 3.87
CA LYS D 144 19.02 10.85 2.52
C LYS D 144 18.01 9.72 2.56
N ARG D 145 17.16 9.63 1.51
CA ARG D 145 16.07 8.65 1.35
C ARG D 145 16.49 7.26 1.83
N SER D 146 17.66 6.76 1.39
CA SER D 146 18.22 5.44 1.70
C SER D 146 19.66 5.52 2.20
N GLU D 147 20.04 6.59 2.90
CA GLU D 147 21.42 6.71 3.33
C GLU D 147 21.57 7.56 4.57
N ALA D 148 22.22 6.99 5.63
CA ALA D 148 22.58 7.70 6.85
C ALA D 148 23.79 8.55 6.47
N SER D 149 23.88 9.81 6.95
CA SER D 149 24.99 10.69 6.53
C SER D 149 25.25 11.77 7.57
N GLY D 150 26.51 12.12 7.76
CA GLY D 150 26.96 13.14 8.69
C GLY D 150 26.22 13.18 10.00
N PHE D 151 26.19 12.02 10.70
CA PHE D 151 25.53 11.87 12.01
C PHE D 151 23.99 11.88 11.96
N CYS D 152 23.41 11.91 10.74
CA CYS D 152 21.98 11.95 10.50
C CYS D 152 21.47 10.61 9.94
N TYR D 153 20.47 9.99 10.59
CA TYR D 153 19.89 8.71 10.16
C TYR D 153 18.55 8.91 9.45
N LEU D 154 17.61 9.64 10.11
CA LEU D 154 16.31 9.97 9.57
C LEU D 154 16.15 11.50 9.42
N ASN D 155 15.73 11.96 8.22
CA ASN D 155 15.60 13.39 7.97
C ASN D 155 14.25 13.93 8.44
N ASP D 156 14.23 14.38 9.72
CA ASP D 156 13.06 14.96 10.40
C ASP D 156 12.64 16.26 9.71
N ILE D 157 13.63 17.03 9.15
CA ILE D 157 13.37 18.32 8.46
C ILE D 157 12.54 18.11 7.20
N VAL D 158 12.94 17.16 6.35
CA VAL D 158 12.25 16.81 5.10
C VAL D 158 10.79 16.41 5.38
N LEU D 159 10.59 15.55 6.39
CA LEU D 159 9.27 15.06 6.77
C LEU D 159 8.41 16.16 7.35
N ALA D 160 9.00 17.05 8.20
CA ALA D 160 8.33 18.23 8.76
C ALA D 160 7.93 19.15 7.61
N ILE D 161 8.83 19.43 6.66
CA ILE D 161 8.55 20.29 5.49
C ILE D 161 7.45 19.68 4.64
N HIS D 162 7.55 18.36 4.37
CA HIS D 162 6.57 17.62 3.57
C HIS D 162 5.16 17.74 4.18
N ARG D 163 5.04 17.68 5.54
CA ARG D 163 3.78 17.85 6.28
C ARG D 163 3.18 19.26 6.11
N LEU D 164 4.02 20.30 6.17
CA LEU D 164 3.63 21.71 6.03
C LEU D 164 3.16 22.04 4.61
N VAL D 165 3.99 21.67 3.60
CA VAL D 165 3.74 21.92 2.18
C VAL D 165 2.46 21.25 1.65
N SER D 166 2.04 20.13 2.27
CA SER D 166 0.87 19.32 1.93
C SER D 166 -0.34 19.56 2.86
N SER D 167 -0.35 20.69 3.62
CA SER D 167 -1.38 21.01 4.61
C SER D 167 -2.64 21.74 4.13
N THR D 168 -2.54 22.56 3.07
CA THR D 168 -3.68 23.30 2.51
C THR D 168 -3.88 23.01 1.03
N GLN D 177 -1.50 28.83 -2.90
CA GLN D 177 -0.44 27.82 -2.94
C GLN D 177 0.51 27.91 -1.75
N THR D 178 0.77 26.75 -1.10
CA THR D 178 1.63 26.65 0.09
C THR D 178 3.08 26.60 -0.33
N ARG D 179 3.88 27.52 0.23
CA ARG D 179 5.31 27.64 -0.01
C ARG D 179 6.07 27.66 1.31
N VAL D 180 7.18 26.93 1.36
CA VAL D 180 8.03 26.82 2.53
C VAL D 180 9.42 27.35 2.19
N LEU D 181 9.95 28.22 3.08
CA LEU D 181 11.30 28.71 2.96
C LEU D 181 12.13 27.96 3.97
N TYR D 182 13.14 27.21 3.49
CA TYR D 182 14.05 26.48 4.38
C TYR D 182 15.35 27.26 4.53
N VAL D 183 15.75 27.55 5.78
CA VAL D 183 16.97 28.30 6.08
C VAL D 183 17.86 27.42 6.95
N ASP D 184 19.09 27.15 6.48
CA ASP D 184 20.04 26.27 7.17
C ASP D 184 21.26 27.08 7.61
N LEU D 185 21.34 27.35 8.92
CA LEU D 185 22.39 28.15 9.57
C LEU D 185 23.61 27.32 10.04
N ASP D 186 23.48 26.00 10.02
CA ASP D 186 24.54 25.06 10.40
C ASP D 186 25.83 25.30 9.60
N LEU D 187 26.99 24.92 10.17
CA LEU D 187 28.31 25.04 9.54
C LEU D 187 28.41 24.26 8.22
N HIS D 188 27.71 23.13 8.15
CA HIS D 188 27.67 22.21 7.02
C HIS D 188 26.50 22.47 6.08
N HIS D 189 26.72 22.22 4.78
CA HIS D 189 25.69 22.35 3.75
C HIS D 189 24.49 21.42 4.06
N GLY D 190 23.27 21.96 4.00
CA GLY D 190 22.06 21.17 4.19
C GLY D 190 21.68 20.45 2.92
N ASP D 191 22.51 19.47 2.51
CA ASP D 191 22.39 18.67 1.27
C ASP D 191 21.16 17.78 1.20
N GLY D 192 20.83 17.10 2.32
CA GLY D 192 19.71 16.16 2.38
C GLY D 192 18.38 16.82 2.09
N VAL D 193 18.14 17.95 2.76
CA VAL D 193 16.93 18.78 2.60
C VAL D 193 16.93 19.38 1.18
N GLU D 194 18.09 19.95 0.76
CA GLU D 194 18.24 20.50 -0.59
C GLU D 194 17.89 19.46 -1.67
N GLU D 195 18.42 18.24 -1.53
CA GLU D 195 18.21 17.15 -2.49
C GLU D 195 16.77 16.67 -2.52
N ALA D 196 16.13 16.54 -1.35
CA ALA D 196 14.73 16.11 -1.24
C ALA D 196 13.77 17.00 -2.02
N PHE D 197 14.04 18.31 -2.06
CA PHE D 197 13.19 19.30 -2.71
C PHE D 197 13.82 19.95 -3.95
N TRP D 198 14.86 19.29 -4.50
CA TRP D 198 15.61 19.70 -5.69
C TRP D 198 14.75 19.99 -6.94
N TYR D 199 13.62 19.28 -7.09
CA TYR D 199 12.70 19.43 -8.22
C TYR D 199 11.40 20.16 -7.80
N SER D 200 11.34 20.65 -6.55
CA SER D 200 10.16 21.35 -5.99
C SER D 200 10.35 22.86 -5.91
N PRO D 201 9.54 23.63 -6.68
CA PRO D 201 9.62 25.09 -6.59
C PRO D 201 8.95 25.65 -5.32
N ARG D 202 8.00 24.89 -4.72
CA ARG D 202 7.22 25.25 -3.52
C ARG D 202 8.08 25.25 -2.25
N VAL D 203 9.17 24.50 -2.25
CA VAL D 203 10.07 24.48 -1.13
C VAL D 203 11.39 25.06 -1.59
N VAL D 204 11.67 26.28 -1.12
CA VAL D 204 12.92 26.97 -1.45
C VAL D 204 13.87 26.70 -0.30
N THR D 205 15.07 26.19 -0.63
CA THR D 205 16.09 25.90 0.36
C THR D 205 17.20 26.92 0.29
N PHE D 206 17.70 27.33 1.43
CA PHE D 206 18.79 28.28 1.56
C PHE D 206 19.74 27.83 2.66
N SER D 207 20.95 27.51 2.24
CA SER D 207 21.96 27.06 3.15
C SER D 207 23.15 27.98 3.08
N VAL D 208 23.60 28.45 4.25
CA VAL D 208 24.83 29.24 4.43
C VAL D 208 25.78 28.27 5.17
N HIS D 209 27.02 28.14 4.71
CA HIS D 209 27.89 27.12 5.29
C HIS D 209 29.32 27.34 4.94
N HIS D 210 30.19 26.54 5.56
CA HIS D 210 31.57 26.52 5.12
C HIS D 210 31.68 25.46 4.02
N ALA D 211 32.51 25.75 3.01
CA ALA D 211 32.90 24.83 1.96
C ALA D 211 34.37 25.11 1.62
N SER D 212 35.19 24.04 1.61
CA SER D 212 36.60 24.04 1.27
C SER D 212 36.95 22.62 0.82
N PRO D 213 38.05 22.39 0.06
CA PRO D 213 38.33 21.02 -0.41
C PRO D 213 38.53 20.00 0.72
N GLY D 214 37.84 18.87 0.57
CA GLY D 214 37.90 17.78 1.53
C GLY D 214 37.05 17.98 2.77
N PHE D 215 36.25 19.06 2.81
CA PHE D 215 35.38 19.39 3.94
C PHE D 215 33.97 18.89 3.62
N PHE D 216 33.35 18.24 4.59
CA PHE D 216 32.03 17.62 4.46
C PHE D 216 30.86 18.61 4.28
N PRO D 217 29.84 18.31 3.41
CA PRO D 217 29.71 17.17 2.48
C PRO D 217 30.38 17.33 1.12
N GLY D 218 30.77 18.56 0.78
CA GLY D 218 31.43 18.84 -0.50
C GLY D 218 30.52 19.56 -1.47
N THR D 219 29.23 19.66 -1.11
CA THR D 219 28.23 20.33 -1.94
C THR D 219 27.94 21.75 -1.41
N GLY D 220 27.02 22.44 -2.06
CA GLY D 220 26.60 23.80 -1.73
C GLY D 220 27.61 24.82 -2.16
N THR D 221 28.40 24.50 -3.21
CA THR D 221 29.45 25.33 -3.81
C THR D 221 29.58 25.00 -5.31
N TRP D 222 30.55 25.63 -6.00
CA TRP D 222 30.88 25.40 -7.42
C TRP D 222 31.24 23.92 -7.61
N ASN D 223 30.55 23.23 -8.52
CA ASN D 223 30.74 21.80 -8.75
C ASN D 223 30.88 21.50 -10.24
N PRO D 231 33.60 24.33 -13.59
CA PRO D 231 32.82 24.20 -12.35
C PRO D 231 31.56 25.07 -12.37
N ILE D 232 30.39 24.45 -12.20
CA ILE D 232 29.12 25.21 -12.21
C ILE D 232 28.44 25.25 -10.84
N PHE D 233 27.62 26.28 -10.59
CA PHE D 233 26.85 26.35 -9.36
C PHE D 233 25.43 25.88 -9.69
N LEU D 234 25.11 24.63 -9.31
CA LEU D 234 23.79 24.04 -9.54
C LEU D 234 22.75 24.65 -8.56
N ASN D 235 21.47 24.76 -8.97
CA ASN D 235 20.49 25.45 -8.12
C ASN D 235 19.03 24.89 -8.15
N GLY D 236 18.89 23.61 -8.42
CA GLY D 236 17.60 22.97 -8.60
C GLY D 236 17.51 22.46 -10.02
N ALA D 237 16.55 21.57 -10.32
CA ALA D 237 16.37 21.03 -11.66
C ALA D 237 14.89 20.87 -11.94
N GLY D 238 14.53 20.90 -13.22
CA GLY D 238 13.14 20.80 -13.66
C GLY D 238 12.34 22.03 -13.26
N ARG D 239 11.15 21.80 -12.66
CA ARG D 239 10.31 22.93 -12.22
C ARG D 239 10.88 23.56 -10.93
N GLY D 240 11.88 22.89 -10.35
CA GLY D 240 12.57 23.33 -9.16
C GLY D 240 13.83 24.10 -9.45
N ARG D 241 14.11 24.37 -10.73
CA ARG D 241 15.30 25.14 -11.13
C ARG D 241 15.25 26.54 -10.47
N PHE D 242 16.43 26.98 -9.92
CA PHE D 242 16.65 28.25 -9.22
C PHE D 242 16.05 28.27 -7.79
N SER D 243 15.56 27.11 -7.28
CA SER D 243 14.92 26.99 -5.96
C SER D 243 15.83 26.54 -4.84
N ALA D 244 17.08 26.12 -5.17
CA ALA D 244 18.08 25.76 -4.15
C ALA D 244 19.18 26.85 -4.13
N PHE D 245 19.22 27.60 -3.02
CA PHE D 245 20.12 28.72 -2.75
C PHE D 245 21.24 28.27 -1.83
N ASN D 246 22.45 28.76 -2.11
CA ASN D 246 23.65 28.38 -1.38
C ASN D 246 24.63 29.52 -1.20
N LEU D 247 25.14 29.68 0.03
CA LEU D 247 26.16 30.68 0.36
C LEU D 247 27.38 30.03 1.01
N PRO D 248 28.41 29.62 0.21
CA PRO D 248 29.62 29.02 0.81
C PRO D 248 30.54 30.12 1.31
N LEU D 249 31.10 29.92 2.51
CA LEU D 249 31.99 30.90 3.12
C LEU D 249 33.31 30.33 3.59
N GLU D 250 34.35 31.18 3.48
CA GLU D 250 35.72 30.92 3.90
C GLU D 250 35.74 30.92 5.43
N GLU D 251 36.64 30.11 6.01
CA GLU D 251 36.84 30.02 7.46
C GLU D 251 37.20 31.38 8.10
N GLY D 252 36.95 31.50 9.41
CA GLY D 252 37.26 32.66 10.23
C GLY D 252 36.26 33.80 10.20
N ILE D 253 35.06 33.59 9.64
CA ILE D 253 34.04 34.64 9.58
C ILE D 253 33.42 34.94 10.96
N ASN D 254 33.37 36.23 11.29
CA ASN D 254 32.82 36.74 12.55
C ASN D 254 31.31 36.99 12.48
N ASP D 255 30.71 37.42 13.62
CA ASP D 255 29.27 37.69 13.71
C ASP D 255 28.77 38.70 12.66
N LEU D 256 29.42 39.88 12.58
CA LEU D 256 29.06 41.01 11.72
C LEU D 256 29.10 40.71 10.22
N ASP D 257 30.22 40.13 9.74
CA ASP D 257 30.41 39.74 8.35
C ASP D 257 29.46 38.64 7.93
N TRP D 258 29.23 37.66 8.80
CA TRP D 258 28.33 36.55 8.51
C TRP D 258 26.89 37.08 8.44
N SER D 259 26.49 37.99 9.37
CA SER D 259 25.18 38.67 9.42
C SER D 259 24.93 39.51 8.14
N ASN D 260 25.93 40.29 7.72
CA ASN D 260 25.87 41.14 6.52
C ASN D 260 25.81 40.31 5.23
N ALA D 261 26.41 39.11 5.26
CA ALA D 261 26.44 38.19 4.13
C ALA D 261 25.08 37.53 3.94
N ILE D 262 24.45 37.12 5.04
CA ILE D 262 23.17 36.40 5.05
C ILE D 262 21.92 37.29 5.04
N GLY D 263 21.99 38.41 5.77
CA GLY D 263 20.90 39.38 5.96
C GLY D 263 20.13 39.80 4.72
N PRO D 264 20.78 40.46 3.73
CA PRO D 264 20.04 40.86 2.50
C PRO D 264 19.49 39.68 1.73
N ILE D 265 20.15 38.51 1.80
CA ILE D 265 19.68 37.27 1.16
C ILE D 265 18.39 36.85 1.86
N LEU D 266 18.38 36.83 3.19
CA LEU D 266 17.19 36.47 3.96
C LEU D 266 16.00 37.39 3.66
N ASP D 267 16.20 38.72 3.73
CA ASP D 267 15.14 39.69 3.42
C ASP D 267 14.60 39.51 1.99
N SER D 268 15.50 39.32 0.99
CA SER D 268 15.10 39.16 -0.40
C SER D 268 14.28 37.88 -0.61
N LEU D 269 14.71 36.76 0.02
CA LEU D 269 13.95 35.50 -0.04
C LEU D 269 12.50 35.66 0.47
N ASN D 270 12.29 36.34 1.64
CA ASN D 270 10.94 36.60 2.20
C ASN D 270 10.06 37.43 1.25
N ILE D 271 10.61 38.54 0.73
CA ILE D 271 9.91 39.46 -0.19
C ILE D 271 9.37 38.70 -1.43
N VAL D 272 10.25 37.96 -2.11
CA VAL D 272 9.96 37.25 -3.34
C VAL D 272 9.09 36.00 -3.15
N ILE D 273 9.52 35.07 -2.28
CA ILE D 273 8.81 33.81 -2.04
C ILE D 273 7.46 34.01 -1.33
N GLN D 274 7.42 34.92 -0.32
CA GLN D 274 6.25 35.18 0.53
C GLN D 274 5.85 33.82 1.14
N PRO D 275 6.77 33.18 1.91
CA PRO D 275 6.46 31.83 2.40
C PRO D 275 5.32 31.75 3.41
N SER D 276 4.64 30.59 3.41
CA SER D 276 3.54 30.29 4.33
C SER D 276 4.15 29.79 5.64
N TYR D 277 5.35 29.18 5.56
CA TYR D 277 6.10 28.66 6.71
C TYR D 277 7.59 28.86 6.51
N VAL D 278 8.32 29.10 7.61
CA VAL D 278 9.78 29.18 7.59
C VAL D 278 10.32 28.01 8.46
N VAL D 279 11.25 27.22 7.92
CA VAL D 279 11.87 26.12 8.67
C VAL D 279 13.35 26.48 8.76
N VAL D 280 13.83 26.72 9.99
CA VAL D 280 15.22 27.10 10.26
C VAL D 280 15.98 26.00 10.96
N GLN D 281 17.09 25.57 10.36
CA GLN D 281 17.98 24.63 11.03
C GLN D 281 19.06 25.54 11.66
N CYS D 282 19.20 25.47 12.98
CA CYS D 282 20.08 26.34 13.74
C CYS D 282 21.28 25.58 14.37
N GLY D 283 21.96 24.74 13.57
CA GLY D 283 23.13 24.00 14.03
C GLY D 283 24.16 24.93 14.65
N ALA D 284 24.64 24.61 15.85
CA ALA D 284 25.54 25.45 16.65
C ALA D 284 27.02 25.29 16.37
N ASP D 285 27.38 24.56 15.29
CA ASP D 285 28.78 24.34 14.91
C ASP D 285 29.51 25.52 14.29
N CYS D 286 28.81 26.68 14.10
CA CYS D 286 29.45 27.91 13.62
C CYS D 286 30.09 28.65 14.78
N LEU D 287 29.80 28.27 16.04
CA LEU D 287 30.41 28.95 17.20
C LEU D 287 31.93 28.91 17.15
N ALA D 288 32.59 29.93 17.68
CA ALA D 288 34.04 30.08 17.71
C ALA D 288 34.67 29.02 18.58
N THR D 289 33.97 28.59 19.64
CA THR D 289 34.41 27.61 20.64
C THR D 289 33.96 26.17 20.27
N ASP D 290 33.37 25.99 19.08
CA ASP D 290 33.01 24.64 18.64
C ASP D 290 34.34 23.96 18.28
N PRO D 291 34.55 22.66 18.62
CA PRO D 291 35.84 22.02 18.26
C PRO D 291 36.21 21.96 16.76
N HIS D 292 35.28 22.37 15.83
CA HIS D 292 35.58 22.43 14.38
C HIS D 292 36.53 23.61 14.15
N ARG D 293 36.26 24.74 14.86
CA ARG D 293 37.01 26.00 14.84
C ARG D 293 37.12 26.55 13.42
N ILE D 294 35.96 26.67 12.75
CA ILE D 294 35.92 27.18 11.38
C ILE D 294 35.40 28.61 11.37
N PHE D 295 34.19 28.83 11.89
CA PHE D 295 33.60 30.17 11.97
C PHE D 295 33.79 30.73 13.39
N ARG D 296 33.72 32.07 13.53
CA ARG D 296 33.90 32.80 14.79
C ARG D 296 32.60 33.44 15.30
N LEU D 297 31.47 32.75 15.08
CA LEU D 297 30.19 33.25 15.58
C LEU D 297 30.09 33.11 17.12
N THR D 298 29.22 33.89 17.75
CA THR D 298 29.04 33.88 19.20
C THR D 298 27.55 33.71 19.53
N ASN D 299 27.21 33.83 20.83
CA ASN D 299 25.84 33.83 21.36
C ASN D 299 25.62 35.22 22.03
N PHE D 300 26.51 36.22 21.71
CA PHE D 300 26.47 37.55 22.32
C PHE D 300 25.22 38.32 22.01
N TYR D 301 24.58 38.83 23.06
CA TYR D 301 23.37 39.61 22.98
C TYR D 301 23.60 40.96 23.68
N PRO D 302 24.12 41.99 22.97
CA PRO D 302 24.29 43.30 23.61
C PRO D 302 22.91 43.92 23.84
N ASN D 303 22.57 44.17 25.10
CA ASN D 303 21.26 44.70 25.48
C ASN D 303 21.35 46.18 25.87
N SER D 315 29.33 43.37 19.31
CA SER D 315 28.77 42.60 18.18
C SER D 315 27.66 41.61 18.59
N LEU D 316 26.54 41.66 17.85
CA LEU D 316 25.39 40.78 18.03
C LEU D 316 25.65 39.44 17.36
N SER D 317 25.32 38.35 18.07
CA SER D 317 25.42 37.00 17.55
C SER D 317 24.76 36.87 16.16
N GLY D 318 25.49 36.26 15.22
CA GLY D 318 25.03 36.02 13.86
C GLY D 318 23.74 35.21 13.87
N TYR D 319 23.67 34.23 14.78
CA TYR D 319 22.51 33.38 15.02
C TYR D 319 21.33 34.22 15.50
N LEU D 320 21.56 35.10 16.48
CA LEU D 320 20.52 35.97 17.04
C LEU D 320 20.04 37.02 16.04
N TYR D 321 20.98 37.55 15.23
CA TYR D 321 20.67 38.49 14.14
C TYR D 321 19.76 37.82 13.10
N ALA D 322 20.09 36.57 12.69
CA ALA D 322 19.36 35.81 11.67
C ALA D 322 17.98 35.43 12.15
N ILE D 323 17.86 34.96 13.41
CA ILE D 323 16.60 34.51 14.02
C ILE D 323 15.62 35.67 14.15
N LYS D 324 16.08 36.81 14.73
CA LYS D 324 15.31 38.04 14.93
C LYS D 324 14.71 38.55 13.63
N LYS D 325 15.52 38.55 12.56
CA LYS D 325 15.16 38.96 11.20
C LYS D 325 14.06 38.00 10.67
N ILE D 326 14.24 36.66 10.80
CA ILE D 326 13.28 35.64 10.33
C ILE D 326 11.93 35.82 11.06
N LEU D 327 11.99 36.04 12.39
CA LEU D 327 10.82 36.25 13.23
C LEU D 327 10.07 37.55 12.95
N SER D 328 10.78 38.62 12.55
CA SER D 328 10.19 39.94 12.21
C SER D 328 9.24 39.87 11.00
N TRP D 329 9.33 38.78 10.19
CA TRP D 329 8.49 38.58 9.00
C TRP D 329 7.09 38.16 9.39
N LYS D 330 6.90 37.67 10.65
CA LYS D 330 5.62 37.24 11.23
C LYS D 330 4.98 36.06 10.44
N VAL D 331 5.83 35.11 10.00
CA VAL D 331 5.42 33.93 9.25
C VAL D 331 5.53 32.71 10.21
N PRO D 332 4.55 31.76 10.30
CA PRO D 332 4.72 30.61 11.22
C PRO D 332 6.06 29.91 10.97
N THR D 333 6.89 29.83 12.04
CA THR D 333 8.27 29.34 11.96
C THR D 333 8.63 28.13 12.82
N LEU D 334 9.36 27.20 12.24
CA LEU D 334 9.84 26.01 12.92
C LEU D 334 11.36 26.16 13.13
N ILE D 335 11.80 26.19 14.40
CA ILE D 335 13.22 26.32 14.72
C ILE D 335 13.73 24.97 15.20
N LEU D 336 14.76 24.45 14.51
CA LEU D 336 15.40 23.17 14.79
C LEU D 336 16.88 23.30 15.15
N GLY D 337 17.40 22.28 15.83
CA GLY D 337 18.80 22.16 16.22
C GLY D 337 19.66 21.72 15.05
N GLY D 338 20.58 20.81 15.31
CA GLY D 338 21.51 20.30 14.31
C GLY D 338 22.83 20.02 14.99
N GLY D 339 23.91 20.40 14.33
CA GLY D 339 25.28 20.29 14.85
C GLY D 339 25.53 21.19 16.05
N GLY D 340 26.69 21.03 16.66
CA GLY D 340 27.11 21.76 17.85
C GLY D 340 27.79 20.77 18.76
N TYR D 341 29.14 20.78 18.75
CA TYR D 341 29.99 19.81 19.46
C TYR D 341 30.59 20.30 20.77
N ASN D 342 30.29 21.52 21.13
CA ASN D 342 30.65 22.05 22.43
C ASN D 342 29.29 22.08 23.12
N PHE D 343 28.93 21.03 23.88
CA PHE D 343 27.61 20.90 24.51
C PHE D 343 27.15 22.07 25.40
N PRO D 344 27.99 22.63 26.31
CA PRO D 344 27.53 23.80 27.10
C PRO D 344 27.34 25.06 26.27
N ASP D 345 28.22 25.29 25.28
CA ASP D 345 28.12 26.49 24.43
C ASP D 345 26.91 26.43 23.47
N THR D 346 26.54 25.22 23.02
CA THR D 346 25.36 24.96 22.20
C THR D 346 24.12 25.29 23.06
N ALA D 347 24.15 24.88 24.37
CA ALA D 347 23.08 25.15 25.32
C ALA D 347 22.98 26.65 25.57
N ARG D 348 24.12 27.35 25.69
CA ARG D 348 24.22 28.80 25.90
C ARG D 348 23.62 29.58 24.72
N LEU D 349 23.89 29.11 23.49
CA LEU D 349 23.35 29.71 22.27
C LEU D 349 21.85 29.43 22.17
N TRP D 350 21.46 28.14 22.21
CA TRP D 350 20.06 27.71 22.10
C TRP D 350 19.13 28.26 23.18
N THR D 351 19.67 28.55 24.39
CA THR D 351 18.94 29.20 25.48
C THR D 351 18.64 30.65 25.05
N ARG D 352 19.65 31.36 24.50
CA ARG D 352 19.46 32.73 24.03
C ARG D 352 18.52 32.81 22.81
N VAL D 353 18.53 31.79 21.93
CA VAL D 353 17.62 31.71 20.78
C VAL D 353 16.17 31.51 21.32
N THR D 354 16.03 30.72 22.37
CA THR D 354 14.73 30.45 22.99
C THR D 354 14.10 31.70 23.58
N ALA D 355 14.87 32.46 24.38
CA ALA D 355 14.48 33.70 25.03
C ALA D 355 14.15 34.78 23.98
N LEU D 356 15.01 34.93 22.93
CA LEU D 356 14.83 35.90 21.84
C LEU D 356 13.50 35.64 21.12
N THR D 357 13.16 34.35 20.83
CA THR D 357 11.90 33.93 20.21
C THR D 357 10.69 34.33 21.05
N ILE D 358 10.76 34.10 22.38
CA ILE D 358 9.71 34.50 23.33
C ILE D 358 9.48 36.01 23.26
N GLU D 359 10.57 36.83 23.29
CA GLU D 359 10.51 38.30 23.25
C GLU D 359 9.87 38.78 21.95
N GLU D 360 10.33 38.25 20.81
CA GLU D 360 9.87 38.64 19.49
C GLU D 360 8.42 38.30 19.19
N VAL D 361 7.99 37.08 19.53
CA VAL D 361 6.65 36.61 19.23
C VAL D 361 5.62 37.17 20.20
N LYS D 362 5.85 37.02 21.51
CA LYS D 362 4.95 37.46 22.57
C LYS D 362 5.05 38.96 22.90
N GLY D 363 6.19 39.58 22.61
CA GLY D 363 6.43 40.99 22.93
C GLY D 363 6.75 41.18 24.39
N LYS D 364 7.02 40.07 25.10
CA LYS D 364 7.33 39.98 26.52
C LYS D 364 8.85 40.04 26.72
N LYS D 365 9.35 41.10 27.36
CA LYS D 365 10.78 41.31 27.66
C LYS D 365 11.31 40.13 28.46
N MET D 366 12.44 39.54 28.02
CA MET D 366 13.07 38.38 28.66
C MET D 366 14.39 38.79 29.25
N THR D 367 14.48 38.76 30.61
CA THR D 367 15.71 39.14 31.31
C THR D 367 16.52 37.93 31.71
N ILE D 368 17.62 37.73 31.01
CA ILE D 368 18.52 36.64 31.29
C ILE D 368 19.73 37.16 32.10
N SER D 369 19.95 36.56 33.27
CA SER D 369 21.08 36.86 34.13
C SER D 369 22.38 36.46 33.38
N PRO D 370 23.47 37.24 33.50
CA PRO D 370 24.73 36.86 32.84
C PRO D 370 25.38 35.61 33.43
N GLU D 371 24.99 35.22 34.65
CA GLU D 371 25.53 34.03 35.32
C GLU D 371 24.61 32.83 35.10
N ILE D 372 25.21 31.65 34.95
CA ILE D 372 24.48 30.38 34.82
C ILE D 372 23.83 30.07 36.18
N PRO D 373 22.48 29.93 36.24
CA PRO D 373 21.83 29.63 37.53
C PRO D 373 22.16 28.20 37.98
N GLU D 374 22.05 27.93 39.30
CA GLU D 374 22.25 26.60 39.86
C GLU D 374 21.17 25.70 39.28
N HIS D 375 21.58 24.54 38.79
CA HIS D 375 20.72 23.50 38.25
C HIS D 375 21.56 22.24 38.12
N SER D 376 20.94 21.15 37.64
CA SER D 376 21.53 19.82 37.42
C SER D 376 22.95 19.88 36.82
N TYR D 377 23.06 20.59 35.67
CA TYR D 377 24.26 20.71 34.86
C TYR D 377 25.12 21.94 35.07
N PHE D 378 24.92 22.69 36.17
CA PHE D 378 25.70 23.88 36.50
C PHE D 378 27.24 23.70 36.39
N SER D 379 27.76 22.56 36.91
CA SER D 379 29.19 22.23 36.92
C SER D 379 29.82 22.15 35.52
N ARG D 380 29.00 21.91 34.48
CA ARG D 380 29.41 21.79 33.07
C ARG D 380 29.77 23.13 32.44
N TYR D 381 29.32 24.23 33.08
CA TYR D 381 29.51 25.60 32.61
C TYR D 381 30.75 26.29 33.16
N GLY D 382 31.54 25.55 33.93
CA GLY D 382 32.78 26.01 34.55
C GLY D 382 33.92 26.29 33.59
N PRO D 383 34.97 27.03 34.06
CA PRO D 383 35.15 27.57 35.42
C PRO D 383 34.53 28.94 35.69
N ASP D 384 34.05 29.63 34.63
CA ASP D 384 33.49 30.99 34.76
C ASP D 384 31.98 31.10 34.97
N PHE D 385 31.19 30.09 34.55
CA PHE D 385 29.73 30.00 34.73
C PHE D 385 28.96 31.25 34.25
N GLU D 386 29.36 31.76 33.08
CA GLU D 386 28.74 32.91 32.43
C GLU D 386 27.95 32.41 31.23
N LEU D 387 26.88 33.14 30.87
CA LEU D 387 26.06 32.82 29.71
C LEU D 387 26.77 33.13 28.40
N ASP D 388 27.63 34.16 28.40
CA ASP D 388 28.39 34.46 27.18
C ASP D 388 29.40 33.33 26.96
N ILE D 389 29.58 32.91 25.71
CA ILE D 389 30.60 31.90 25.39
C ILE D 389 32.01 32.48 25.68
N ASP D 390 32.99 31.63 26.07
CA ASP D 390 34.34 32.10 26.37
C ASP D 390 35.12 32.31 25.07
N TYR D 391 34.91 33.48 24.44
CA TYR D 391 35.57 33.83 23.19
C TYR D 391 35.83 35.30 23.09
N PHE D 392 37.07 35.65 22.74
CA PHE D 392 37.53 37.03 22.60
C PHE D 392 37.71 37.33 21.09
N PRO D 393 36.85 38.19 20.48
CA PRO D 393 36.98 38.46 19.04
C PRO D 393 38.01 39.54 18.72
N ASP D 402 33.45 41.04 -0.98
CA ASP D 402 34.10 41.04 -2.29
C ASP D 402 33.83 39.71 -2.98
N SER D 403 34.16 38.59 -2.29
CA SER D 403 33.79 37.24 -2.72
C SER D 403 32.28 37.12 -2.40
N ILE D 404 31.85 37.73 -1.25
CA ILE D 404 30.47 37.82 -0.76
C ILE D 404 29.64 38.66 -1.73
N GLN D 405 30.24 39.72 -2.32
CA GLN D 405 29.59 40.59 -3.29
C GLN D 405 29.22 39.83 -4.58
N LYS D 406 30.17 39.03 -5.13
CA LYS D 406 29.99 38.14 -6.29
C LYS D 406 28.89 37.09 -6.02
N HIS D 407 28.79 36.59 -4.77
CA HIS D 407 27.77 35.61 -4.36
C HIS D 407 26.41 36.29 -4.32
N HIS D 408 26.34 37.53 -3.80
CA HIS D 408 25.15 38.37 -3.71
C HIS D 408 24.54 38.66 -5.09
N ARG D 409 25.40 39.02 -6.08
CA ARG D 409 24.99 39.30 -7.46
C ARG D 409 24.46 38.02 -8.15
N ARG D 410 25.11 36.86 -7.90
CA ARG D 410 24.74 35.55 -8.43
C ARG D 410 23.38 35.11 -7.85
N ILE D 411 23.18 35.26 -6.53
CA ILE D 411 21.96 34.91 -5.80
C ILE D 411 20.76 35.79 -6.25
N LEU D 412 21.02 37.10 -6.45
CA LEU D 412 20.04 38.08 -6.91
C LEU D 412 19.50 37.68 -8.25
N GLU D 413 20.39 37.33 -9.19
CA GLU D 413 20.05 36.86 -10.54
C GLU D 413 19.21 35.57 -10.44
N GLN D 414 19.62 34.63 -9.54
CA GLN D 414 18.94 33.35 -9.27
C GLN D 414 17.53 33.60 -8.70
N LEU D 415 17.37 34.62 -7.83
CA LEU D 415 16.06 34.98 -7.25
C LEU D 415 15.12 35.56 -8.29
N ARG D 416 15.67 36.41 -9.19
CA ARG D 416 14.98 37.00 -10.34
C ARG D 416 14.55 35.88 -11.29
N ASN D 417 15.46 34.93 -11.63
CA ASN D 417 15.20 33.75 -12.48
C ASN D 417 14.13 32.85 -11.88
N TYR D 418 14.18 32.63 -10.56
CA TYR D 418 13.18 31.83 -9.82
C TYR D 418 11.77 32.51 -9.87
N ALA D 419 11.71 33.85 -9.63
CA ALA D 419 10.48 34.66 -9.69
C ALA D 419 9.89 34.64 -11.09
N ASP D 420 10.75 34.75 -12.14
CA ASP D 420 10.34 34.70 -13.55
C ASP D 420 9.70 33.36 -13.88
N LEU D 421 10.42 32.25 -13.59
CA LEU D 421 9.95 30.87 -13.82
C LEU D 421 8.62 30.55 -13.10
N ASN D 422 8.48 30.99 -11.84
CA ASN D 422 7.31 30.74 -11.00
C ASN D 422 6.24 31.83 -11.01
N LYS D 423 6.28 32.70 -12.03
CA LYS D 423 5.38 33.84 -12.26
C LYS D 423 5.00 34.55 -10.95
N LEU D 424 6.03 34.92 -10.17
CA LEU D 424 5.88 35.63 -8.89
C LEU D 424 6.01 37.14 -9.11
N ILE D 425 5.01 37.92 -8.65
CA ILE D 425 5.04 39.38 -8.75
C ILE D 425 6.02 39.92 -7.70
N TYR D 426 7.08 40.60 -8.15
CA TYR D 426 8.10 41.18 -7.27
C TYR D 426 8.71 42.50 -7.82
N ASP D 427 9.17 43.40 -6.92
CA ASP D 427 9.79 44.66 -7.32
C ASP D 427 11.31 44.51 -7.36
N TYR D 428 11.89 44.63 -8.58
CA TYR D 428 13.33 44.47 -8.83
C TYR D 428 14.24 45.43 -8.05
N ASP D 429 13.90 46.74 -8.04
CA ASP D 429 14.69 47.74 -7.33
C ASP D 429 14.64 47.65 -5.81
N GLN D 430 13.49 47.27 -5.22
CA GLN D 430 13.33 47.08 -3.77
C GLN D 430 14.25 45.95 -3.27
N VAL D 431 14.30 44.83 -4.03
CA VAL D 431 15.12 43.65 -3.74
C VAL D 431 16.61 43.95 -3.92
N TYR D 432 16.99 44.63 -5.02
CA TYR D 432 18.38 45.03 -5.31
C TYR D 432 18.94 45.98 -4.23
N GLN D 433 18.09 46.91 -3.71
CA GLN D 433 18.45 47.90 -2.68
C GLN D 433 18.81 47.32 -1.30
N LEU D 434 18.44 46.06 -1.03
CA LEU D 434 18.75 45.37 0.24
C LEU D 434 20.24 45.06 0.35
N TYR D 435 20.91 44.86 -0.80
CA TYR D 435 22.31 44.51 -0.92
C TYR D 435 23.21 45.74 -1.02
ZN ZN E . -2.79 -34.24 -10.52
K K F . -12.90 -23.82 3.87
K K G . -8.44 -34.03 -6.26
O01 9Z8 H . 0.61 -33.96 -11.16
C02 9Z8 H . 0.58 -33.22 -10.19
C03 9Z8 H . -0.32 -32.03 -10.23
S04 9Z8 H . -2.01 -32.21 -10.71
N05 9Z8 H . 1.41 -33.44 -9.05
C06 9Z8 H . 2.37 -34.51 -8.94
C07 9Z8 H . 3.49 -34.27 -7.99
C08 9Z8 H . 4.84 -33.78 -8.38
C09 9Z8 H . 5.95 -34.78 -8.24
C10 9Z8 H . 7.12 -34.49 -7.35
C11 9Z8 H . 8.37 -33.90 -7.92
O12 9Z8 H . 8.96 -33.04 -7.28
N13 9Z8 H . 8.84 -34.34 -9.22
C14 9Z8 H . 10.03 -33.88 -9.91
C15 9Z8 H . 11.28 -33.92 -9.27
C16 9Z8 H . 12.43 -33.50 -9.93
C17 9Z8 H . 12.35 -33.05 -11.24
C18 9Z8 H . 11.11 -33.01 -11.90
C19 9Z8 H . 9.96 -33.45 -11.24
C1 DMF I . 4.68 -26.44 -15.69
C2 DMF I . 6.03 -27.21 -13.76
C DMF I . 7.18 -26.78 -15.84
O DMF I . 7.24 -26.46 -16.99
N DMF I . 5.97 -26.81 -15.13
C1 DMF J . -22.41 -34.61 -24.68
C2 DMF J . -20.24 -35.64 -23.99
C DMF J . -21.04 -35.96 -26.27
O DMF J . -21.83 -35.81 -27.17
N DMF J . -21.23 -35.39 -24.99
ZN ZN K . -2.92 3.22 -25.49
K K L . 5.39 -4.35 -42.51
K K M . 3.06 2.44 -29.31
O01 9Z8 N . -5.97 1.89 -24.03
C02 9Z8 N . -5.83 1.14 -24.99
C03 9Z8 N . -5.83 1.68 -26.38
S04 9Z8 N . -4.69 2.91 -26.87
N05 9Z8 N . -5.74 -0.27 -24.85
C06 9Z8 N . -5.83 -0.96 -23.60
C07 9Z8 N . -6.90 -2.00 -23.59
C08 9Z8 N . -7.18 -2.74 -22.33
C09 9Z8 N . -7.85 -4.08 -22.44
C10 9Z8 N . -8.46 -4.66 -21.22
C11 9Z8 N . -9.66 -3.98 -20.63
O12 9Z8 N . -9.52 -2.93 -20.01
N13 9Z8 N . -10.95 -4.58 -20.86
C14 9Z8 N . -12.22 -4.09 -20.36
C15 9Z8 N . -13.14 -5.05 -19.91
C16 9Z8 N . -14.40 -4.66 -19.45
C17 9Z8 N . -14.74 -3.30 -19.44
C18 9Z8 N . -13.81 -2.34 -19.88
C19 9Z8 N . -12.56 -2.73 -20.33
C1 DMF O . -14.81 3.49 -27.59
C2 DMF O . -14.53 1.10 -26.97
C DMF O . -16.47 2.21 -26.17
O DMF O . -17.20 3.15 -26.00
N DMF O . -15.29 2.30 -26.92
C1 DMF P . -14.48 25.23 -34.33
C2 DMF P . -14.04 23.60 -32.48
C DMF P . -13.05 23.22 -34.69
O DMF P . -12.87 23.55 -35.85
N DMF P . -13.85 24.02 -33.84
C1 DMF Q . -16.22 25.31 -43.12
C2 DMF Q . -16.23 26.46 -40.90
C DMF Q . -14.10 25.84 -41.88
O DMF Q . -13.38 25.39 -42.73
N DMF Q . -15.50 25.87 -41.99
C1 GOL R . -9.22 1.90 -47.60
O1 GOL R . -7.96 2.28 -48.01
C2 GOL R . -10.40 1.99 -48.55
O2 GOL R . -10.40 1.04 -49.56
C3 GOL R . -10.79 3.37 -48.99
O3 GOL R . -11.52 3.48 -50.16
C1 GOL S . 7.73 -9.72 -31.48
O1 GOL S . 8.44 -10.81 -30.94
C2 GOL S . 6.28 -9.57 -31.11
O2 GOL S . 5.71 -10.44 -30.19
C3 GOL S . 5.38 -9.12 -32.23
O3 GOL S . 5.01 -7.80 -32.11
ZN ZN T . -5.62 1.55 24.91
K K U . -2.04 -3.08 29.13
K K V . 4.28 -1.36 42.53
O01 9Z8 W . -6.07 4.67 23.46
C02 9Z8 W . -5.43 5.04 24.44
C03 9Z8 W . -5.96 4.82 25.80
S04 9Z8 W . -6.32 3.18 26.31
N05 9Z8 W . -4.18 5.71 24.32
C06 9Z8 W . -3.57 6.04 23.06
C07 9Z8 W . -2.97 7.40 23.06
C08 9Z8 W . -3.11 8.28 21.89
C09 9Z8 W . -2.12 9.38 21.82
C10 9Z8 W . -2.02 10.11 20.52
C11 9Z8 W . -2.52 11.51 20.49
O12 9Z8 W . -1.96 12.35 21.17
N13 9Z8 W . -3.65 11.79 19.65
C14 9Z8 W . -4.25 13.08 19.38
C15 9Z8 W . -3.42 14.13 18.99
C16 9Z8 W . -3.96 15.38 18.66
C17 9Z8 W . -5.34 15.56 18.69
C18 9Z8 W . -6.19 14.50 19.06
C19 9Z8 W . -5.64 13.24 19.36
C1 DMF X . -12.28 11.54 26.33
C2 DMF X . -10.09 12.49 25.60
C DMF X . -12.08 13.56 24.82
O DMF X . -13.28 13.65 24.75
N DMF X . -11.51 12.54 25.59
C1 DMF Y . -28.78 0.28 30.92
C2 DMF Y . -31.26 0.40 31.21
C DMF Y . -29.84 -0.13 33.15
O DMF Y . -28.76 -0.32 33.69
N DMF Y . -29.94 0.17 31.77
C1 DMF Z . -32.27 1.65 41.14
C2 DMF Z . -33.24 1.02 38.93
C DMF Z . -31.65 -0.49 39.98
O DMF Z . -30.90 -0.82 40.86
N DMF Z . -32.36 0.73 40.03
C1 DMF AA . -14.22 -13.19 43.36
C2 DMF AA . -14.80 -13.44 45.77
C DMF AA . -15.90 -14.87 44.07
O DMF AA . -16.06 -15.25 42.93
N DMF AA . -14.98 -13.84 44.39
C1 GOL BA . -16.00 6.04 27.94
O1 GOL BA . -15.84 7.09 28.85
C2 GOL BA . -17.36 5.45 27.72
O2 GOL BA . -17.40 4.07 27.84
C3 GOL BA . -18.01 5.98 26.45
O3 GOL BA . -19.09 6.85 26.46
C1 GOL CA . 8.86 1.35 32.49
O1 GOL CA . 7.67 0.64 32.26
C2 GOL CA . 10.03 0.94 31.64
O2 GOL CA . 9.88 1.28 30.29
C3 GOL CA . 10.45 -0.51 31.83
O3 GOL CA . 11.69 -0.88 31.30
C1 GOL DA . -21.71 -15.82 27.79
O1 GOL DA . -20.99 -16.35 28.86
C2 GOL DA . -22.04 -16.65 26.55
O2 GOL DA . -21.78 -16.08 25.30
C3 GOL DA . -23.18 -17.65 26.66
O3 GOL DA . -24.02 -17.95 25.58
ZN ZN EA . 26.97 20.74 11.14
K K FA . 13.64 23.45 -4.04
K K GA . 24.15 25.37 6.57
O01 9Z8 HA . 28.65 17.50 11.87
C02 9Z8 HA . 27.94 17.26 10.89
C03 9Z8 HA . 26.46 17.38 11.00
S04 9Z8 HA . 25.67 18.93 11.38
N05 9Z8 HA . 28.50 16.82 9.65
C06 9Z8 HA . 29.91 16.66 9.45
C07 9Z8 HA . 30.51 15.34 9.82
C08 9Z8 HA . 30.80 14.32 8.77
C09 9Z8 HA . 32.18 13.75 8.82
C10 9Z8 HA . 32.48 12.55 7.99
C11 9Z8 HA . 32.68 11.21 8.66
O12 9Z8 HA . 32.24 10.23 8.08
N13 9Z8 HA . 33.36 11.15 9.92
C14 9Z8 HA . 33.65 9.94 10.65
C15 9Z8 HA . 33.19 9.82 11.97
C16 9Z8 HA . 33.46 8.65 12.71
C17 9Z8 HA . 34.22 7.62 12.15
C18 9Z8 HA . 34.69 7.73 10.84
C19 9Z8 HA . 34.42 8.90 10.09
C1 DMF IA . 24.14 10.49 16.48
C2 DMF IA . 25.63 9.73 14.64
C DMF IA . 25.82 8.62 16.77
O DMF IA . 25.53 8.48 17.93
N DMF IA . 25.20 9.63 15.99
C1 DMF JA . 5.92 36.08 15.18
C2 DMF JA . 3.53 35.86 14.49
C DMF JA . 5.18 34.25 13.64
O DMF JA . 6.32 33.82 13.59
N DMF JA . 4.88 35.38 14.43
C1 GOL KA . 25.75 23.17 -6.20
O1 GOL KA . 26.64 23.57 -7.22
C2 GOL KA . 25.77 21.73 -5.78
O2 GOL KA . 26.91 21.35 -5.09
C3 GOL KA . 24.54 21.35 -5.00
O3 GOL KA . 24.45 21.95 -3.75
C1 GOL LA . -4.20 1.61 11.03
O1 GOL LA . -3.28 0.56 10.86
C2 GOL LA . -4.14 2.41 12.31
O2 GOL LA . -4.44 1.70 13.47
C3 GOL LA . -4.73 3.81 12.30
O3 GOL LA . -6.01 4.01 11.80
#